data_2P0T
# 
_entry.id   2P0T 
# 
_audit_conform.dict_name       mmcif_pdbx.dic 
_audit_conform.dict_version    5.398 
_audit_conform.dict_location   http://mmcif.pdb.org/dictionaries/ascii/mmcif_pdbx.dic 
# 
loop_
_database_2.database_id 
_database_2.database_code 
_database_2.pdbx_database_accession 
_database_2.pdbx_DOI 
PDB   2P0T         pdb_00002p0t 10.2210/pdb2p0t/pdb 
RCSB  RCSB041824   ?            ?                   
WWPDB D_1000041824 ?            ?                   
# 
loop_
_pdbx_audit_revision_history.ordinal 
_pdbx_audit_revision_history.data_content_type 
_pdbx_audit_revision_history.major_revision 
_pdbx_audit_revision_history.minor_revision 
_pdbx_audit_revision_history.revision_date 
1 'Structure model' 1 0 2007-04-03 
2 'Structure model' 1 1 2008-05-01 
3 'Structure model' 1 2 2011-07-13 
4 'Structure model' 1 3 2024-10-30 
# 
_pdbx_audit_revision_details.ordinal             1 
_pdbx_audit_revision_details.revision_ordinal    1 
_pdbx_audit_revision_details.data_content_type   'Structure model' 
_pdbx_audit_revision_details.provider            repository 
_pdbx_audit_revision_details.type                'Initial release' 
_pdbx_audit_revision_details.description         ? 
_pdbx_audit_revision_details.details             ? 
# 
loop_
_pdbx_audit_revision_group.ordinal 
_pdbx_audit_revision_group.revision_ordinal 
_pdbx_audit_revision_group.data_content_type 
_pdbx_audit_revision_group.group 
1 2 'Structure model' 'Version format compliance' 
2 3 'Structure model' Advisory                    
3 3 'Structure model' 'Source and taxonomy'       
4 3 'Structure model' 'Version format compliance' 
5 4 'Structure model' 'Data collection'           
6 4 'Structure model' 'Database references'       
7 4 'Structure model' 'Derived calculations'      
8 4 'Structure model' 'Structure summary'         
# 
loop_
_pdbx_audit_revision_category.ordinal 
_pdbx_audit_revision_category.revision_ordinal 
_pdbx_audit_revision_category.data_content_type 
_pdbx_audit_revision_category.category 
1 4 'Structure model' chem_comp_atom            
2 4 'Structure model' chem_comp_bond            
3 4 'Structure model' database_2                
4 4 'Structure model' pdbx_entry_details        
5 4 'Structure model' pdbx_modification_feature 
6 4 'Structure model' struct_conn               
7 4 'Structure model' struct_ref_seq_dif        
8 4 'Structure model' struct_site               
# 
loop_
_pdbx_audit_revision_item.ordinal 
_pdbx_audit_revision_item.revision_ordinal 
_pdbx_audit_revision_item.data_content_type 
_pdbx_audit_revision_item.item 
1 4 'Structure model' '_database_2.pdbx_DOI'                
2 4 'Structure model' '_database_2.pdbx_database_accession' 
3 4 'Structure model' '_struct_conn.pdbx_leaving_atom_flag' 
4 4 'Structure model' '_struct_ref_seq_dif.details'         
5 4 'Structure model' '_struct_site.pdbx_auth_asym_id'      
6 4 'Structure model' '_struct_site.pdbx_auth_comp_id'      
7 4 'Structure model' '_struct_site.pdbx_auth_seq_id'       
# 
_pdbx_database_status.status_code                     REL 
_pdbx_database_status.entry_id                        2P0T 
_pdbx_database_status.recvd_initial_deposition_date   2007-03-01 
_pdbx_database_status.deposit_site                    RCSB 
_pdbx_database_status.process_site                    RCSB 
_pdbx_database_status.status_code_sf                  REL 
_pdbx_database_status.status_code_mr                  ? 
_pdbx_database_status.SG_entry                        Y 
_pdbx_database_status.pdb_format_compatible           Y 
_pdbx_database_status.status_code_cs                  ? 
_pdbx_database_status.status_code_nmr_data            ? 
_pdbx_database_status.methods_development_category    ? 
# 
_pdbx_database_related.db_name        TargetDB 
_pdbx_database_related.db_id          APC85033 
_pdbx_database_related.details        . 
_pdbx_database_related.content_type   unspecified 
# 
loop_
_audit_author.name 
_audit_author.pdbx_ordinal 
'Tan, K.'                                       1 
'Bigelow, L.'                                   2 
'Clancy, S.'                                    3 
'Joachimiak, A.'                                4 
'Midwest Center for Structural Genomics (MCSG)' 5 
# 
_citation.id                        primary 
_citation.title                     
'The crystal structure of a conserved putative protein from Pseudomonas syringae pv. tomato str. DC3000' 
_citation.journal_abbrev            'To be Published' 
_citation.journal_volume            ? 
_citation.page_first                ? 
_citation.page_last                 ? 
_citation.year                      ? 
_citation.journal_id_ASTM           ? 
_citation.country                   ? 
_citation.journal_id_ISSN           ? 
_citation.journal_id_CSD            0353 
_citation.book_publisher            ? 
_citation.pdbx_database_id_PubMed   ? 
_citation.pdbx_database_id_DOI      ? 
# 
loop_
_citation_author.citation_id 
_citation_author.name 
_citation_author.ordinal 
_citation_author.identifier_ORCID 
primary 'Tan, K.'        1 ? 
primary 'Bigelow, L.'    2 ? 
primary 'Clancy, S.'     3 ? 
primary 'Joachimiak, A.' 4 ? 
# 
loop_
_entity.id 
_entity.type 
_entity.src_method 
_entity.pdbx_description 
_entity.formula_weight 
_entity.pdbx_number_of_molecules 
_entity.pdbx_ec 
_entity.pdbx_mutation 
_entity.pdbx_fragment 
_entity.details 
1 polymer     man 'UPF0307 protein PSPTO_4464' 20540.098 1  ? ? ? ? 
2 non-polymer syn 'FORMIC ACID'                46.025    3  ? ? ? ? 
3 non-polymer syn 'DI(HYDROXYETHYL)ETHER'      106.120   1  ? ? ? ? 
4 water       nat water                        18.015    18 ? ? ? ? 
# 
_entity_poly.entity_id                      1 
_entity_poly.type                           'polypeptide(L)' 
_entity_poly.nstd_linkage                   no 
_entity_poly.nstd_monomer                   yes 
_entity_poly.pdbx_seq_one_letter_code       
;SNA(MSE)VDSYDDSLDGEKSKTQVKRELHALVDLGERLTTLKADVLAKLPLTDALRKALAEAPKHTANIARKRHILFIG
KL(MSE)RDQDQEAILVLLDQLDASTRQYNERFHNLERWRDRLIAGDDADLEKFVIEYPDADRQQLRSLIRQAQHEVARN
KPPATSRKIFKYIRELDELQRGLR
;
_entity_poly.pdbx_seq_one_letter_code_can   
;SNAMVDSYDDSLDGEKSKTQVKRELHALVDLGERLTTLKADVLAKLPLTDALRKALAEAPKHTANIARKRHILFIGKLMR
DQDQEAILVLLDQLDASTRQYNERFHNLERWRDRLIAGDDADLEKFVIEYPDADRQQLRSLIRQAQHEVARNKPPATSRK
IFKYIRELDELQRGLR
;
_entity_poly.pdbx_strand_id                 A 
_entity_poly.pdbx_target_identifier         APC85033 
# 
loop_
_pdbx_entity_nonpoly.entity_id 
_pdbx_entity_nonpoly.name 
_pdbx_entity_nonpoly.comp_id 
2 'FORMIC ACID'           FMT 
3 'DI(HYDROXYETHYL)ETHER' PEG 
4 water                   HOH 
# 
loop_
_entity_poly_seq.entity_id 
_entity_poly_seq.num 
_entity_poly_seq.mon_id 
_entity_poly_seq.hetero 
1 1   SER n 
1 2   ASN n 
1 3   ALA n 
1 4   MSE n 
1 5   VAL n 
1 6   ASP n 
1 7   SER n 
1 8   TYR n 
1 9   ASP n 
1 10  ASP n 
1 11  SER n 
1 12  LEU n 
1 13  ASP n 
1 14  GLY n 
1 15  GLU n 
1 16  LYS n 
1 17  SER n 
1 18  LYS n 
1 19  THR n 
1 20  GLN n 
1 21  VAL n 
1 22  LYS n 
1 23  ARG n 
1 24  GLU n 
1 25  LEU n 
1 26  HIS n 
1 27  ALA n 
1 28  LEU n 
1 29  VAL n 
1 30  ASP n 
1 31  LEU n 
1 32  GLY n 
1 33  GLU n 
1 34  ARG n 
1 35  LEU n 
1 36  THR n 
1 37  THR n 
1 38  LEU n 
1 39  LYS n 
1 40  ALA n 
1 41  ASP n 
1 42  VAL n 
1 43  LEU n 
1 44  ALA n 
1 45  LYS n 
1 46  LEU n 
1 47  PRO n 
1 48  LEU n 
1 49  THR n 
1 50  ASP n 
1 51  ALA n 
1 52  LEU n 
1 53  ARG n 
1 54  LYS n 
1 55  ALA n 
1 56  LEU n 
1 57  ALA n 
1 58  GLU n 
1 59  ALA n 
1 60  PRO n 
1 61  LYS n 
1 62  HIS n 
1 63  THR n 
1 64  ALA n 
1 65  ASN n 
1 66  ILE n 
1 67  ALA n 
1 68  ARG n 
1 69  LYS n 
1 70  ARG n 
1 71  HIS n 
1 72  ILE n 
1 73  LEU n 
1 74  PHE n 
1 75  ILE n 
1 76  GLY n 
1 77  LYS n 
1 78  LEU n 
1 79  MSE n 
1 80  ARG n 
1 81  ASP n 
1 82  GLN n 
1 83  ASP n 
1 84  GLN n 
1 85  GLU n 
1 86  ALA n 
1 87  ILE n 
1 88  LEU n 
1 89  VAL n 
1 90  LEU n 
1 91  LEU n 
1 92  ASP n 
1 93  GLN n 
1 94  LEU n 
1 95  ASP n 
1 96  ALA n 
1 97  SER n 
1 98  THR n 
1 99  ARG n 
1 100 GLN n 
1 101 TYR n 
1 102 ASN n 
1 103 GLU n 
1 104 ARG n 
1 105 PHE n 
1 106 HIS n 
1 107 ASN n 
1 108 LEU n 
1 109 GLU n 
1 110 ARG n 
1 111 TRP n 
1 112 ARG n 
1 113 ASP n 
1 114 ARG n 
1 115 LEU n 
1 116 ILE n 
1 117 ALA n 
1 118 GLY n 
1 119 ASP n 
1 120 ASP n 
1 121 ALA n 
1 122 ASP n 
1 123 LEU n 
1 124 GLU n 
1 125 LYS n 
1 126 PHE n 
1 127 VAL n 
1 128 ILE n 
1 129 GLU n 
1 130 TYR n 
1 131 PRO n 
1 132 ASP n 
1 133 ALA n 
1 134 ASP n 
1 135 ARG n 
1 136 GLN n 
1 137 GLN n 
1 138 LEU n 
1 139 ARG n 
1 140 SER n 
1 141 LEU n 
1 142 ILE n 
1 143 ARG n 
1 144 GLN n 
1 145 ALA n 
1 146 GLN n 
1 147 HIS n 
1 148 GLU n 
1 149 VAL n 
1 150 ALA n 
1 151 ARG n 
1 152 ASN n 
1 153 LYS n 
1 154 PRO n 
1 155 PRO n 
1 156 ALA n 
1 157 THR n 
1 158 SER n 
1 159 ARG n 
1 160 LYS n 
1 161 ILE n 
1 162 PHE n 
1 163 LYS n 
1 164 TYR n 
1 165 ILE n 
1 166 ARG n 
1 167 GLU n 
1 168 LEU n 
1 169 ASP n 
1 170 GLU n 
1 171 LEU n 
1 172 GLN n 
1 173 ARG n 
1 174 GLY n 
1 175 LEU n 
1 176 ARG n 
# 
_entity_src_gen.entity_id                          1 
_entity_src_gen.pdbx_src_id                        1 
_entity_src_gen.pdbx_alt_source_flag               sample 
_entity_src_gen.pdbx_seq_type                      ? 
_entity_src_gen.pdbx_beg_seq_num                   ? 
_entity_src_gen.pdbx_end_seq_num                   ? 
_entity_src_gen.gene_src_common_name               ? 
_entity_src_gen.gene_src_genus                     Pseudomonas 
_entity_src_gen.pdbx_gene_src_gene                 PSPTO_4464 
_entity_src_gen.gene_src_species                   'Pseudomonas syringae group genomosp. 3' 
_entity_src_gen.gene_src_strain                    DC3000 
_entity_src_gen.gene_src_tissue                    ? 
_entity_src_gen.gene_src_tissue_fraction           ? 
_entity_src_gen.gene_src_details                   ? 
_entity_src_gen.pdbx_gene_src_fragment             ? 
_entity_src_gen.pdbx_gene_src_scientific_name      'Pseudomonas syringae pv. tomato' 
_entity_src_gen.pdbx_gene_src_ncbi_taxonomy_id     223283 
_entity_src_gen.pdbx_gene_src_variant              ? 
_entity_src_gen.pdbx_gene_src_cell_line            ? 
_entity_src_gen.pdbx_gene_src_atcc                 ? 
_entity_src_gen.pdbx_gene_src_organ                ? 
_entity_src_gen.pdbx_gene_src_organelle            ? 
_entity_src_gen.pdbx_gene_src_cell                 ? 
_entity_src_gen.pdbx_gene_src_cellular_location    ? 
_entity_src_gen.host_org_common_name               ? 
_entity_src_gen.pdbx_host_org_scientific_name      'Escherichia coli BL21' 
_entity_src_gen.pdbx_host_org_ncbi_taxonomy_id     511693 
_entity_src_gen.host_org_genus                     Escherichia 
_entity_src_gen.pdbx_host_org_gene                 ? 
_entity_src_gen.pdbx_host_org_organ                ? 
_entity_src_gen.host_org_species                   'Escherichia coli' 
_entity_src_gen.pdbx_host_org_tissue               ? 
_entity_src_gen.pdbx_host_org_tissue_fraction      ? 
_entity_src_gen.pdbx_host_org_strain               BL21 
_entity_src_gen.pdbx_host_org_variant              ? 
_entity_src_gen.pdbx_host_org_cell_line            ? 
_entity_src_gen.pdbx_host_org_atcc                 ? 
_entity_src_gen.pdbx_host_org_culture_collection   ? 
_entity_src_gen.pdbx_host_org_cell                 ? 
_entity_src_gen.pdbx_host_org_organelle            ? 
_entity_src_gen.pdbx_host_org_cellular_location    ? 
_entity_src_gen.pdbx_host_org_vector_type          plasmid 
_entity_src_gen.pdbx_host_org_vector               ? 
_entity_src_gen.host_org_details                   ? 
_entity_src_gen.expression_system_id               ? 
_entity_src_gen.plasmid_name                       pMCSG19 
_entity_src_gen.plasmid_details                    ? 
_entity_src_gen.pdbx_description                   ? 
# 
loop_
_chem_comp.id 
_chem_comp.type 
_chem_comp.mon_nstd_flag 
_chem_comp.name 
_chem_comp.pdbx_synonyms 
_chem_comp.formula 
_chem_comp.formula_weight 
ALA 'L-peptide linking' y ALANINE                 ? 'C3 H7 N O2'     89.093  
ARG 'L-peptide linking' y ARGININE                ? 'C6 H15 N4 O2 1' 175.209 
ASN 'L-peptide linking' y ASPARAGINE              ? 'C4 H8 N2 O3'    132.118 
ASP 'L-peptide linking' y 'ASPARTIC ACID'         ? 'C4 H7 N O4'     133.103 
FMT non-polymer         . 'FORMIC ACID'           ? 'C H2 O2'        46.025  
GLN 'L-peptide linking' y GLUTAMINE               ? 'C5 H10 N2 O3'   146.144 
GLU 'L-peptide linking' y 'GLUTAMIC ACID'         ? 'C5 H9 N O4'     147.129 
GLY 'peptide linking'   y GLYCINE                 ? 'C2 H5 N O2'     75.067  
HIS 'L-peptide linking' y HISTIDINE               ? 'C6 H10 N3 O2 1' 156.162 
HOH non-polymer         . WATER                   ? 'H2 O'           18.015  
ILE 'L-peptide linking' y ISOLEUCINE              ? 'C6 H13 N O2'    131.173 
LEU 'L-peptide linking' y LEUCINE                 ? 'C6 H13 N O2'    131.173 
LYS 'L-peptide linking' y LYSINE                  ? 'C6 H15 N2 O2 1' 147.195 
MET 'L-peptide linking' y METHIONINE              ? 'C5 H11 N O2 S'  149.211 
MSE 'L-peptide linking' n SELENOMETHIONINE        ? 'C5 H11 N O2 Se' 196.106 
PEG non-polymer         . 'DI(HYDROXYETHYL)ETHER' ? 'C4 H10 O3'      106.120 
PHE 'L-peptide linking' y PHENYLALANINE           ? 'C9 H11 N O2'    165.189 
PRO 'L-peptide linking' y PROLINE                 ? 'C5 H9 N O2'     115.130 
SER 'L-peptide linking' y SERINE                  ? 'C3 H7 N O3'     105.093 
THR 'L-peptide linking' y THREONINE               ? 'C4 H9 N O3'     119.119 
TRP 'L-peptide linking' y TRYPTOPHAN              ? 'C11 H12 N2 O2'  204.225 
TYR 'L-peptide linking' y TYROSINE                ? 'C9 H11 N O3'    181.189 
VAL 'L-peptide linking' y VALINE                  ? 'C5 H11 N O2'    117.146 
# 
loop_
_pdbx_poly_seq_scheme.asym_id 
_pdbx_poly_seq_scheme.entity_id 
_pdbx_poly_seq_scheme.seq_id 
_pdbx_poly_seq_scheme.mon_id 
_pdbx_poly_seq_scheme.ndb_seq_num 
_pdbx_poly_seq_scheme.pdb_seq_num 
_pdbx_poly_seq_scheme.auth_seq_num 
_pdbx_poly_seq_scheme.pdb_mon_id 
_pdbx_poly_seq_scheme.auth_mon_id 
_pdbx_poly_seq_scheme.pdb_strand_id 
_pdbx_poly_seq_scheme.pdb_ins_code 
_pdbx_poly_seq_scheme.hetero 
A 1 1   SER 1   -2  ?   ?   ?   A . n 
A 1 2   ASN 2   -1  ?   ?   ?   A . n 
A 1 3   ALA 3   0   ?   ?   ?   A . n 
A 1 4   MSE 4   1   ?   ?   ?   A . n 
A 1 5   VAL 5   2   ?   ?   ?   A . n 
A 1 6   ASP 6   3   ?   ?   ?   A . n 
A 1 7   SER 7   4   ?   ?   ?   A . n 
A 1 8   TYR 8   5   ?   ?   ?   A . n 
A 1 9   ASP 9   6   ?   ?   ?   A . n 
A 1 10  ASP 10  7   ?   ?   ?   A . n 
A 1 11  SER 11  8   ?   ?   ?   A . n 
A 1 12  LEU 12  9   ?   ?   ?   A . n 
A 1 13  ASP 13  10  ?   ?   ?   A . n 
A 1 14  GLY 14  11  ?   ?   ?   A . n 
A 1 15  GLU 15  12  ?   ?   ?   A . n 
A 1 16  LYS 16  13  ?   ?   ?   A . n 
A 1 17  SER 17  14  ?   ?   ?   A . n 
A 1 18  LYS 18  15  ?   ?   ?   A . n 
A 1 19  THR 19  16  ?   ?   ?   A . n 
A 1 20  GLN 20  17  ?   ?   ?   A . n 
A 1 21  VAL 21  18  ?   ?   ?   A . n 
A 1 22  LYS 22  19  ?   ?   ?   A . n 
A 1 23  ARG 23  20  ?   ?   ?   A . n 
A 1 24  GLU 24  21  ?   ?   ?   A . n 
A 1 25  LEU 25  22  22  LEU LEU A . n 
A 1 26  HIS 26  23  23  HIS HIS A . n 
A 1 27  ALA 27  24  24  ALA ALA A . n 
A 1 28  LEU 28  25  25  LEU LEU A . n 
A 1 29  VAL 29  26  26  VAL VAL A . n 
A 1 30  ASP 30  27  27  ASP ASP A . n 
A 1 31  LEU 31  28  28  LEU LEU A . n 
A 1 32  GLY 32  29  29  GLY GLY A . n 
A 1 33  GLU 33  30  30  GLU GLU A . n 
A 1 34  ARG 34  31  31  ARG ARG A . n 
A 1 35  LEU 35  32  32  LEU LEU A . n 
A 1 36  THR 36  33  33  THR THR A . n 
A 1 37  THR 37  34  34  THR THR A . n 
A 1 38  LEU 38  35  35  LEU LEU A . n 
A 1 39  LYS 39  36  36  LYS LYS A . n 
A 1 40  ALA 40  37  37  ALA ALA A . n 
A 1 41  ASP 41  38  38  ASP ASP A . n 
A 1 42  VAL 42  39  39  VAL VAL A . n 
A 1 43  LEU 43  40  40  LEU LEU A . n 
A 1 44  ALA 44  41  41  ALA ALA A . n 
A 1 45  LYS 45  42  42  LYS LYS A . n 
A 1 46  LEU 46  43  43  LEU LEU A . n 
A 1 47  PRO 47  44  44  PRO PRO A . n 
A 1 48  LEU 48  45  45  LEU LEU A . n 
A 1 49  THR 49  46  46  THR THR A . n 
A 1 50  ASP 50  47  47  ASP ASP A . n 
A 1 51  ALA 51  48  48  ALA ALA A . n 
A 1 52  LEU 52  49  49  LEU LEU A . n 
A 1 53  ARG 53  50  50  ARG ARG A . n 
A 1 54  LYS 54  51  51  LYS LYS A . n 
A 1 55  ALA 55  52  52  ALA ALA A . n 
A 1 56  LEU 56  53  53  LEU LEU A . n 
A 1 57  ALA 57  54  54  ALA ALA A . n 
A 1 58  GLU 58  55  55  GLU GLU A . n 
A 1 59  ALA 59  56  56  ALA ALA A . n 
A 1 60  PRO 60  57  57  PRO PRO A . n 
A 1 61  LYS 61  58  58  LYS LYS A . n 
A 1 62  HIS 62  59  59  HIS HIS A . n 
A 1 63  THR 63  60  60  THR THR A . n 
A 1 64  ALA 64  61  61  ALA ALA A . n 
A 1 65  ASN 65  62  62  ASN ASN A . n 
A 1 66  ILE 66  63  63  ILE ILE A . n 
A 1 67  ALA 67  64  64  ALA ALA A . n 
A 1 68  ARG 68  65  65  ARG ARG A . n 
A 1 69  LYS 69  66  66  LYS LYS A . n 
A 1 70  ARG 70  67  67  ARG ARG A . n 
A 1 71  HIS 71  68  68  HIS HIS A . n 
A 1 72  ILE 72  69  69  ILE ILE A . n 
A 1 73  LEU 73  70  70  LEU LEU A . n 
A 1 74  PHE 74  71  71  PHE PHE A . n 
A 1 75  ILE 75  72  72  ILE ILE A . n 
A 1 76  GLY 76  73  73  GLY GLY A . n 
A 1 77  LYS 77  74  74  LYS LYS A . n 
A 1 78  LEU 78  75  75  LEU LEU A . n 
A 1 79  MSE 79  76  76  MSE MSE A . n 
A 1 80  ARG 80  77  77  ARG ARG A . n 
A 1 81  ASP 81  78  78  ASP ASP A . n 
A 1 82  GLN 82  79  79  GLN GLN A . n 
A 1 83  ASP 83  80  80  ASP ASP A . n 
A 1 84  GLN 84  81  81  GLN GLN A . n 
A 1 85  GLU 85  82  82  GLU GLU A . n 
A 1 86  ALA 86  83  83  ALA ALA A . n 
A 1 87  ILE 87  84  84  ILE ILE A . n 
A 1 88  LEU 88  85  85  LEU LEU A . n 
A 1 89  VAL 89  86  86  VAL VAL A . n 
A 1 90  LEU 90  87  87  LEU LEU A . n 
A 1 91  LEU 91  88  88  LEU LEU A . n 
A 1 92  ASP 92  89  89  ASP ASP A . n 
A 1 93  GLN 93  90  90  GLN GLN A . n 
A 1 94  LEU 94  91  91  LEU LEU A . n 
A 1 95  ASP 95  92  92  ASP ASP A . n 
A 1 96  ALA 96  93  93  ALA ALA A . n 
A 1 97  SER 97  94  94  SER SER A . n 
A 1 98  THR 98  95  95  THR THR A . n 
A 1 99  ARG 99  96  96  ARG ARG A . n 
A 1 100 GLN 100 97  97  GLN GLN A . n 
A 1 101 TYR 101 98  98  TYR TYR A . n 
A 1 102 ASN 102 99  99  ASN ASN A . n 
A 1 103 GLU 103 100 100 GLU GLU A . n 
A 1 104 ARG 104 101 101 ARG ARG A . n 
A 1 105 PHE 105 102 102 PHE PHE A . n 
A 1 106 HIS 106 103 103 HIS HIS A . n 
A 1 107 ASN 107 104 104 ASN ASN A . n 
A 1 108 LEU 108 105 105 LEU LEU A . n 
A 1 109 GLU 109 106 106 GLU GLU A . n 
A 1 110 ARG 110 107 107 ARG ARG A . n 
A 1 111 TRP 111 108 108 TRP TRP A . n 
A 1 112 ARG 112 109 109 ARG ARG A . n 
A 1 113 ASP 113 110 110 ASP ASP A . n 
A 1 114 ARG 114 111 111 ARG ARG A . n 
A 1 115 LEU 115 112 112 LEU LEU A . n 
A 1 116 ILE 116 113 113 ILE ILE A . n 
A 1 117 ALA 117 114 114 ALA ALA A . n 
A 1 118 GLY 118 115 115 GLY GLY A . n 
A 1 119 ASP 119 116 116 ASP ASP A . n 
A 1 120 ASP 120 117 117 ASP ASP A . n 
A 1 121 ALA 121 118 118 ALA ALA A . n 
A 1 122 ASP 122 119 119 ASP ASP A . n 
A 1 123 LEU 123 120 120 LEU LEU A . n 
A 1 124 GLU 124 121 121 GLU GLU A . n 
A 1 125 LYS 125 122 122 LYS LYS A . n 
A 1 126 PHE 126 123 123 PHE PHE A . n 
A 1 127 VAL 127 124 124 VAL VAL A . n 
A 1 128 ILE 128 125 125 ILE ILE A . n 
A 1 129 GLU 129 126 126 GLU GLU A . n 
A 1 130 TYR 130 127 127 TYR TYR A . n 
A 1 131 PRO 131 128 128 PRO PRO A . n 
A 1 132 ASP 132 129 129 ASP ASP A . n 
A 1 133 ALA 133 130 130 ALA ALA A . n 
A 1 134 ASP 134 131 131 ASP ASP A . n 
A 1 135 ARG 135 132 132 ARG ARG A . n 
A 1 136 GLN 136 133 133 GLN GLN A . n 
A 1 137 GLN 137 134 134 GLN GLN A . n 
A 1 138 LEU 138 135 135 LEU LEU A . n 
A 1 139 ARG 139 136 136 ARG ARG A . n 
A 1 140 SER 140 137 137 SER SER A . n 
A 1 141 LEU 141 138 138 LEU LEU A . n 
A 1 142 ILE 142 139 139 ILE ILE A . n 
A 1 143 ARG 143 140 140 ARG ARG A . n 
A 1 144 GLN 144 141 141 GLN GLN A . n 
A 1 145 ALA 145 142 142 ALA ALA A . n 
A 1 146 GLN 146 143 143 GLN GLN A . n 
A 1 147 HIS 147 144 144 HIS HIS A . n 
A 1 148 GLU 148 145 145 GLU GLU A . n 
A 1 149 VAL 149 146 146 VAL VAL A . n 
A 1 150 ALA 150 147 147 ALA ALA A . n 
A 1 151 ARG 151 148 148 ARG ARG A . n 
A 1 152 ASN 152 149 149 ASN ASN A . n 
A 1 153 LYS 153 150 150 LYS LYS A . n 
A 1 154 PRO 154 151 151 PRO PRO A . n 
A 1 155 PRO 155 152 152 PRO PRO A . n 
A 1 156 ALA 156 153 153 ALA ALA A . n 
A 1 157 THR 157 154 154 THR THR A . n 
A 1 158 SER 158 155 155 SER SER A . n 
A 1 159 ARG 159 156 156 ARG ARG A . n 
A 1 160 LYS 160 157 157 LYS LYS A . n 
A 1 161 ILE 161 158 158 ILE ILE A . n 
A 1 162 PHE 162 159 159 PHE PHE A . n 
A 1 163 LYS 163 160 160 LYS LYS A . n 
A 1 164 TYR 164 161 161 TYR TYR A . n 
A 1 165 ILE 165 162 162 ILE ILE A . n 
A 1 166 ARG 166 163 163 ARG ARG A . n 
A 1 167 GLU 167 164 164 GLU GLU A . n 
A 1 168 LEU 168 165 165 LEU LEU A . n 
A 1 169 ASP 169 166 166 ASP ASP A . n 
A 1 170 GLU 170 167 167 GLU GLU A . n 
A 1 171 LEU 171 168 168 LEU LEU A . n 
A 1 172 GLN 172 169 169 GLN GLN A . n 
A 1 173 ARG 173 170 ?   ?   ?   A . n 
A 1 174 GLY 174 171 ?   ?   ?   A . n 
A 1 175 LEU 175 172 ?   ?   ?   A . n 
A 1 176 ARG 176 173 ?   ?   ?   A . n 
# 
loop_
_pdbx_nonpoly_scheme.asym_id 
_pdbx_nonpoly_scheme.entity_id 
_pdbx_nonpoly_scheme.mon_id 
_pdbx_nonpoly_scheme.ndb_seq_num 
_pdbx_nonpoly_scheme.pdb_seq_num 
_pdbx_nonpoly_scheme.auth_seq_num 
_pdbx_nonpoly_scheme.pdb_mon_id 
_pdbx_nonpoly_scheme.auth_mon_id 
_pdbx_nonpoly_scheme.pdb_strand_id 
_pdbx_nonpoly_scheme.pdb_ins_code 
B 2 FMT 1  174 1  FMT FMT A . 
C 2 FMT 1  175 2  FMT FMT A . 
D 2 FMT 1  176 3  FMT FMT A . 
E 3 PEG 1  177 1  PEG PEG A . 
F 4 HOH 1  178 1  HOH HOH A . 
F 4 HOH 2  179 2  HOH HOH A . 
F 4 HOH 3  180 4  HOH HOH A . 
F 4 HOH 4  181 5  HOH HOH A . 
F 4 HOH 5  182 6  HOH HOH A . 
F 4 HOH 6  183 7  HOH HOH A . 
F 4 HOH 7  184 8  HOH HOH A . 
F 4 HOH 8  185 9  HOH HOH A . 
F 4 HOH 9  186 10 HOH HOH A . 
F 4 HOH 10 187 13 HOH HOH A . 
F 4 HOH 11 188 14 HOH HOH A . 
F 4 HOH 12 189 15 HOH HOH A . 
F 4 HOH 13 190 16 HOH HOH A . 
F 4 HOH 14 191 19 HOH HOH A . 
F 4 HOH 15 192 21 HOH HOH A . 
F 4 HOH 16 193 22 HOH HOH A . 
F 4 HOH 17 194 23 HOH HOH A . 
F 4 HOH 18 195 24 HOH HOH A . 
# 
loop_
_software.name 
_software.classification 
_software.version 
_software.citation_id 
_software.pdbx_ordinal 
REFMAC      refinement        5.2.0019 ? 1 
SBC-Collect 'data collection' .        ? 2 
HKL-3000    'data reduction'  .        ? 3 
HKL-3000    'data scaling'    .        ? 4 
SHELXS      phasing           .        ? 5 
# 
_cell.entry_id           2P0T 
_cell.length_a           47.848 
_cell.length_b           47.848 
_cell.length_c           127.822 
_cell.angle_alpha        90.00 
_cell.angle_beta         90.00 
_cell.angle_gamma        120.00 
_cell.Z_PDB              6 
_cell.pdbx_unique_axis   ? 
_cell.length_a_esd       ? 
_cell.length_b_esd       ? 
_cell.length_c_esd       ? 
_cell.angle_alpha_esd    ? 
_cell.angle_beta_esd     ? 
_cell.angle_gamma_esd    ? 
# 
_symmetry.entry_id                         2P0T 
_symmetry.space_group_name_H-M             'P 31 2 1' 
_symmetry.pdbx_full_space_group_name_H-M   ? 
_symmetry.cell_setting                     ? 
_symmetry.Int_Tables_number                152 
_symmetry.space_group_name_Hall            ? 
# 
_exptl.entry_id          2P0T 
_exptl.method            'X-RAY DIFFRACTION' 
_exptl.crystals_number   1 
# 
_exptl_crystal.id                    1 
_exptl_crystal.density_meas          ? 
_exptl_crystal.density_Matthews      2.06 
_exptl_crystal.density_percent_sol   40.17 
_exptl_crystal.description           ? 
_exptl_crystal.F_000                 ? 
_exptl_crystal.preparation           ? 
# 
_exptl_crystal_grow.crystal_id      1 
_exptl_crystal_grow.method          'VAPOR DIFFUSION, SITTING DROP' 
_exptl_crystal_grow.temp            277 
_exptl_crystal_grow.temp_details    ? 
_exptl_crystal_grow.pH              8.5 
_exptl_crystal_grow.pdbx_details    '30% PEG1000, 0.1M Tris-HCl, pH 8.5, VAPOR DIFFUSION, SITTING DROP, temperature 277K' 
_exptl_crystal_grow.pdbx_pH_range   . 
# 
_diffrn.id                     1 
_diffrn.ambient_temp           100 
_diffrn.ambient_temp_details   ? 
_diffrn.crystal_id             1 
# 
_diffrn_detector.diffrn_id              1 
_diffrn_detector.detector               CCD 
_diffrn_detector.type                   'ADSC QUANTUM 315' 
_diffrn_detector.pdbx_collection_date   2006-12-03 
_diffrn_detector.details                mirror 
# 
_diffrn_radiation.diffrn_id                        1 
_diffrn_radiation.wavelength_id                    1 
_diffrn_radiation.pdbx_monochromatic_or_laue_m_l   M 
_diffrn_radiation.monochromator                    'Si 111 crystal' 
_diffrn_radiation.pdbx_diffrn_protocol             'SINGLE WAVELENGTH' 
_diffrn_radiation.pdbx_scattering_type             x-ray 
# 
_diffrn_radiation_wavelength.id           1 
_diffrn_radiation_wavelength.wavelength   0.97929 
_diffrn_radiation_wavelength.wt           1.0 
# 
_diffrn_source.diffrn_id                   1 
_diffrn_source.source                      SYNCHROTRON 
_diffrn_source.type                        'APS BEAMLINE 19-ID' 
_diffrn_source.pdbx_synchrotron_site       APS 
_diffrn_source.pdbx_synchrotron_beamline   19-ID 
_diffrn_source.pdbx_wavelength             ? 
_diffrn_source.pdbx_wavelength_list        0.97929 
# 
_reflns.entry_id                     2P0T 
_reflns.observed_criterion_sigma_F   0 
_reflns.observed_criterion_sigma_I   0 
_reflns.d_resolution_high            2.19 
_reflns.d_resolution_low             41.45 
_reflns.number_all                   9156 
_reflns.number_obs                   9156 
_reflns.percent_possible_obs         98.7 
_reflns.pdbx_Rmerge_I_obs            0.07 
_reflns.pdbx_Rsym_value              ? 
_reflns.pdbx_netI_over_sigmaI        44 
_reflns.B_iso_Wilson_estimate        ? 
_reflns.pdbx_redundancy              12.3 
_reflns.R_free_details               ? 
_reflns.limit_h_max                  ? 
_reflns.limit_h_min                  ? 
_reflns.limit_k_max                  ? 
_reflns.limit_k_min                  ? 
_reflns.limit_l_max                  ? 
_reflns.limit_l_min                  ? 
_reflns.observed_criterion_F_max     ? 
_reflns.observed_criterion_F_min     ? 
_reflns.pdbx_chi_squared             ? 
_reflns.pdbx_scaling_rejects         ? 
_reflns.pdbx_ordinal                 1 
_reflns.pdbx_diffrn_id               1 
# 
_reflns_shell.d_res_high             2.19 
_reflns_shell.d_res_low              2.28 
_reflns_shell.percent_possible_all   94.1 
_reflns_shell.Rmerge_I_obs           0.745 
_reflns_shell.pdbx_Rsym_value        ? 
_reflns_shell.meanI_over_sigI_obs    2.0 
_reflns_shell.pdbx_redundancy        6.4 
_reflns_shell.percent_possible_obs   ? 
_reflns_shell.number_unique_all      846 
_reflns_shell.number_measured_all    ? 
_reflns_shell.number_measured_obs    ? 
_reflns_shell.number_unique_obs      ? 
_reflns_shell.pdbx_chi_squared       ? 
_reflns_shell.pdbx_ordinal           1 
_reflns_shell.pdbx_diffrn_id         1 
# 
_refine.entry_id                                 2P0T 
_refine.ls_number_reflns_obs                     8428 
_refine.ls_number_reflns_all                     8428 
_refine.pdbx_ls_sigma_I                          0 
_refine.pdbx_ls_sigma_F                          0 
_refine.pdbx_data_cutoff_high_absF               ? 
_refine.pdbx_data_cutoff_low_absF                ? 
_refine.pdbx_data_cutoff_high_rms_absF           ? 
_refine.ls_d_res_low                             41.45 
_refine.ls_d_res_high                            2.19 
_refine.ls_percent_reflns_obs                    98.67 
_refine.ls_R_factor_obs                          0.22127 
_refine.ls_R_factor_all                          0.22127 
_refine.ls_R_factor_R_work                       0.21609 
_refine.ls_R_factor_R_free                       0.28484 
_refine.ls_R_factor_R_free_error                 ? 
_refine.ls_R_factor_R_free_error_details         ? 
_refine.ls_percent_reflns_R_free                 7.6 
_refine.ls_number_reflns_R_free                  694 
_refine.ls_number_parameters                     ? 
_refine.ls_number_restraints                     ? 
_refine.occupancy_min                            ? 
_refine.occupancy_max                            ? 
_refine.correlation_coeff_Fo_to_Fc               0.951 
_refine.correlation_coeff_Fo_to_Fc_free          0.920 
_refine.B_iso_mean                               61.163 
_refine.aniso_B[1][1]                            0.03 
_refine.aniso_B[2][2]                            0.03 
_refine.aniso_B[3][3]                            -0.05 
_refine.aniso_B[1][2]                            0.02 
_refine.aniso_B[1][3]                            0.00 
_refine.aniso_B[2][3]                            0.00 
_refine.solvent_model_details                    MASK 
_refine.solvent_model_param_ksol                 ? 
_refine.solvent_model_param_bsol                 ? 
_refine.pdbx_solvent_vdw_probe_radii             1.20 
_refine.pdbx_solvent_ion_probe_radii             0.80 
_refine.pdbx_solvent_shrinkage_radii             0.80 
_refine.pdbx_ls_cross_valid_method               THROUGHOUT 
_refine.details                                  'HYDROGENS HAVE BEEN ADDED IN THE RIDING POSITIONS' 
_refine.pdbx_starting_model                      ? 
_refine.pdbx_method_to_determine_struct          SAD 
_refine.pdbx_isotropic_thermal_model             ? 
_refine.pdbx_stereochemistry_target_values       'MAXIMUM LIKELIHOOD' 
_refine.pdbx_stereochem_target_val_spec_case     ? 
_refine.pdbx_R_Free_selection_details            RANDOM 
_refine.pdbx_overall_ESU_R                       0.302 
_refine.pdbx_overall_ESU_R_Free                  0.250 
_refine.overall_SU_ML                            0.196 
_refine.overall_SU_B                             16.031 
_refine.ls_redundancy_reflns_obs                 ? 
_refine.B_iso_min                                ? 
_refine.B_iso_max                                ? 
_refine.overall_SU_R_Cruickshank_DPI             ? 
_refine.overall_SU_R_free                        ? 
_refine.ls_wR_factor_R_free                      ? 
_refine.ls_wR_factor_R_work                      ? 
_refine.overall_FOM_free_R_set                   ? 
_refine.overall_FOM_work_R_set                   ? 
_refine.pdbx_refine_id                           'X-RAY DIFFRACTION' 
_refine.pdbx_TLS_residual_ADP_flag               'LIKELY RESIDUAL' 
_refine.pdbx_diffrn_id                           1 
_refine.pdbx_overall_phase_error                 ? 
_refine.pdbx_overall_SU_R_free_Cruickshank_DPI   ? 
_refine.pdbx_overall_SU_R_Blow_DPI               ? 
_refine.pdbx_overall_SU_R_free_Blow_DPI          ? 
# 
_refine_hist.pdbx_refine_id                   'X-RAY DIFFRACTION' 
_refine_hist.cycle_id                         LAST 
_refine_hist.pdbx_number_atoms_protein        1216 
_refine_hist.pdbx_number_atoms_nucleic_acid   0 
_refine_hist.pdbx_number_atoms_ligand         16 
_refine_hist.number_atoms_solvent             18 
_refine_hist.number_atoms_total               1250 
_refine_hist.d_res_high                       2.19 
_refine_hist.d_res_low                        41.45 
# 
loop_
_refine_ls_restr.type 
_refine_ls_restr.dev_ideal 
_refine_ls_restr.dev_ideal_target 
_refine_ls_restr.weight 
_refine_ls_restr.number 
_refine_ls_restr.pdbx_refine_id 
_refine_ls_restr.pdbx_restraint_function 
r_bond_refined_d             0.031  0.022  ? 1269 'X-RAY DIFFRACTION' ? 
r_bond_other_d               ?      ?      ? ?    'X-RAY DIFFRACTION' ? 
r_angle_refined_deg          2.550  1.983  ? 1701 'X-RAY DIFFRACTION' ? 
r_angle_other_deg            ?      ?      ? ?    'X-RAY DIFFRACTION' ? 
r_dihedral_angle_1_deg       7.442  5.000  ? 150  'X-RAY DIFFRACTION' ? 
r_dihedral_angle_2_deg       34.284 22.985 ? 67   'X-RAY DIFFRACTION' ? 
r_dihedral_angle_3_deg       22.869 15.000 ? 243  'X-RAY DIFFRACTION' ? 
r_dihedral_angle_4_deg       25.272 15.000 ? 17   'X-RAY DIFFRACTION' ? 
r_chiral_restr               0.238  0.200  ? 191  'X-RAY DIFFRACTION' ? 
r_gen_planes_refined         0.012  0.020  ? 945  'X-RAY DIFFRACTION' ? 
r_gen_planes_other           ?      ?      ? ?    'X-RAY DIFFRACTION' ? 
r_nbd_refined                0.259  0.200  ? 535  'X-RAY DIFFRACTION' ? 
r_nbd_other                  ?      ?      ? ?    'X-RAY DIFFRACTION' ? 
r_nbtor_refined              0.311  0.200  ? 840  'X-RAY DIFFRACTION' ? 
r_nbtor_other                ?      ?      ? ?    'X-RAY DIFFRACTION' ? 
r_xyhbond_nbd_refined        0.163  0.200  ? 44   'X-RAY DIFFRACTION' ? 
r_xyhbond_nbd_other          ?      ?      ? ?    'X-RAY DIFFRACTION' ? 
r_metal_ion_refined          ?      ?      ? ?    'X-RAY DIFFRACTION' ? 
r_metal_ion_other            ?      ?      ? ?    'X-RAY DIFFRACTION' ? 
r_symmetry_vdw_refined       0.300  0.200  ? 37   'X-RAY DIFFRACTION' ? 
r_symmetry_vdw_other         ?      ?      ? ?    'X-RAY DIFFRACTION' ? 
r_symmetry_hbond_refined     0.119  0.200  ? 2    'X-RAY DIFFRACTION' ? 
r_symmetry_hbond_other       ?      ?      ? ?    'X-RAY DIFFRACTION' ? 
r_symmetry_metal_ion_refined ?      ?      ? ?    'X-RAY DIFFRACTION' ? 
r_symmetry_metal_ion_other   ?      ?      ? ?    'X-RAY DIFFRACTION' ? 
r_mcbond_it                  1.391  1.500  ? 802  'X-RAY DIFFRACTION' ? 
r_mcbond_other               ?      ?      ? ?    'X-RAY DIFFRACTION' ? 
r_mcangle_it                 2.131  2.000  ? 1211 'X-RAY DIFFRACTION' ? 
r_scbond_it                  3.678  3.000  ? 535  'X-RAY DIFFRACTION' ? 
r_scangle_it                 5.438  4.500  ? 490  'X-RAY DIFFRACTION' ? 
r_rigid_bond_restr           ?      ?      ? ?    'X-RAY DIFFRACTION' ? 
r_sphericity_free            ?      ?      ? ?    'X-RAY DIFFRACTION' ? 
r_sphericity_bonded          ?      ?      ? ?    'X-RAY DIFFRACTION' ? 
# 
_refine_ls_shell.pdbx_total_number_of_bins_used   20 
_refine_ls_shell.d_res_high                       2.19 
_refine_ls_shell.d_res_low                        2.25 
_refine_ls_shell.number_reflns_R_work             549 
_refine_ls_shell.R_factor_R_work                  0.234 
_refine_ls_shell.percent_reflns_obs               92.05 
_refine_ls_shell.R_factor_R_free                  0.34 
_refine_ls_shell.R_factor_R_free_error            ? 
_refine_ls_shell.percent_reflns_R_free            ? 
_refine_ls_shell.number_reflns_R_free             53 
_refine_ls_shell.number_reflns_all                ? 
_refine_ls_shell.R_factor_all                     ? 
_refine_ls_shell.number_reflns_obs                602 
_refine_ls_shell.redundancy_reflns_obs            ? 
_refine_ls_shell.pdbx_refine_id                   'X-RAY DIFFRACTION' 
# 
_struct.entry_id                  2P0T 
_struct.title                     
'Structural Genomics, the crystal structure of a conserved putative protein from Pseudomonas syringae pv. tomato str. DC3000' 
_struct.pdbx_model_details        ? 
_struct.pdbx_CASP_flag            ? 
_struct.pdbx_model_type_details   ? 
# 
_struct_keywords.entry_id        2P0T 
_struct_keywords.pdbx_keywords   'STRUCTURAL GENOMICS, UNKNOWN FUNCTION' 
_struct_keywords.text            
;APC85033, conserved putative protein, Pseudomonas syringae pv. tomato str. DC3000, structural genomics, PSI-2, protein structure initiative, midwest center for structural genomics, MCSG, UNKNOWN FUNCTION
;
# 
loop_
_struct_asym.id 
_struct_asym.pdbx_blank_PDB_chainid_flag 
_struct_asym.pdbx_modified 
_struct_asym.entity_id 
_struct_asym.details 
A N N 1 ? 
B N N 2 ? 
C N N 2 ? 
D N N 2 ? 
E N N 3 ? 
F N N 4 ? 
# 
_struct_ref.id                         1 
_struct_ref.db_name                    UNP 
_struct_ref.db_code                    Y4464_PSESM 
_struct_ref.pdbx_db_accession          Q87WS9 
_struct_ref.entity_id                  1 
_struct_ref.pdbx_seq_one_letter_code   
;MVDSYDDSLDGEKSKTQVKRELHALVDLGERLTTLKADVLAKLPLTDALRKALAEAPKHTANIARKRHILFIGKLMRDQD
QEAILVLLDQLDASTRQYNERFHNLERWRDRLIAGDDADLEKFVIEYPDADRQQLRSLIRQAQHEVARNKPPATSRKIFK
YIRELDELQRGLR
;
_struct_ref.pdbx_align_begin           1 
_struct_ref.pdbx_db_isoform            ? 
# 
_struct_ref_seq.align_id                      1 
_struct_ref_seq.ref_id                        1 
_struct_ref_seq.pdbx_PDB_id_code              2P0T 
_struct_ref_seq.pdbx_strand_id                A 
_struct_ref_seq.seq_align_beg                 4 
_struct_ref_seq.pdbx_seq_align_beg_ins_code   ? 
_struct_ref_seq.seq_align_end                 176 
_struct_ref_seq.pdbx_seq_align_end_ins_code   ? 
_struct_ref_seq.pdbx_db_accession             Q87WS9 
_struct_ref_seq.db_align_beg                  1 
_struct_ref_seq.pdbx_db_align_beg_ins_code    ? 
_struct_ref_seq.db_align_end                  173 
_struct_ref_seq.pdbx_db_align_end_ins_code    ? 
_struct_ref_seq.pdbx_auth_seq_align_beg       1 
_struct_ref_seq.pdbx_auth_seq_align_end       173 
# 
loop_
_struct_ref_seq_dif.align_id 
_struct_ref_seq_dif.pdbx_pdb_id_code 
_struct_ref_seq_dif.mon_id 
_struct_ref_seq_dif.pdbx_pdb_strand_id 
_struct_ref_seq_dif.seq_num 
_struct_ref_seq_dif.pdbx_pdb_ins_code 
_struct_ref_seq_dif.pdbx_seq_db_name 
_struct_ref_seq_dif.pdbx_seq_db_accession_code 
_struct_ref_seq_dif.db_mon_id 
_struct_ref_seq_dif.pdbx_seq_db_seq_num 
_struct_ref_seq_dif.details 
_struct_ref_seq_dif.pdbx_auth_seq_num 
_struct_ref_seq_dif.pdbx_ordinal 
1 2P0T SER A 1  ? UNP Q87WS9 ?   ?  'cloning artifact' -2 1 
1 2P0T ASN A 2  ? UNP Q87WS9 ?   ?  'cloning artifact' -1 2 
1 2P0T ALA A 3  ? UNP Q87WS9 ?   ?  'cloning artifact' 0  3 
1 2P0T MSE A 4  ? UNP Q87WS9 MET 1  'modified residue' 1  4 
1 2P0T MSE A 79 ? UNP Q87WS9 MET 76 'modified residue' 76 5 
# 
_pdbx_struct_assembly.id                   1 
_pdbx_struct_assembly.details              author_defined_assembly 
_pdbx_struct_assembly.method_details       ? 
_pdbx_struct_assembly.oligomeric_details   monomeric 
_pdbx_struct_assembly.oligomeric_count     1 
# 
_pdbx_struct_assembly_gen.assembly_id       1 
_pdbx_struct_assembly_gen.oper_expression   1 
_pdbx_struct_assembly_gen.asym_id_list      A,B,C,D,E,F 
# 
_pdbx_struct_oper_list.id                   1 
_pdbx_struct_oper_list.type                 'identity operation' 
_pdbx_struct_oper_list.name                 1_555 
_pdbx_struct_oper_list.symmetry_operation   x,y,z 
_pdbx_struct_oper_list.matrix[1][1]         1.0000000000 
_pdbx_struct_oper_list.matrix[1][2]         0.0000000000 
_pdbx_struct_oper_list.matrix[1][3]         0.0000000000 
_pdbx_struct_oper_list.vector[1]            0.0000000000 
_pdbx_struct_oper_list.matrix[2][1]         0.0000000000 
_pdbx_struct_oper_list.matrix[2][2]         1.0000000000 
_pdbx_struct_oper_list.matrix[2][3]         0.0000000000 
_pdbx_struct_oper_list.vector[2]            0.0000000000 
_pdbx_struct_oper_list.matrix[3][1]         0.0000000000 
_pdbx_struct_oper_list.matrix[3][2]         0.0000000000 
_pdbx_struct_oper_list.matrix[3][3]         1.0000000000 
_pdbx_struct_oper_list.vector[3]            0.0000000000 
# 
_struct_biol.id                    1 
_struct_biol.details               'Experimentally unknown' 
_struct_biol.pdbx_parent_biol_id   ? 
# 
loop_
_struct_conf.conf_type_id 
_struct_conf.id 
_struct_conf.pdbx_PDB_helix_id 
_struct_conf.beg_label_comp_id 
_struct_conf.beg_label_asym_id 
_struct_conf.beg_label_seq_id 
_struct_conf.pdbx_beg_PDB_ins_code 
_struct_conf.end_label_comp_id 
_struct_conf.end_label_asym_id 
_struct_conf.end_label_seq_id 
_struct_conf.pdbx_end_PDB_ins_code 
_struct_conf.beg_auth_comp_id 
_struct_conf.beg_auth_asym_id 
_struct_conf.beg_auth_seq_id 
_struct_conf.end_auth_comp_id 
_struct_conf.end_auth_asym_id 
_struct_conf.end_auth_seq_id 
_struct_conf.pdbx_PDB_helix_class 
_struct_conf.details 
_struct_conf.pdbx_PDB_helix_length 
HELX_P HELX_P1  1  LEU A 25  ? THR A 36  ? LEU A 22  THR A 33  1 ? 12 
HELX_P HELX_P2  2  LYS A 39  ? ALA A 44  ? LYS A 36  ALA A 41  1 ? 6  
HELX_P HELX_P3  3  THR A 49  ? ALA A 59  ? THR A 46  ALA A 56  1 ? 11 
HELX_P HELX_P4  4  PRO A 60  ? HIS A 62  ? PRO A 57  HIS A 59  5 ? 3  
HELX_P HELX_P5  5  ALA A 64  ? MSE A 79  ? ALA A 61  MSE A 76  1 ? 16 
HELX_P HELX_P6  6  ARG A 80  ? GLN A 82  ? ARG A 77  GLN A 79  5 ? 3  
HELX_P HELX_P7  7  ASP A 83  ? GLY A 118 ? ASP A 80  GLY A 115 1 ? 36 
HELX_P HELX_P8  8  ASP A 119 ? TYR A 130 ? ASP A 116 TYR A 127 1 ? 12 
HELX_P HELX_P9  9  ASP A 134 ? ARG A 151 ? ASP A 131 ARG A 148 1 ? 18 
HELX_P HELX_P10 10 PRO A 155 ? GLU A 170 ? PRO A 152 GLU A 167 1 ? 16 
# 
_struct_conf_type.id          HELX_P 
_struct_conf_type.criteria    ? 
_struct_conf_type.reference   ? 
# 
loop_
_struct_conn.id 
_struct_conn.conn_type_id 
_struct_conn.pdbx_leaving_atom_flag 
_struct_conn.pdbx_PDB_id 
_struct_conn.ptnr1_label_asym_id 
_struct_conn.ptnr1_label_comp_id 
_struct_conn.ptnr1_label_seq_id 
_struct_conn.ptnr1_label_atom_id 
_struct_conn.pdbx_ptnr1_label_alt_id 
_struct_conn.pdbx_ptnr1_PDB_ins_code 
_struct_conn.pdbx_ptnr1_standard_comp_id 
_struct_conn.ptnr1_symmetry 
_struct_conn.ptnr2_label_asym_id 
_struct_conn.ptnr2_label_comp_id 
_struct_conn.ptnr2_label_seq_id 
_struct_conn.ptnr2_label_atom_id 
_struct_conn.pdbx_ptnr2_label_alt_id 
_struct_conn.pdbx_ptnr2_PDB_ins_code 
_struct_conn.ptnr1_auth_asym_id 
_struct_conn.ptnr1_auth_comp_id 
_struct_conn.ptnr1_auth_seq_id 
_struct_conn.ptnr2_auth_asym_id 
_struct_conn.ptnr2_auth_comp_id 
_struct_conn.ptnr2_auth_seq_id 
_struct_conn.ptnr2_symmetry 
_struct_conn.pdbx_ptnr3_label_atom_id 
_struct_conn.pdbx_ptnr3_label_seq_id 
_struct_conn.pdbx_ptnr3_label_comp_id 
_struct_conn.pdbx_ptnr3_label_asym_id 
_struct_conn.pdbx_ptnr3_label_alt_id 
_struct_conn.pdbx_ptnr3_PDB_ins_code 
_struct_conn.details 
_struct_conn.pdbx_dist_value 
_struct_conn.pdbx_value_order 
_struct_conn.pdbx_role 
covale1 covale both ? A LEU 78 C ? ? ? 1_555 A MSE 79 N ? ? A LEU 75 A MSE 76 1_555 ? ? ? ? ? ? ? 1.315 ? ? 
covale2 covale both ? A MSE 79 C ? ? ? 1_555 A ARG 80 N ? ? A MSE 76 A ARG 77 1_555 ? ? ? ? ? ? ? 1.331 ? ? 
# 
_struct_conn_type.id          covale 
_struct_conn_type.criteria    ? 
_struct_conn_type.reference   ? 
# 
_pdbx_modification_feature.ordinal                            1 
_pdbx_modification_feature.label_comp_id                      MSE 
_pdbx_modification_feature.label_asym_id                      A 
_pdbx_modification_feature.label_seq_id                       79 
_pdbx_modification_feature.label_alt_id                       ? 
_pdbx_modification_feature.modified_residue_label_comp_id     . 
_pdbx_modification_feature.modified_residue_label_asym_id     . 
_pdbx_modification_feature.modified_residue_label_seq_id      . 
_pdbx_modification_feature.modified_residue_label_alt_id      . 
_pdbx_modification_feature.auth_comp_id                       MSE 
_pdbx_modification_feature.auth_asym_id                       A 
_pdbx_modification_feature.auth_seq_id                        76 
_pdbx_modification_feature.PDB_ins_code                       ? 
_pdbx_modification_feature.symmetry                           1_555 
_pdbx_modification_feature.modified_residue_auth_comp_id      . 
_pdbx_modification_feature.modified_residue_auth_asym_id      . 
_pdbx_modification_feature.modified_residue_auth_seq_id       . 
_pdbx_modification_feature.modified_residue_PDB_ins_code      . 
_pdbx_modification_feature.modified_residue_symmetry          . 
_pdbx_modification_feature.comp_id_linking_atom               . 
_pdbx_modification_feature.modified_residue_id_linking_atom   . 
_pdbx_modification_feature.modified_residue_id                MET 
_pdbx_modification_feature.ref_pcm_id                         1 
_pdbx_modification_feature.ref_comp_id                        MSE 
_pdbx_modification_feature.type                               Selenomethionine 
_pdbx_modification_feature.category                           'Named protein modification' 
# 
loop_
_struct_site.id 
_struct_site.pdbx_evidence_code 
_struct_site.pdbx_auth_asym_id 
_struct_site.pdbx_auth_comp_id 
_struct_site.pdbx_auth_seq_id 
_struct_site.pdbx_auth_ins_code 
_struct_site.pdbx_num_residues 
_struct_site.details 
AC1 Software A FMT 174 ? 3 'BINDING SITE FOR RESIDUE FMT A 174' 
AC2 Software A FMT 175 ? 1 'BINDING SITE FOR RESIDUE FMT A 175' 
AC3 Software A FMT 176 ? 4 'BINDING SITE FOR RESIDUE FMT A 176' 
AC4 Software A PEG 177 ? 5 'BINDING SITE FOR RESIDUE PEG A 177' 
# 
loop_
_struct_site_gen.id 
_struct_site_gen.site_id 
_struct_site_gen.pdbx_num_res 
_struct_site_gen.label_comp_id 
_struct_site_gen.label_asym_id 
_struct_site_gen.label_seq_id 
_struct_site_gen.pdbx_auth_ins_code 
_struct_site_gen.auth_comp_id 
_struct_site_gen.auth_asym_id 
_struct_site_gen.auth_seq_id 
_struct_site_gen.label_atom_id 
_struct_site_gen.label_alt_id 
_struct_site_gen.symmetry 
_struct_site_gen.details 
1  AC1 3 GLU A 109 ? GLU A 106 . ? 1_555 ? 
2  AC1 3 ARG A 112 ? ARG A 109 . ? 1_555 ? 
3  AC1 3 PHE A 162 ? PHE A 159 . ? 1_555 ? 
4  AC2 1 LEU A 171 ? LEU A 168 . ? 1_555 ? 
5  AC3 4 ARG A 139 ? ARG A 136 . ? 5_544 ? 
6  AC3 4 ARG A 143 ? ARG A 140 . ? 5_544 ? 
7  AC3 4 LEU A 168 ? LEU A 165 . ? 1_555 ? 
8  AC3 4 GLU A 170 ? GLU A 167 . ? 1_555 ? 
9  AC4 5 ASN A 107 ? ASN A 104 . ? 1_555 ? 
10 AC4 5 ARG A 110 ? ARG A 107 . ? 1_555 ? 
11 AC4 5 TRP A 111 ? TRP A 108 . ? 1_555 ? 
12 AC4 5 ARG A 114 ? ARG A 111 . ? 1_555 ? 
13 AC4 5 HOH F .   ? HOH A 182 . ? 1_555 ? 
# 
_pdbx_entry_details.entry_id                   2P0T 
_pdbx_entry_details.compound_details           ? 
_pdbx_entry_details.source_details             ? 
_pdbx_entry_details.nonpolymer_details         ? 
_pdbx_entry_details.sequence_details           ? 
_pdbx_entry_details.has_ligand_of_interest     ? 
_pdbx_entry_details.has_protein_modification   Y 
# 
loop_
_pdbx_validate_rmsd_bond.id 
_pdbx_validate_rmsd_bond.PDB_model_num 
_pdbx_validate_rmsd_bond.auth_atom_id_1 
_pdbx_validate_rmsd_bond.auth_asym_id_1 
_pdbx_validate_rmsd_bond.auth_comp_id_1 
_pdbx_validate_rmsd_bond.auth_seq_id_1 
_pdbx_validate_rmsd_bond.PDB_ins_code_1 
_pdbx_validate_rmsd_bond.label_alt_id_1 
_pdbx_validate_rmsd_bond.auth_atom_id_2 
_pdbx_validate_rmsd_bond.auth_asym_id_2 
_pdbx_validate_rmsd_bond.auth_comp_id_2 
_pdbx_validate_rmsd_bond.auth_seq_id_2 
_pdbx_validate_rmsd_bond.PDB_ins_code_2 
_pdbx_validate_rmsd_bond.label_alt_id_2 
_pdbx_validate_rmsd_bond.bond_value 
_pdbx_validate_rmsd_bond.bond_target_value 
_pdbx_validate_rmsd_bond.bond_deviation 
_pdbx_validate_rmsd_bond.bond_standard_deviation 
_pdbx_validate_rmsd_bond.linker_flag 
1 1 CB A GLU 100 ? ? CG  A GLU 100 ? ? 1.640 1.517 0.123  0.019 N 
2 1 CG A GLU 100 ? ? CD  A GLU 100 ? ? 1.633 1.515 0.118  0.015 N 
3 1 CD A GLU 100 ? ? OE2 A GLU 100 ? ? 1.332 1.252 0.080  0.011 N 
4 1 CB A GLU 106 ? ? CG  A GLU 106 ? ? 1.343 1.517 -0.174 0.019 N 
# 
loop_
_pdbx_validate_rmsd_angle.id 
_pdbx_validate_rmsd_angle.PDB_model_num 
_pdbx_validate_rmsd_angle.auth_atom_id_1 
_pdbx_validate_rmsd_angle.auth_asym_id_1 
_pdbx_validate_rmsd_angle.auth_comp_id_1 
_pdbx_validate_rmsd_angle.auth_seq_id_1 
_pdbx_validate_rmsd_angle.PDB_ins_code_1 
_pdbx_validate_rmsd_angle.label_alt_id_1 
_pdbx_validate_rmsd_angle.auth_atom_id_2 
_pdbx_validate_rmsd_angle.auth_asym_id_2 
_pdbx_validate_rmsd_angle.auth_comp_id_2 
_pdbx_validate_rmsd_angle.auth_seq_id_2 
_pdbx_validate_rmsd_angle.PDB_ins_code_2 
_pdbx_validate_rmsd_angle.label_alt_id_2 
_pdbx_validate_rmsd_angle.auth_atom_id_3 
_pdbx_validate_rmsd_angle.auth_asym_id_3 
_pdbx_validate_rmsd_angle.auth_comp_id_3 
_pdbx_validate_rmsd_angle.auth_seq_id_3 
_pdbx_validate_rmsd_angle.PDB_ins_code_3 
_pdbx_validate_rmsd_angle.label_alt_id_3 
_pdbx_validate_rmsd_angle.angle_value 
_pdbx_validate_rmsd_angle.angle_target_value 
_pdbx_validate_rmsd_angle.angle_deviation 
_pdbx_validate_rmsd_angle.angle_standard_deviation 
_pdbx_validate_rmsd_angle.linker_flag 
1 1 N  A ASP 38  ? ? CA A ASP 38  ? ? CB  A ASP 38  ? ? 98.62  110.60 -11.98 1.80 N 
2 1 CB A ASP 129 ? ? CG A ASP 129 ? ? OD1 A ASP 129 ? ? 124.01 118.30 5.71   0.90 N 
# 
_pdbx_validate_torsion.id              1 
_pdbx_validate_torsion.PDB_model_num   1 
_pdbx_validate_torsion.auth_comp_id    THR 
_pdbx_validate_torsion.auth_asym_id    A 
_pdbx_validate_torsion.auth_seq_id     46 
_pdbx_validate_torsion.PDB_ins_code    ? 
_pdbx_validate_torsion.label_alt_id    ? 
_pdbx_validate_torsion.phi             -48.39 
_pdbx_validate_torsion.psi             151.15 
# 
_pdbx_SG_project.id                    1 
_pdbx_SG_project.project_name          'PSI, Protein Structure Initiative' 
_pdbx_SG_project.full_name_of_center   'Midwest Center for Structural Genomics' 
_pdbx_SG_project.initial_of_center     MCSG 
# 
_pdbx_struct_mod_residue.id               1 
_pdbx_struct_mod_residue.label_asym_id    A 
_pdbx_struct_mod_residue.label_comp_id    MSE 
_pdbx_struct_mod_residue.label_seq_id     79 
_pdbx_struct_mod_residue.auth_asym_id     A 
_pdbx_struct_mod_residue.auth_comp_id     MSE 
_pdbx_struct_mod_residue.auth_seq_id      76 
_pdbx_struct_mod_residue.PDB_ins_code     ? 
_pdbx_struct_mod_residue.parent_comp_id   MET 
_pdbx_struct_mod_residue.details          SELENOMETHIONINE 
# 
loop_
_pdbx_refine_tls.id 
_pdbx_refine_tls.details 
_pdbx_refine_tls.method 
_pdbx_refine_tls.origin_x 
_pdbx_refine_tls.origin_y 
_pdbx_refine_tls.origin_z 
_pdbx_refine_tls.T[1][1] 
_pdbx_refine_tls.T[2][2] 
_pdbx_refine_tls.T[3][3] 
_pdbx_refine_tls.T[1][2] 
_pdbx_refine_tls.T[1][3] 
_pdbx_refine_tls.T[2][3] 
_pdbx_refine_tls.L[1][1] 
_pdbx_refine_tls.L[2][2] 
_pdbx_refine_tls.L[3][3] 
_pdbx_refine_tls.L[1][2] 
_pdbx_refine_tls.L[1][3] 
_pdbx_refine_tls.L[2][3] 
_pdbx_refine_tls.S[1][1] 
_pdbx_refine_tls.S[1][2] 
_pdbx_refine_tls.S[1][3] 
_pdbx_refine_tls.S[2][1] 
_pdbx_refine_tls.S[2][2] 
_pdbx_refine_tls.S[2][3] 
_pdbx_refine_tls.S[3][1] 
_pdbx_refine_tls.S[3][2] 
_pdbx_refine_tls.S[3][3] 
_pdbx_refine_tls.pdbx_refine_id 
1 ? refined 9.5172   -9.0108 -17.3027 0.0569  0.0154  -0.1135 -0.0903 0.1129 -0.0705 5.9150 9.2368 4.6141  2.2961 0.0600   1.5992  -0.1405 0.0825  -0.4050 -1.0172 0.5046 -1.0982 -0.0479 0.7960  -0.3640 'X-RAY DIFFRACTION' 
2 ? refined 2.5939   5.3267  1.1101   -0.1056 -0.2064 -0.1487 -0.0351 0.1237 -0.0173 8.4973 1.6970 34.7705 1.0073 -12.6878 3.4926  0.1345  -0.0408 0.3855  -0.3126 0.1317 0.0373  -0.6182 0.9215  -0.2662 'X-RAY DIFFRACTION' 
3 ? refined -10.5573 7.8648  16.7411  -0.2578 -0.1245 -0.2070 -0.0612 0.0974 -0.0266 5.3319 6.9539 7.7134  0.9835 -2.5531  -3.3355 0.0111  0.2156  -0.0365 -0.1887 0.1298 0.1207  0.2333  -0.3898 -0.1409 'X-RAY DIFFRACTION' 
# 
loop_
_pdbx_refine_tls_group.id 
_pdbx_refine_tls_group.refine_tls_id 
_pdbx_refine_tls_group.beg_auth_asym_id 
_pdbx_refine_tls_group.beg_auth_seq_id 
_pdbx_refine_tls_group.beg_label_asym_id 
_pdbx_refine_tls_group.beg_label_seq_id 
_pdbx_refine_tls_group.end_auth_asym_id 
_pdbx_refine_tls_group.end_auth_seq_id 
_pdbx_refine_tls_group.end_label_asym_id 
_pdbx_refine_tls_group.end_label_seq_id 
_pdbx_refine_tls_group.selection 
_pdbx_refine_tls_group.pdbx_refine_id 
_pdbx_refine_tls_group.selection_details 
1 1 A 22  A 25  A 88  A 91  ? 'X-RAY DIFFRACTION' ? 
2 2 A 89  A 92  A 105 A 108 ? 'X-RAY DIFFRACTION' ? 
3 3 A 106 A 109 A 169 A 172 ? 'X-RAY DIFFRACTION' ? 
# 
_pdbx_database_remark.id     300 
_pdbx_database_remark.text   
;
BIOMOLECULE: 1
THIS ENTRY CONTAINS THE CRYSTALLOGRAPHIC ASYMMETRIC UNIT
WHICH CONSISTS OF 1 CHAIN(S). AUTHORS STATE THAT THE
BIOLOGICAL UNIT IS EXPERIMENTALLY UNKNOWN. THE MONOMERIC
ASSEMBLY OF THE BIOLOGICAL UNIT SHOWN IN REMARK 350 IS 
PREDICTED BY THE ANALYSIS OF PROTEIN INTERFACES BASED
ON THIS CRYSTAL STRUCTURE.
;
# 
loop_
_pdbx_unobs_or_zero_occ_residues.id 
_pdbx_unobs_or_zero_occ_residues.PDB_model_num 
_pdbx_unobs_or_zero_occ_residues.polymer_flag 
_pdbx_unobs_or_zero_occ_residues.occupancy_flag 
_pdbx_unobs_or_zero_occ_residues.auth_asym_id 
_pdbx_unobs_or_zero_occ_residues.auth_comp_id 
_pdbx_unobs_or_zero_occ_residues.auth_seq_id 
_pdbx_unobs_or_zero_occ_residues.PDB_ins_code 
_pdbx_unobs_or_zero_occ_residues.label_asym_id 
_pdbx_unobs_or_zero_occ_residues.label_comp_id 
_pdbx_unobs_or_zero_occ_residues.label_seq_id 
1  1 Y 1 A SER -2  ? A SER 1   
2  1 Y 1 A ASN -1  ? A ASN 2   
3  1 Y 1 A ALA 0   ? A ALA 3   
4  1 Y 1 A MSE 1   ? A MSE 4   
5  1 Y 1 A VAL 2   ? A VAL 5   
6  1 Y 1 A ASP 3   ? A ASP 6   
7  1 Y 1 A SER 4   ? A SER 7   
8  1 Y 1 A TYR 5   ? A TYR 8   
9  1 Y 1 A ASP 6   ? A ASP 9   
10 1 Y 1 A ASP 7   ? A ASP 10  
11 1 Y 1 A SER 8   ? A SER 11  
12 1 Y 1 A LEU 9   ? A LEU 12  
13 1 Y 1 A ASP 10  ? A ASP 13  
14 1 Y 1 A GLY 11  ? A GLY 14  
15 1 Y 1 A GLU 12  ? A GLU 15  
16 1 Y 1 A LYS 13  ? A LYS 16  
17 1 Y 1 A SER 14  ? A SER 17  
18 1 Y 1 A LYS 15  ? A LYS 18  
19 1 Y 1 A THR 16  ? A THR 19  
20 1 Y 1 A GLN 17  ? A GLN 20  
21 1 Y 1 A VAL 18  ? A VAL 21  
22 1 Y 1 A LYS 19  ? A LYS 22  
23 1 Y 1 A ARG 20  ? A ARG 23  
24 1 Y 1 A GLU 21  ? A GLU 24  
25 1 Y 1 A ARG 170 ? A ARG 173 
26 1 Y 1 A GLY 171 ? A GLY 174 
27 1 Y 1 A LEU 172 ? A LEU 175 
28 1 Y 1 A ARG 173 ? A ARG 176 
# 
loop_
_chem_comp_atom.comp_id 
_chem_comp_atom.atom_id 
_chem_comp_atom.type_symbol 
_chem_comp_atom.pdbx_aromatic_flag 
_chem_comp_atom.pdbx_stereo_config 
_chem_comp_atom.pdbx_ordinal 
ALA N    N  N N 1   
ALA CA   C  N S 2   
ALA C    C  N N 3   
ALA O    O  N N 4   
ALA CB   C  N N 5   
ALA OXT  O  N N 6   
ALA H    H  N N 7   
ALA H2   H  N N 8   
ALA HA   H  N N 9   
ALA HB1  H  N N 10  
ALA HB2  H  N N 11  
ALA HB3  H  N N 12  
ALA HXT  H  N N 13  
ARG N    N  N N 14  
ARG CA   C  N S 15  
ARG C    C  N N 16  
ARG O    O  N N 17  
ARG CB   C  N N 18  
ARG CG   C  N N 19  
ARG CD   C  N N 20  
ARG NE   N  N N 21  
ARG CZ   C  N N 22  
ARG NH1  N  N N 23  
ARG NH2  N  N N 24  
ARG OXT  O  N N 25  
ARG H    H  N N 26  
ARG H2   H  N N 27  
ARG HA   H  N N 28  
ARG HB2  H  N N 29  
ARG HB3  H  N N 30  
ARG HG2  H  N N 31  
ARG HG3  H  N N 32  
ARG HD2  H  N N 33  
ARG HD3  H  N N 34  
ARG HE   H  N N 35  
ARG HH11 H  N N 36  
ARG HH12 H  N N 37  
ARG HH21 H  N N 38  
ARG HH22 H  N N 39  
ARG HXT  H  N N 40  
ASN N    N  N N 41  
ASN CA   C  N S 42  
ASN C    C  N N 43  
ASN O    O  N N 44  
ASN CB   C  N N 45  
ASN CG   C  N N 46  
ASN OD1  O  N N 47  
ASN ND2  N  N N 48  
ASN OXT  O  N N 49  
ASN H    H  N N 50  
ASN H2   H  N N 51  
ASN HA   H  N N 52  
ASN HB2  H  N N 53  
ASN HB3  H  N N 54  
ASN HD21 H  N N 55  
ASN HD22 H  N N 56  
ASN HXT  H  N N 57  
ASP N    N  N N 58  
ASP CA   C  N S 59  
ASP C    C  N N 60  
ASP O    O  N N 61  
ASP CB   C  N N 62  
ASP CG   C  N N 63  
ASP OD1  O  N N 64  
ASP OD2  O  N N 65  
ASP OXT  O  N N 66  
ASP H    H  N N 67  
ASP H2   H  N N 68  
ASP HA   H  N N 69  
ASP HB2  H  N N 70  
ASP HB3  H  N N 71  
ASP HD2  H  N N 72  
ASP HXT  H  N N 73  
FMT C    C  N N 74  
FMT O1   O  N N 75  
FMT O2   O  N N 76  
FMT H    H  N N 77  
FMT HO2  H  N N 78  
GLN N    N  N N 79  
GLN CA   C  N S 80  
GLN C    C  N N 81  
GLN O    O  N N 82  
GLN CB   C  N N 83  
GLN CG   C  N N 84  
GLN CD   C  N N 85  
GLN OE1  O  N N 86  
GLN NE2  N  N N 87  
GLN OXT  O  N N 88  
GLN H    H  N N 89  
GLN H2   H  N N 90  
GLN HA   H  N N 91  
GLN HB2  H  N N 92  
GLN HB3  H  N N 93  
GLN HG2  H  N N 94  
GLN HG3  H  N N 95  
GLN HE21 H  N N 96  
GLN HE22 H  N N 97  
GLN HXT  H  N N 98  
GLU N    N  N N 99  
GLU CA   C  N S 100 
GLU C    C  N N 101 
GLU O    O  N N 102 
GLU CB   C  N N 103 
GLU CG   C  N N 104 
GLU CD   C  N N 105 
GLU OE1  O  N N 106 
GLU OE2  O  N N 107 
GLU OXT  O  N N 108 
GLU H    H  N N 109 
GLU H2   H  N N 110 
GLU HA   H  N N 111 
GLU HB2  H  N N 112 
GLU HB3  H  N N 113 
GLU HG2  H  N N 114 
GLU HG3  H  N N 115 
GLU HE2  H  N N 116 
GLU HXT  H  N N 117 
GLY N    N  N N 118 
GLY CA   C  N N 119 
GLY C    C  N N 120 
GLY O    O  N N 121 
GLY OXT  O  N N 122 
GLY H    H  N N 123 
GLY H2   H  N N 124 
GLY HA2  H  N N 125 
GLY HA3  H  N N 126 
GLY HXT  H  N N 127 
HIS N    N  N N 128 
HIS CA   C  N S 129 
HIS C    C  N N 130 
HIS O    O  N N 131 
HIS CB   C  N N 132 
HIS CG   C  Y N 133 
HIS ND1  N  Y N 134 
HIS CD2  C  Y N 135 
HIS CE1  C  Y N 136 
HIS NE2  N  Y N 137 
HIS OXT  O  N N 138 
HIS H    H  N N 139 
HIS H2   H  N N 140 
HIS HA   H  N N 141 
HIS HB2  H  N N 142 
HIS HB3  H  N N 143 
HIS HD1  H  N N 144 
HIS HD2  H  N N 145 
HIS HE1  H  N N 146 
HIS HE2  H  N N 147 
HIS HXT  H  N N 148 
HOH O    O  N N 149 
HOH H1   H  N N 150 
HOH H2   H  N N 151 
ILE N    N  N N 152 
ILE CA   C  N S 153 
ILE C    C  N N 154 
ILE O    O  N N 155 
ILE CB   C  N S 156 
ILE CG1  C  N N 157 
ILE CG2  C  N N 158 
ILE CD1  C  N N 159 
ILE OXT  O  N N 160 
ILE H    H  N N 161 
ILE H2   H  N N 162 
ILE HA   H  N N 163 
ILE HB   H  N N 164 
ILE HG12 H  N N 165 
ILE HG13 H  N N 166 
ILE HG21 H  N N 167 
ILE HG22 H  N N 168 
ILE HG23 H  N N 169 
ILE HD11 H  N N 170 
ILE HD12 H  N N 171 
ILE HD13 H  N N 172 
ILE HXT  H  N N 173 
LEU N    N  N N 174 
LEU CA   C  N S 175 
LEU C    C  N N 176 
LEU O    O  N N 177 
LEU CB   C  N N 178 
LEU CG   C  N N 179 
LEU CD1  C  N N 180 
LEU CD2  C  N N 181 
LEU OXT  O  N N 182 
LEU H    H  N N 183 
LEU H2   H  N N 184 
LEU HA   H  N N 185 
LEU HB2  H  N N 186 
LEU HB3  H  N N 187 
LEU HG   H  N N 188 
LEU HD11 H  N N 189 
LEU HD12 H  N N 190 
LEU HD13 H  N N 191 
LEU HD21 H  N N 192 
LEU HD22 H  N N 193 
LEU HD23 H  N N 194 
LEU HXT  H  N N 195 
LYS N    N  N N 196 
LYS CA   C  N S 197 
LYS C    C  N N 198 
LYS O    O  N N 199 
LYS CB   C  N N 200 
LYS CG   C  N N 201 
LYS CD   C  N N 202 
LYS CE   C  N N 203 
LYS NZ   N  N N 204 
LYS OXT  O  N N 205 
LYS H    H  N N 206 
LYS H2   H  N N 207 
LYS HA   H  N N 208 
LYS HB2  H  N N 209 
LYS HB3  H  N N 210 
LYS HG2  H  N N 211 
LYS HG3  H  N N 212 
LYS HD2  H  N N 213 
LYS HD3  H  N N 214 
LYS HE2  H  N N 215 
LYS HE3  H  N N 216 
LYS HZ1  H  N N 217 
LYS HZ2  H  N N 218 
LYS HZ3  H  N N 219 
LYS HXT  H  N N 220 
MET N    N  N N 221 
MET CA   C  N S 222 
MET C    C  N N 223 
MET O    O  N N 224 
MET CB   C  N N 225 
MET CG   C  N N 226 
MET SD   S  N N 227 
MET CE   C  N N 228 
MET OXT  O  N N 229 
MET H    H  N N 230 
MET H2   H  N N 231 
MET HA   H  N N 232 
MET HB2  H  N N 233 
MET HB3  H  N N 234 
MET HG2  H  N N 235 
MET HG3  H  N N 236 
MET HE1  H  N N 237 
MET HE2  H  N N 238 
MET HE3  H  N N 239 
MET HXT  H  N N 240 
MSE N    N  N N 241 
MSE CA   C  N S 242 
MSE C    C  N N 243 
MSE O    O  N N 244 
MSE OXT  O  N N 245 
MSE CB   C  N N 246 
MSE CG   C  N N 247 
MSE SE   SE N N 248 
MSE CE   C  N N 249 
MSE H    H  N N 250 
MSE H2   H  N N 251 
MSE HA   H  N N 252 
MSE HXT  H  N N 253 
MSE HB2  H  N N 254 
MSE HB3  H  N N 255 
MSE HG2  H  N N 256 
MSE HG3  H  N N 257 
MSE HE1  H  N N 258 
MSE HE2  H  N N 259 
MSE HE3  H  N N 260 
PEG C1   C  N N 261 
PEG O1   O  N N 262 
PEG C2   C  N N 263 
PEG O2   O  N N 264 
PEG C3   C  N N 265 
PEG C4   C  N N 266 
PEG O4   O  N N 267 
PEG H11  H  N N 268 
PEG H12  H  N N 269 
PEG HO1  H  N N 270 
PEG H21  H  N N 271 
PEG H22  H  N N 272 
PEG H31  H  N N 273 
PEG H32  H  N N 274 
PEG H41  H  N N 275 
PEG H42  H  N N 276 
PEG HO4  H  N N 277 
PHE N    N  N N 278 
PHE CA   C  N S 279 
PHE C    C  N N 280 
PHE O    O  N N 281 
PHE CB   C  N N 282 
PHE CG   C  Y N 283 
PHE CD1  C  Y N 284 
PHE CD2  C  Y N 285 
PHE CE1  C  Y N 286 
PHE CE2  C  Y N 287 
PHE CZ   C  Y N 288 
PHE OXT  O  N N 289 
PHE H    H  N N 290 
PHE H2   H  N N 291 
PHE HA   H  N N 292 
PHE HB2  H  N N 293 
PHE HB3  H  N N 294 
PHE HD1  H  N N 295 
PHE HD2  H  N N 296 
PHE HE1  H  N N 297 
PHE HE2  H  N N 298 
PHE HZ   H  N N 299 
PHE HXT  H  N N 300 
PRO N    N  N N 301 
PRO CA   C  N S 302 
PRO C    C  N N 303 
PRO O    O  N N 304 
PRO CB   C  N N 305 
PRO CG   C  N N 306 
PRO CD   C  N N 307 
PRO OXT  O  N N 308 
PRO H    H  N N 309 
PRO HA   H  N N 310 
PRO HB2  H  N N 311 
PRO HB3  H  N N 312 
PRO HG2  H  N N 313 
PRO HG3  H  N N 314 
PRO HD2  H  N N 315 
PRO HD3  H  N N 316 
PRO HXT  H  N N 317 
SER N    N  N N 318 
SER CA   C  N S 319 
SER C    C  N N 320 
SER O    O  N N 321 
SER CB   C  N N 322 
SER OG   O  N N 323 
SER OXT  O  N N 324 
SER H    H  N N 325 
SER H2   H  N N 326 
SER HA   H  N N 327 
SER HB2  H  N N 328 
SER HB3  H  N N 329 
SER HG   H  N N 330 
SER HXT  H  N N 331 
THR N    N  N N 332 
THR CA   C  N S 333 
THR C    C  N N 334 
THR O    O  N N 335 
THR CB   C  N R 336 
THR OG1  O  N N 337 
THR CG2  C  N N 338 
THR OXT  O  N N 339 
THR H    H  N N 340 
THR H2   H  N N 341 
THR HA   H  N N 342 
THR HB   H  N N 343 
THR HG1  H  N N 344 
THR HG21 H  N N 345 
THR HG22 H  N N 346 
THR HG23 H  N N 347 
THR HXT  H  N N 348 
TRP N    N  N N 349 
TRP CA   C  N S 350 
TRP C    C  N N 351 
TRP O    O  N N 352 
TRP CB   C  N N 353 
TRP CG   C  Y N 354 
TRP CD1  C  Y N 355 
TRP CD2  C  Y N 356 
TRP NE1  N  Y N 357 
TRP CE2  C  Y N 358 
TRP CE3  C  Y N 359 
TRP CZ2  C  Y N 360 
TRP CZ3  C  Y N 361 
TRP CH2  C  Y N 362 
TRP OXT  O  N N 363 
TRP H    H  N N 364 
TRP H2   H  N N 365 
TRP HA   H  N N 366 
TRP HB2  H  N N 367 
TRP HB3  H  N N 368 
TRP HD1  H  N N 369 
TRP HE1  H  N N 370 
TRP HE3  H  N N 371 
TRP HZ2  H  N N 372 
TRP HZ3  H  N N 373 
TRP HH2  H  N N 374 
TRP HXT  H  N N 375 
TYR N    N  N N 376 
TYR CA   C  N S 377 
TYR C    C  N N 378 
TYR O    O  N N 379 
TYR CB   C  N N 380 
TYR CG   C  Y N 381 
TYR CD1  C  Y N 382 
TYR CD2  C  Y N 383 
TYR CE1  C  Y N 384 
TYR CE2  C  Y N 385 
TYR CZ   C  Y N 386 
TYR OH   O  N N 387 
TYR OXT  O  N N 388 
TYR H    H  N N 389 
TYR H2   H  N N 390 
TYR HA   H  N N 391 
TYR HB2  H  N N 392 
TYR HB3  H  N N 393 
TYR HD1  H  N N 394 
TYR HD2  H  N N 395 
TYR HE1  H  N N 396 
TYR HE2  H  N N 397 
TYR HH   H  N N 398 
TYR HXT  H  N N 399 
VAL N    N  N N 400 
VAL CA   C  N S 401 
VAL C    C  N N 402 
VAL O    O  N N 403 
VAL CB   C  N N 404 
VAL CG1  C  N N 405 
VAL CG2  C  N N 406 
VAL OXT  O  N N 407 
VAL H    H  N N 408 
VAL H2   H  N N 409 
VAL HA   H  N N 410 
VAL HB   H  N N 411 
VAL HG11 H  N N 412 
VAL HG12 H  N N 413 
VAL HG13 H  N N 414 
VAL HG21 H  N N 415 
VAL HG22 H  N N 416 
VAL HG23 H  N N 417 
VAL HXT  H  N N 418 
# 
loop_
_chem_comp_bond.comp_id 
_chem_comp_bond.atom_id_1 
_chem_comp_bond.atom_id_2 
_chem_comp_bond.value_order 
_chem_comp_bond.pdbx_aromatic_flag 
_chem_comp_bond.pdbx_stereo_config 
_chem_comp_bond.pdbx_ordinal 
ALA N   CA   sing N N 1   
ALA N   H    sing N N 2   
ALA N   H2   sing N N 3   
ALA CA  C    sing N N 4   
ALA CA  CB   sing N N 5   
ALA CA  HA   sing N N 6   
ALA C   O    doub N N 7   
ALA C   OXT  sing N N 8   
ALA CB  HB1  sing N N 9   
ALA CB  HB2  sing N N 10  
ALA CB  HB3  sing N N 11  
ALA OXT HXT  sing N N 12  
ARG N   CA   sing N N 13  
ARG N   H    sing N N 14  
ARG N   H2   sing N N 15  
ARG CA  C    sing N N 16  
ARG CA  CB   sing N N 17  
ARG CA  HA   sing N N 18  
ARG C   O    doub N N 19  
ARG C   OXT  sing N N 20  
ARG CB  CG   sing N N 21  
ARG CB  HB2  sing N N 22  
ARG CB  HB3  sing N N 23  
ARG CG  CD   sing N N 24  
ARG CG  HG2  sing N N 25  
ARG CG  HG3  sing N N 26  
ARG CD  NE   sing N N 27  
ARG CD  HD2  sing N N 28  
ARG CD  HD3  sing N N 29  
ARG NE  CZ   sing N N 30  
ARG NE  HE   sing N N 31  
ARG CZ  NH1  sing N N 32  
ARG CZ  NH2  doub N N 33  
ARG NH1 HH11 sing N N 34  
ARG NH1 HH12 sing N N 35  
ARG NH2 HH21 sing N N 36  
ARG NH2 HH22 sing N N 37  
ARG OXT HXT  sing N N 38  
ASN N   CA   sing N N 39  
ASN N   H    sing N N 40  
ASN N   H2   sing N N 41  
ASN CA  C    sing N N 42  
ASN CA  CB   sing N N 43  
ASN CA  HA   sing N N 44  
ASN C   O    doub N N 45  
ASN C   OXT  sing N N 46  
ASN CB  CG   sing N N 47  
ASN CB  HB2  sing N N 48  
ASN CB  HB3  sing N N 49  
ASN CG  OD1  doub N N 50  
ASN CG  ND2  sing N N 51  
ASN ND2 HD21 sing N N 52  
ASN ND2 HD22 sing N N 53  
ASN OXT HXT  sing N N 54  
ASP N   CA   sing N N 55  
ASP N   H    sing N N 56  
ASP N   H2   sing N N 57  
ASP CA  C    sing N N 58  
ASP CA  CB   sing N N 59  
ASP CA  HA   sing N N 60  
ASP C   O    doub N N 61  
ASP C   OXT  sing N N 62  
ASP CB  CG   sing N N 63  
ASP CB  HB2  sing N N 64  
ASP CB  HB3  sing N N 65  
ASP CG  OD1  doub N N 66  
ASP CG  OD2  sing N N 67  
ASP OD2 HD2  sing N N 68  
ASP OXT HXT  sing N N 69  
FMT C   O1   doub N N 70  
FMT C   O2   sing N N 71  
FMT C   H    sing N N 72  
FMT O2  HO2  sing N N 73  
GLN N   CA   sing N N 74  
GLN N   H    sing N N 75  
GLN N   H2   sing N N 76  
GLN CA  C    sing N N 77  
GLN CA  CB   sing N N 78  
GLN CA  HA   sing N N 79  
GLN C   O    doub N N 80  
GLN C   OXT  sing N N 81  
GLN CB  CG   sing N N 82  
GLN CB  HB2  sing N N 83  
GLN CB  HB3  sing N N 84  
GLN CG  CD   sing N N 85  
GLN CG  HG2  sing N N 86  
GLN CG  HG3  sing N N 87  
GLN CD  OE1  doub N N 88  
GLN CD  NE2  sing N N 89  
GLN NE2 HE21 sing N N 90  
GLN NE2 HE22 sing N N 91  
GLN OXT HXT  sing N N 92  
GLU N   CA   sing N N 93  
GLU N   H    sing N N 94  
GLU N   H2   sing N N 95  
GLU CA  C    sing N N 96  
GLU CA  CB   sing N N 97  
GLU CA  HA   sing N N 98  
GLU C   O    doub N N 99  
GLU C   OXT  sing N N 100 
GLU CB  CG   sing N N 101 
GLU CB  HB2  sing N N 102 
GLU CB  HB3  sing N N 103 
GLU CG  CD   sing N N 104 
GLU CG  HG2  sing N N 105 
GLU CG  HG3  sing N N 106 
GLU CD  OE1  doub N N 107 
GLU CD  OE2  sing N N 108 
GLU OE2 HE2  sing N N 109 
GLU OXT HXT  sing N N 110 
GLY N   CA   sing N N 111 
GLY N   H    sing N N 112 
GLY N   H2   sing N N 113 
GLY CA  C    sing N N 114 
GLY CA  HA2  sing N N 115 
GLY CA  HA3  sing N N 116 
GLY C   O    doub N N 117 
GLY C   OXT  sing N N 118 
GLY OXT HXT  sing N N 119 
HIS N   CA   sing N N 120 
HIS N   H    sing N N 121 
HIS N   H2   sing N N 122 
HIS CA  C    sing N N 123 
HIS CA  CB   sing N N 124 
HIS CA  HA   sing N N 125 
HIS C   O    doub N N 126 
HIS C   OXT  sing N N 127 
HIS CB  CG   sing N N 128 
HIS CB  HB2  sing N N 129 
HIS CB  HB3  sing N N 130 
HIS CG  ND1  sing Y N 131 
HIS CG  CD2  doub Y N 132 
HIS ND1 CE1  doub Y N 133 
HIS ND1 HD1  sing N N 134 
HIS CD2 NE2  sing Y N 135 
HIS CD2 HD2  sing N N 136 
HIS CE1 NE2  sing Y N 137 
HIS CE1 HE1  sing N N 138 
HIS NE2 HE2  sing N N 139 
HIS OXT HXT  sing N N 140 
HOH O   H1   sing N N 141 
HOH O   H2   sing N N 142 
ILE N   CA   sing N N 143 
ILE N   H    sing N N 144 
ILE N   H2   sing N N 145 
ILE CA  C    sing N N 146 
ILE CA  CB   sing N N 147 
ILE CA  HA   sing N N 148 
ILE C   O    doub N N 149 
ILE C   OXT  sing N N 150 
ILE CB  CG1  sing N N 151 
ILE CB  CG2  sing N N 152 
ILE CB  HB   sing N N 153 
ILE CG1 CD1  sing N N 154 
ILE CG1 HG12 sing N N 155 
ILE CG1 HG13 sing N N 156 
ILE CG2 HG21 sing N N 157 
ILE CG2 HG22 sing N N 158 
ILE CG2 HG23 sing N N 159 
ILE CD1 HD11 sing N N 160 
ILE CD1 HD12 sing N N 161 
ILE CD1 HD13 sing N N 162 
ILE OXT HXT  sing N N 163 
LEU N   CA   sing N N 164 
LEU N   H    sing N N 165 
LEU N   H2   sing N N 166 
LEU CA  C    sing N N 167 
LEU CA  CB   sing N N 168 
LEU CA  HA   sing N N 169 
LEU C   O    doub N N 170 
LEU C   OXT  sing N N 171 
LEU CB  CG   sing N N 172 
LEU CB  HB2  sing N N 173 
LEU CB  HB3  sing N N 174 
LEU CG  CD1  sing N N 175 
LEU CG  CD2  sing N N 176 
LEU CG  HG   sing N N 177 
LEU CD1 HD11 sing N N 178 
LEU CD1 HD12 sing N N 179 
LEU CD1 HD13 sing N N 180 
LEU CD2 HD21 sing N N 181 
LEU CD2 HD22 sing N N 182 
LEU CD2 HD23 sing N N 183 
LEU OXT HXT  sing N N 184 
LYS N   CA   sing N N 185 
LYS N   H    sing N N 186 
LYS N   H2   sing N N 187 
LYS CA  C    sing N N 188 
LYS CA  CB   sing N N 189 
LYS CA  HA   sing N N 190 
LYS C   O    doub N N 191 
LYS C   OXT  sing N N 192 
LYS CB  CG   sing N N 193 
LYS CB  HB2  sing N N 194 
LYS CB  HB3  sing N N 195 
LYS CG  CD   sing N N 196 
LYS CG  HG2  sing N N 197 
LYS CG  HG3  sing N N 198 
LYS CD  CE   sing N N 199 
LYS CD  HD2  sing N N 200 
LYS CD  HD3  sing N N 201 
LYS CE  NZ   sing N N 202 
LYS CE  HE2  sing N N 203 
LYS CE  HE3  sing N N 204 
LYS NZ  HZ1  sing N N 205 
LYS NZ  HZ2  sing N N 206 
LYS NZ  HZ3  sing N N 207 
LYS OXT HXT  sing N N 208 
MET N   CA   sing N N 209 
MET N   H    sing N N 210 
MET N   H2   sing N N 211 
MET CA  C    sing N N 212 
MET CA  CB   sing N N 213 
MET CA  HA   sing N N 214 
MET C   O    doub N N 215 
MET C   OXT  sing N N 216 
MET CB  CG   sing N N 217 
MET CB  HB2  sing N N 218 
MET CB  HB3  sing N N 219 
MET CG  SD   sing N N 220 
MET CG  HG2  sing N N 221 
MET CG  HG3  sing N N 222 
MET SD  CE   sing N N 223 
MET CE  HE1  sing N N 224 
MET CE  HE2  sing N N 225 
MET CE  HE3  sing N N 226 
MET OXT HXT  sing N N 227 
MSE N   CA   sing N N 228 
MSE N   H    sing N N 229 
MSE N   H2   sing N N 230 
MSE CA  C    sing N N 231 
MSE CA  CB   sing N N 232 
MSE CA  HA   sing N N 233 
MSE C   O    doub N N 234 
MSE C   OXT  sing N N 235 
MSE OXT HXT  sing N N 236 
MSE CB  CG   sing N N 237 
MSE CB  HB2  sing N N 238 
MSE CB  HB3  sing N N 239 
MSE CG  SE   sing N N 240 
MSE CG  HG2  sing N N 241 
MSE CG  HG3  sing N N 242 
MSE SE  CE   sing N N 243 
MSE CE  HE1  sing N N 244 
MSE CE  HE2  sing N N 245 
MSE CE  HE3  sing N N 246 
PEG C1  O1   sing N N 247 
PEG C1  C2   sing N N 248 
PEG C1  H11  sing N N 249 
PEG C1  H12  sing N N 250 
PEG O1  HO1  sing N N 251 
PEG C2  O2   sing N N 252 
PEG C2  H21  sing N N 253 
PEG C2  H22  sing N N 254 
PEG O2  C3   sing N N 255 
PEG C3  C4   sing N N 256 
PEG C3  H31  sing N N 257 
PEG C3  H32  sing N N 258 
PEG C4  O4   sing N N 259 
PEG C4  H41  sing N N 260 
PEG C4  H42  sing N N 261 
PEG O4  HO4  sing N N 262 
PHE N   CA   sing N N 263 
PHE N   H    sing N N 264 
PHE N   H2   sing N N 265 
PHE CA  C    sing N N 266 
PHE CA  CB   sing N N 267 
PHE CA  HA   sing N N 268 
PHE C   O    doub N N 269 
PHE C   OXT  sing N N 270 
PHE CB  CG   sing N N 271 
PHE CB  HB2  sing N N 272 
PHE CB  HB3  sing N N 273 
PHE CG  CD1  doub Y N 274 
PHE CG  CD2  sing Y N 275 
PHE CD1 CE1  sing Y N 276 
PHE CD1 HD1  sing N N 277 
PHE CD2 CE2  doub Y N 278 
PHE CD2 HD2  sing N N 279 
PHE CE1 CZ   doub Y N 280 
PHE CE1 HE1  sing N N 281 
PHE CE2 CZ   sing Y N 282 
PHE CE2 HE2  sing N N 283 
PHE CZ  HZ   sing N N 284 
PHE OXT HXT  sing N N 285 
PRO N   CA   sing N N 286 
PRO N   CD   sing N N 287 
PRO N   H    sing N N 288 
PRO CA  C    sing N N 289 
PRO CA  CB   sing N N 290 
PRO CA  HA   sing N N 291 
PRO C   O    doub N N 292 
PRO C   OXT  sing N N 293 
PRO CB  CG   sing N N 294 
PRO CB  HB2  sing N N 295 
PRO CB  HB3  sing N N 296 
PRO CG  CD   sing N N 297 
PRO CG  HG2  sing N N 298 
PRO CG  HG3  sing N N 299 
PRO CD  HD2  sing N N 300 
PRO CD  HD3  sing N N 301 
PRO OXT HXT  sing N N 302 
SER N   CA   sing N N 303 
SER N   H    sing N N 304 
SER N   H2   sing N N 305 
SER CA  C    sing N N 306 
SER CA  CB   sing N N 307 
SER CA  HA   sing N N 308 
SER C   O    doub N N 309 
SER C   OXT  sing N N 310 
SER CB  OG   sing N N 311 
SER CB  HB2  sing N N 312 
SER CB  HB3  sing N N 313 
SER OG  HG   sing N N 314 
SER OXT HXT  sing N N 315 
THR N   CA   sing N N 316 
THR N   H    sing N N 317 
THR N   H2   sing N N 318 
THR CA  C    sing N N 319 
THR CA  CB   sing N N 320 
THR CA  HA   sing N N 321 
THR C   O    doub N N 322 
THR C   OXT  sing N N 323 
THR CB  OG1  sing N N 324 
THR CB  CG2  sing N N 325 
THR CB  HB   sing N N 326 
THR OG1 HG1  sing N N 327 
THR CG2 HG21 sing N N 328 
THR CG2 HG22 sing N N 329 
THR CG2 HG23 sing N N 330 
THR OXT HXT  sing N N 331 
TRP N   CA   sing N N 332 
TRP N   H    sing N N 333 
TRP N   H2   sing N N 334 
TRP CA  C    sing N N 335 
TRP CA  CB   sing N N 336 
TRP CA  HA   sing N N 337 
TRP C   O    doub N N 338 
TRP C   OXT  sing N N 339 
TRP CB  CG   sing N N 340 
TRP CB  HB2  sing N N 341 
TRP CB  HB3  sing N N 342 
TRP CG  CD1  doub Y N 343 
TRP CG  CD2  sing Y N 344 
TRP CD1 NE1  sing Y N 345 
TRP CD1 HD1  sing N N 346 
TRP CD2 CE2  doub Y N 347 
TRP CD2 CE3  sing Y N 348 
TRP NE1 CE2  sing Y N 349 
TRP NE1 HE1  sing N N 350 
TRP CE2 CZ2  sing Y N 351 
TRP CE3 CZ3  doub Y N 352 
TRP CE3 HE3  sing N N 353 
TRP CZ2 CH2  doub Y N 354 
TRP CZ2 HZ2  sing N N 355 
TRP CZ3 CH2  sing Y N 356 
TRP CZ3 HZ3  sing N N 357 
TRP CH2 HH2  sing N N 358 
TRP OXT HXT  sing N N 359 
TYR N   CA   sing N N 360 
TYR N   H    sing N N 361 
TYR N   H2   sing N N 362 
TYR CA  C    sing N N 363 
TYR CA  CB   sing N N 364 
TYR CA  HA   sing N N 365 
TYR C   O    doub N N 366 
TYR C   OXT  sing N N 367 
TYR CB  CG   sing N N 368 
TYR CB  HB2  sing N N 369 
TYR CB  HB3  sing N N 370 
TYR CG  CD1  doub Y N 371 
TYR CG  CD2  sing Y N 372 
TYR CD1 CE1  sing Y N 373 
TYR CD1 HD1  sing N N 374 
TYR CD2 CE2  doub Y N 375 
TYR CD2 HD2  sing N N 376 
TYR CE1 CZ   doub Y N 377 
TYR CE1 HE1  sing N N 378 
TYR CE2 CZ   sing Y N 379 
TYR CE2 HE2  sing N N 380 
TYR CZ  OH   sing N N 381 
TYR OH  HH   sing N N 382 
TYR OXT HXT  sing N N 383 
VAL N   CA   sing N N 384 
VAL N   H    sing N N 385 
VAL N   H2   sing N N 386 
VAL CA  C    sing N N 387 
VAL CA  CB   sing N N 388 
VAL CA  HA   sing N N 389 
VAL C   O    doub N N 390 
VAL C   OXT  sing N N 391 
VAL CB  CG1  sing N N 392 
VAL CB  CG2  sing N N 393 
VAL CB  HB   sing N N 394 
VAL CG1 HG11 sing N N 395 
VAL CG1 HG12 sing N N 396 
VAL CG1 HG13 sing N N 397 
VAL CG2 HG21 sing N N 398 
VAL CG2 HG22 sing N N 399 
VAL CG2 HG23 sing N N 400 
VAL OXT HXT  sing N N 401 
# 
_atom_sites.entry_id                    2P0T 
_atom_sites.fract_transf_matrix[1][1]   0.02174729 
_atom_sites.fract_transf_matrix[1][2]   -0.00171694 
_atom_sites.fract_transf_matrix[1][3]   -0.01032017 
_atom_sites.fract_transf_matrix[2][1]   0.01632730 
_atom_sites.fract_transf_matrix[2][2]   -0.01546087 
_atom_sites.fract_transf_matrix[2][3]   0.00876256 
_atom_sites.fract_transf_matrix[3][1]   -0.00270813 
_atom_sites.fract_transf_matrix[3][2]   -0.00556911 
_atom_sites.fract_transf_matrix[3][3]   -0.00478021 
_atom_sites.fract_transf_vector[1]      0.701013 
_atom_sites.fract_transf_vector[2]      -0.238392 
_atom_sites.fract_transf_vector[3]      -0.047510 
# 
loop_
_atom_type.symbol 
C  
N  
O  
SE 
# 
loop_
_atom_site.group_PDB 
_atom_site.id 
_atom_site.type_symbol 
_atom_site.label_atom_id 
_atom_site.label_alt_id 
_atom_site.label_comp_id 
_atom_site.label_asym_id 
_atom_site.label_entity_id 
_atom_site.label_seq_id 
_atom_site.pdbx_PDB_ins_code 
_atom_site.Cartn_x 
_atom_site.Cartn_y 
_atom_site.Cartn_z 
_atom_site.occupancy 
_atom_site.B_iso_or_equiv 
_atom_site.pdbx_formal_charge 
_atom_site.auth_seq_id 
_atom_site.auth_comp_id 
_atom_site.auth_asym_id 
_atom_site.auth_atom_id 
_atom_site.pdbx_PDB_model_num 
ATOM   1    N  N   . LEU A 1 25  ? 22.392  -6.916  -14.691 1.00 68.62 ? 22  LEU A N   1 
ATOM   2    C  CA  . LEU A 1 25  ? 22.825  -8.342  -14.435 1.00 68.64 ? 22  LEU A CA  1 
ATOM   3    C  C   . LEU A 1 25  ? 21.779  -9.171  -13.604 1.00 69.07 ? 22  LEU A C   1 
ATOM   4    O  O   . LEU A 1 25  ? 20.729  -9.612  -14.126 1.00 68.19 ? 22  LEU A O   1 
ATOM   5    C  CB  . LEU A 1 25  ? 24.216  -8.362  -13.785 1.00 68.38 ? 22  LEU A CB  1 
ATOM   6    C  CG  . LEU A 1 25  ? 24.564  -7.437  -12.606 1.00 68.58 ? 22  LEU A CG  1 
ATOM   7    C  CD1 . LEU A 1 25  ? 25.917  -7.826  -11.991 1.00 69.04 ? 22  LEU A CD1 1 
ATOM   8    C  CD2 . LEU A 1 25  ? 24.562  -5.955  -12.987 1.00 69.44 ? 22  LEU A CD2 1 
ATOM   9    N  N   . HIS A 1 26  ? 22.071  -9.395  -12.321 1.00 68.87 ? 23  HIS A N   1 
ATOM   10   C  CA  . HIS A 1 26  ? 21.066  -9.907  -11.421 1.00 68.63 ? 23  HIS A CA  1 
ATOM   11   C  C   . HIS A 1 26  ? 19.861  -8.898  -11.508 1.00 67.73 ? 23  HIS A C   1 
ATOM   12   O  O   . HIS A 1 26  ? 18.723  -9.276  -11.827 1.00 66.49 ? 23  HIS A O   1 
ATOM   13   C  CB  . HIS A 1 26  ? 21.674  -10.130 -10.010 1.00 69.17 ? 23  HIS A CB  1 
ATOM   14   C  CG  . HIS A 1 26  ? 20.764  -10.870 -9.070  1.00 72.12 ? 23  HIS A CG  1 
ATOM   15   N  ND1 . HIS A 1 26  ? 20.247  -12.119 -9.357  1.00 74.37 ? 23  HIS A ND1 1 
ATOM   16   C  CD2 . HIS A 1 26  ? 20.247  -10.516 -7.866  1.00 74.25 ? 23  HIS A CD2 1 
ATOM   17   C  CE1 . HIS A 1 26  ? 19.445  -12.499 -8.377  1.00 76.36 ? 23  HIS A CE1 1 
ATOM   18   N  NE2 . HIS A 1 26  ? 19.423  -11.540 -7.463  1.00 76.99 ? 23  HIS A NE2 1 
ATOM   19   N  N   . ALA A 1 27  ? 20.181  -7.613  -11.311 1.00 66.59 ? 24  ALA A N   1 
ATOM   20   C  CA  . ALA A 1 27  ? 19.313  -6.445  -11.583 1.00 64.72 ? 24  ALA A CA  1 
ATOM   21   C  C   . ALA A 1 27  ? 18.255  -6.515  -12.740 1.00 63.03 ? 24  ALA A C   1 
ATOM   22   O  O   . ALA A 1 27  ? 17.080  -6.250  -12.506 1.00 62.18 ? 24  ALA A O   1 
ATOM   23   C  CB  . ALA A 1 27  ? 20.214  -5.193  -11.727 1.00 64.77 ? 24  ALA A CB  1 
ATOM   24   N  N   . LEU A 1 28  ? 18.636  -6.865  -13.974 1.00 61.61 ? 25  LEU A N   1 
ATOM   25   C  CA  . LEU A 1 28  ? 17.619  -6.908  -15.052 1.00 60.62 ? 25  LEU A CA  1 
ATOM   26   C  C   . LEU A 1 28  ? 16.647  -8.062  -14.841 1.00 58.83 ? 25  LEU A C   1 
ATOM   27   O  O   . LEU A 1 28  ? 15.490  -8.024  -15.288 1.00 56.44 ? 25  LEU A O   1 
ATOM   28   C  CB  . LEU A 1 28  ? 18.243  -7.107  -16.428 1.00 60.66 ? 25  LEU A CB  1 
ATOM   29   C  CG  . LEU A 1 28  ? 19.025  -6.035  -17.173 1.00 63.27 ? 25  LEU A CG  1 
ATOM   30   C  CD1 . LEU A 1 28  ? 19.784  -6.754  -18.313 1.00 64.15 ? 25  LEU A CD1 1 
ATOM   31   C  CD2 . LEU A 1 28  ? 18.170  -4.832  -17.703 1.00 66.37 ? 25  LEU A CD2 1 
ATOM   32   N  N   . VAL A 1 29  ? 17.116  -9.092  -14.185 1.00 58.10 ? 26  VAL A N   1 
ATOM   33   C  CA  . VAL A 1 29  ? 16.298  -10.250 -14.032 1.00 58.49 ? 26  VAL A CA  1 
ATOM   34   C  C   . VAL A 1 29  ? 15.416  -10.032 -12.841 1.00 58.51 ? 26  VAL A C   1 
ATOM   35   O  O   . VAL A 1 29  ? 14.298  -10.480 -12.821 1.00 58.86 ? 26  VAL A O   1 
ATOM   36   C  CB  . VAL A 1 29  ? 17.138  -11.478 -13.818 1.00 58.61 ? 26  VAL A CB  1 
ATOM   37   C  CG1 . VAL A 1 29  ? 18.526  -11.219 -14.262 1.00 58.19 ? 26  VAL A CG1 1 
ATOM   38   C  CG2 . VAL A 1 29  ? 17.106  -11.885 -12.390 1.00 58.20 ? 26  VAL A CG2 1 
ATOM   39   N  N   . ASP A 1 30  ? 15.950  -9.332  -11.855 1.00 57.26 ? 27  ASP A N   1 
ATOM   40   C  CA  . ASP A 1 30  ? 15.184  -8.794  -10.731 1.00 57.95 ? 27  ASP A CA  1 
ATOM   41   C  C   . ASP A 1 30  ? 14.076  -7.856  -11.204 1.00 57.42 ? 27  ASP A C   1 
ATOM   42   O  O   . ASP A 1 30  ? 12.966  -7.989  -10.790 1.00 56.67 ? 27  ASP A O   1 
ATOM   43   C  CB  . ASP A 1 30  ? 16.065  -8.046  -9.729  1.00 57.54 ? 27  ASP A CB  1 
ATOM   44   C  CG  . ASP A 1 30  ? 16.867  -8.973  -8.818  1.00 60.47 ? 27  ASP A CG  1 
ATOM   45   O  OD1 . ASP A 1 30  ? 16.426  -10.121 -8.546  1.00 62.67 ? 27  ASP A OD1 1 
ATOM   46   O  OD2 . ASP A 1 30  ? 17.958  -8.529  -8.348  1.00 65.07 ? 27  ASP A OD2 1 
ATOM   47   N  N   . LEU A 1 31  ? 14.406  -6.924  -12.092 1.00 58.10 ? 28  LEU A N   1 
ATOM   48   C  CA  . LEU A 1 31  ? 13.437  -6.038  -12.749 1.00 58.26 ? 28  LEU A CA  1 
ATOM   49   C  C   . LEU A 1 31  ? 12.371  -6.848  -13.388 1.00 59.22 ? 28  LEU A C   1 
ATOM   50   O  O   . LEU A 1 31  ? 11.146  -6.559  -13.293 1.00 57.54 ? 28  LEU A O   1 
ATOM   51   C  CB  . LEU A 1 31  ? 14.106  -5.241  -13.888 1.00 59.08 ? 28  LEU A CB  1 
ATOM   52   C  CG  . LEU A 1 31  ? 13.458  -3.903  -14.252 1.00 61.12 ? 28  LEU A CG  1 
ATOM   53   C  CD1 . LEU A 1 31  ? 13.886  -3.419  -15.620 1.00 62.10 ? 28  LEU A CD1 1 
ATOM   54   C  CD2 . LEU A 1 31  ? 12.006  -3.960  -14.178 1.00 63.12 ? 28  LEU A CD2 1 
ATOM   55   N  N   . GLY A 1 32  ? 12.856  -7.861  -14.100 1.00 60.06 ? 29  GLY A N   1 
ATOM   56   C  CA  . GLY A 1 32  ? 12.003  -8.675  -14.947 1.00 61.06 ? 29  GLY A CA  1 
ATOM   57   C  C   . GLY A 1 32  ? 10.948  -9.303  -14.139 1.00 61.69 ? 29  GLY A C   1 
ATOM   58   O  O   . GLY A 1 32  ? 9.791   -9.206  -14.500 1.00 61.11 ? 29  GLY A O   1 
ATOM   59   N  N   . GLU A 1 33  ? 11.344  -9.944  -13.036 1.00 63.49 ? 30  GLU A N   1 
ATOM   60   C  CA  . GLU A 1 33  ? 10.341  -10.670 -12.234 1.00 66.06 ? 30  GLU A CA  1 
ATOM   61   C  C   . GLU A 1 33  ? 9.405   -9.755  -11.452 1.00 64.59 ? 30  GLU A C   1 
ATOM   62   O  O   . GLU A 1 33  ? 8.260   -10.140 -11.238 1.00 64.93 ? 30  GLU A O   1 
ATOM   63   C  CB  . GLU A 1 33  ? 10.906  -11.790 -11.332 1.00 65.80 ? 30  GLU A CB  1 
ATOM   64   C  CG  . GLU A 1 33  ? 11.920  -11.373 -10.278 1.00 68.82 ? 30  GLU A CG  1 
ATOM   65   C  CD  . GLU A 1 33  ? 12.316  -12.590 -9.386  1.00 71.36 ? 30  GLU A CD  1 
ATOM   66   O  OE1 . GLU A 1 33  ? 13.532  -12.693 -8.925  1.00 73.47 ? 30  GLU A OE1 1 
ATOM   67   O  OE2 . GLU A 1 33  ? 11.374  -13.439 -9.167  1.00 74.81 ? 30  GLU A OE2 1 
ATOM   68   N  N   . ARG A 1 34  ? 9.883   -8.562  -11.043 1.00 63.06 ? 31  ARG A N   1 
ATOM   69   C  CA  . ARG A 1 34  ? 9.021   -7.547  -10.442 1.00 60.07 ? 31  ARG A CA  1 
ATOM   70   C  C   . ARG A 1 34  ? 7.800   -7.249  -11.394 1.00 60.23 ? 31  ARG A C   1 
ATOM   71   O  O   . ARG A 1 34  ? 6.634   -7.417  -11.032 1.00 60.07 ? 31  ARG A O   1 
ATOM   72   C  CB  . ARG A 1 34  ? 9.860   -6.323  -10.157 1.00 60.60 ? 31  ARG A CB  1 
ATOM   73   C  CG  . ARG A 1 34  ? 9.069   -5.200  -9.592  1.00 64.39 ? 31  ARG A CG  1 
ATOM   74   C  CD  . ARG A 1 34  ? 8.522   -5.565  -8.220  1.00 66.78 ? 31  ARG A CD  1 
ATOM   75   N  NE  . ARG A 1 34  ? 7.406   -4.722  -7.810  1.00 65.83 ? 31  ARG A NE  1 
ATOM   76   C  CZ  . ARG A 1 34  ? 7.526   -3.473  -7.308  1.00 65.88 ? 31  ARG A CZ  1 
ATOM   77   N  NH1 . ARG A 1 34  ? 6.410   -2.806  -6.903  1.00 66.48 ? 31  ARG A NH1 1 
ATOM   78   N  NH2 . ARG A 1 34  ? 8.731   -2.884  -7.202  1.00 58.62 ? 31  ARG A NH2 1 
ATOM   79   N  N   . LEU A 1 35  ? 8.069   -6.974  -12.652 1.00 58.60 ? 32  LEU A N   1 
ATOM   80   C  CA  . LEU A 1 35  ? 7.023   -6.900  -13.759 1.00 57.41 ? 32  LEU A CA  1 
ATOM   81   C  C   . LEU A 1 35  ? 5.924   -7.987  -13.753 1.00 57.58 ? 32  LEU A C   1 
ATOM   82   O  O   . LEU A 1 35  ? 4.810   -7.726  -14.073 1.00 59.05 ? 32  LEU A O   1 
ATOM   83   C  CB  . LEU A 1 35  ? 7.755   -6.912  -15.115 1.00 54.03 ? 32  LEU A CB  1 
ATOM   84   C  CG  . LEU A 1 35  ? 8.009   -5.468  -15.670 1.00 56.23 ? 32  LEU A CG  1 
ATOM   85   C  CD1 . LEU A 1 35  ? 8.227   -4.395  -14.628 1.00 52.98 ? 32  LEU A CD1 1 
ATOM   86   C  CD2 . LEU A 1 35  ? 9.018   -5.399  -16.737 1.00 51.64 ? 32  LEU A CD2 1 
ATOM   87   N  N   . THR A 1 36  ? 6.306   -9.209  -13.433 1.00 56.90 ? 33  THR A N   1 
ATOM   88   C  CA  . THR A 1 36  ? 5.476   -10.419 -13.439 1.00 57.52 ? 33  THR A CA  1 
ATOM   89   C  C   . THR A 1 36  ? 4.502   -10.332 -12.298 1.00 58.73 ? 33  THR A C   1 
ATOM   90   O  O   . THR A 1 36  ? 3.594   -11.113 -12.138 1.00 58.15 ? 33  THR A O   1 
ATOM   91   C  CB  . THR A 1 36  ? 6.500   -11.520 -13.160 1.00 59.76 ? 33  THR A CB  1 
ATOM   92   O  OG1 . THR A 1 36  ? 6.884   -12.310 -14.342 1.00 62.10 ? 33  THR A OG1 1 
ATOM   93   C  CG2 . THR A 1 36  ? 6.393   -12.168 -11.871 1.00 51.91 ? 33  THR A CG2 1 
ATOM   94   N  N   . THR A 1 37  ? 4.684   -9.304  -11.483 1.00 58.11 ? 34  THR A N   1 
ATOM   95   C  CA  . THR A 1 37  ? 3.953   -9.128  -10.217 1.00 58.14 ? 34  THR A CA  1 
ATOM   96   C  C   . THR A 1 37  ? 2.916   -7.981  -10.337 1.00 57.41 ? 34  THR A C   1 
ATOM   97   O  O   . THR A 1 37  ? 2.104   -7.797  -9.464  1.00 55.89 ? 34  THR A O   1 
ATOM   98   C  CB  . THR A 1 37  ? 5.072   -8.764  -9.181  1.00 57.13 ? 34  THR A CB  1 
ATOM   99   O  OG1 . THR A 1 37  ? 5.291   -9.820  -8.233  1.00 61.60 ? 34  THR A OG1 1 
ATOM   100  C  CG2 . THR A 1 37  ? 5.007   -7.475  -8.652  1.00 54.17 ? 34  THR A CG2 1 
ATOM   101  N  N   . LEU A 1 38  ? 2.954   -7.247  -11.467 1.00 57.30 ? 35  LEU A N   1 
ATOM   102  C  CA  . LEU A 1 38  ? 2.092   -6.070  -11.636 1.00 56.85 ? 35  LEU A CA  1 
ATOM   103  C  C   . LEU A 1 38  ? 0.741   -6.339  -12.283 1.00 55.76 ? 35  LEU A C   1 
ATOM   104  O  O   . LEU A 1 38  ? 0.601   -7.180  -13.169 1.00 54.94 ? 35  LEU A O   1 
ATOM   105  C  CB  . LEU A 1 38  ? 2.780   -4.943  -12.407 1.00 54.68 ? 35  LEU A CB  1 
ATOM   106  C  CG  . LEU A 1 38  ? 3.845   -3.995  -11.837 1.00 57.11 ? 35  LEU A CG  1 
ATOM   107  C  CD1 . LEU A 1 38  ? 4.184   -4.048  -10.344 1.00 51.07 ? 35  LEU A CD1 1 
ATOM   108  C  CD2 . LEU A 1 38  ? 5.102   -4.072  -12.732 1.00 56.34 ? 35  LEU A CD2 1 
ATOM   109  N  N   . LYS A 1 39  ? -0.243  -5.574  -11.839 1.00 55.24 ? 36  LYS A N   1 
ATOM   110  C  CA  . LYS A 1 39  ? -1.569  -5.455  -12.581 1.00 56.15 ? 36  LYS A CA  1 
ATOM   111  C  C   . LYS A 1 39  ? -1.456  -4.935  -14.003 1.00 54.34 ? 36  LYS A C   1 
ATOM   112  O  O   . LYS A 1 39  ? -0.706  -4.000  -14.288 1.00 56.19 ? 36  LYS A O   1 
ATOM   113  C  CB  . LYS A 1 39  ? -2.608  -4.630  -11.741 1.00 53.33 ? 36  LYS A CB  1 
ATOM   114  C  CG  . LYS A 1 39  ? -3.152  -5.435  -10.648 1.00 58.66 ? 36  LYS A CG  1 
ATOM   115  C  CD  . LYS A 1 39  ? -4.143  -4.682  -9.649  1.00 58.88 ? 36  LYS A CD  1 
ATOM   116  C  CE  . LYS A 1 39  ? -5.107  -3.621  -10.260 1.00 58.65 ? 36  LYS A CE  1 
ATOM   117  N  NZ  . LYS A 1 39  ? -6.514  -3.700  -9.580  1.00 59.54 ? 36  LYS A NZ  1 
ATOM   118  N  N   . ALA A 1 40  ? -2.235  -5.499  -14.917 1.00 55.22 ? 37  ALA A N   1 
ATOM   119  C  CA  . ALA A 1 40  ? -2.079  -5.284  -16.372 1.00 53.74 ? 37  ALA A CA  1 
ATOM   120  C  C   . ALA A 1 40  ? -2.336  -3.823  -16.751 1.00 54.59 ? 37  ALA A C   1 
ATOM   121  O  O   . ALA A 1 40  ? -1.866  -3.334  -17.779 1.00 56.27 ? 37  ALA A O   1 
ATOM   122  C  CB  . ALA A 1 40  ? -3.058  -6.231  -17.172 1.00 52.03 ? 37  ALA A CB  1 
ATOM   123  N  N   . ASP A 1 41  ? -3.240  -3.230  -16.013 1.00 54.80 ? 38  ASP A N   1 
ATOM   124  C  CA  . ASP A 1 41  ? -3.439  -1.852  -15.777 1.00 58.26 ? 38  ASP A CA  1 
ATOM   125  C  C   . ASP A 1 41  ? -2.185  -0.974  -15.735 1.00 58.48 ? 38  ASP A C   1 
ATOM   126  O  O   . ASP A 1 41  ? -2.046  0.003   -16.401 1.00 57.01 ? 38  ASP A O   1 
ATOM   127  C  CB  . ASP A 1 41  ? -3.983  -1.941  -14.331 1.00 61.23 ? 38  ASP A CB  1 
ATOM   128  C  CG  . ASP A 1 41  ? -4.952  -0.949  -14.086 1.00 66.60 ? 38  ASP A CG  1 
ATOM   129  O  OD1 . ASP A 1 41  ? -5.180  -0.584  -12.911 1.00 70.61 ? 38  ASP A OD1 1 
ATOM   130  O  OD2 . ASP A 1 41  ? -5.482  -0.511  -15.136 1.00 72.93 ? 38  ASP A OD2 1 
ATOM   131  N  N   . VAL A 1 42  ? -1.247  -1.354  -14.882 1.00 59.90 ? 39  VAL A N   1 
ATOM   132  C  CA  . VAL A 1 42  ? -0.006  -0.645  -14.679 1.00 58.73 ? 39  VAL A CA  1 
ATOM   133  C  C   . VAL A 1 42  ? 0.852   -0.968  -15.890 1.00 59.02 ? 39  VAL A C   1 
ATOM   134  O  O   . VAL A 1 42  ? 1.308   -0.075  -16.523 1.00 58.87 ? 39  VAL A O   1 
ATOM   135  C  CB  . VAL A 1 42  ? 0.644   -1.103  -13.336 1.00 59.25 ? 39  VAL A CB  1 
ATOM   136  C  CG1 . VAL A 1 42  ? 2.091   -0.526  -13.149 1.00 61.66 ? 39  VAL A CG1 1 
ATOM   137  C  CG2 . VAL A 1 42  ? -0.216  -0.651  -12.214 1.00 57.81 ? 39  VAL A CG2 1 
ATOM   138  N  N   . LEU A 1 43  ? 1.037   -2.255  -16.229 1.00 60.14 ? 40  LEU A N   1 
ATOM   139  C  CA  . LEU A 1 43  ? 1.831   -2.699  -17.389 1.00 60.03 ? 40  LEU A CA  1 
ATOM   140  C  C   . LEU A 1 43  ? 1.427   -2.040  -18.642 1.00 60.65 ? 40  LEU A C   1 
ATOM   141  O  O   . LEU A 1 43  ? 2.294   -1.753  -19.463 1.00 60.63 ? 40  LEU A O   1 
ATOM   142  C  CB  . LEU A 1 43  ? 1.627   -4.192  -17.618 1.00 61.63 ? 40  LEU A CB  1 
ATOM   143  C  CG  . LEU A 1 43  ? 2.026   -5.195  -16.499 1.00 61.33 ? 40  LEU A CG  1 
ATOM   144  C  CD1 . LEU A 1 43  ? 1.431   -6.583  -16.968 1.00 63.10 ? 40  LEU A CD1 1 
ATOM   145  C  CD2 . LEU A 1 43  ? 3.579   -5.268  -16.357 1.00 58.88 ? 40  LEU A CD2 1 
ATOM   146  N  N   . ALA A 1 44  ? 0.115   -1.835  -18.846 1.00 60.87 ? 41  ALA A N   1 
ATOM   147  C  CA  . ALA A 1 44  ? -0.388  -1.181  -20.088 1.00 61.86 ? 41  ALA A CA  1 
ATOM   148  C  C   . ALA A 1 44  ? 0.168   0.240   -20.249 1.00 62.82 ? 41  ALA A C   1 
ATOM   149  O  O   . ALA A 1 44  ? 0.165   0.743   -21.340 1.00 62.20 ? 41  ALA A O   1 
ATOM   150  C  CB  . ALA A 1 44  ? -1.900  -1.113  -20.100 1.00 60.89 ? 41  ALA A CB  1 
ATOM   151  N  N   . LYS A 1 45  ? 0.590   0.900   -19.149 1.00 63.58 ? 42  LYS A N   1 
ATOM   152  C  CA  . LYS A 1 45  ? 1.202   2.271   -19.149 1.00 64.07 ? 42  LYS A CA  1 
ATOM   153  C  C   . LYS A 1 45  ? 2.734   2.250   -19.377 1.00 64.44 ? 42  LYS A C   1 
ATOM   154  O  O   . LYS A 1 45  ? 3.320   3.314   -19.670 1.00 64.50 ? 42  LYS A O   1 
ATOM   155  C  CB  . LYS A 1 45  ? 1.001   3.053   -17.799 1.00 63.68 ? 42  LYS A CB  1 
ATOM   156  C  CG  . LYS A 1 45  ? -0.326  2.932   -17.011 1.00 68.16 ? 42  LYS A CG  1 
ATOM   157  C  CD  . LYS A 1 45  ? -1.660  3.235   -17.756 1.00 70.75 ? 42  LYS A CD  1 
ATOM   158  C  CE  . LYS A 1 45  ? -1.741  4.614   -18.452 1.00 77.03 ? 42  LYS A CE  1 
ATOM   159  N  NZ  . LYS A 1 45  ? -2.147  5.877   -17.676 1.00 77.54 ? 42  LYS A NZ  1 
ATOM   160  N  N   . LEU A 1 46  ? 3.382   1.087   -19.161 1.00 63.39 ? 43  LEU A N   1 
ATOM   161  C  CA  . LEU A 1 46  ? 4.836   0.897   -19.365 1.00 63.21 ? 43  LEU A CA  1 
ATOM   162  C  C   . LEU A 1 46  ? 5.202   0.676   -20.843 1.00 63.58 ? 43  LEU A C   1 
ATOM   163  O  O   . LEU A 1 46  ? 4.403   0.123   -21.612 1.00 64.69 ? 43  LEU A O   1 
ATOM   164  C  CB  . LEU A 1 46  ? 5.322   -0.284  -18.549 1.00 61.96 ? 43  LEU A CB  1 
ATOM   165  C  CG  . LEU A 1 46  ? 5.706   -0.109  -17.067 1.00 64.24 ? 43  LEU A CG  1 
ATOM   166  C  CD1 . LEU A 1 46  ? 5.043   1.078   -16.289 1.00 63.61 ? 43  LEU A CD1 1 
ATOM   167  C  CD2 . LEU A 1 46  ? 5.511   -1.435  -16.331 1.00 58.19 ? 43  LEU A CD2 1 
ATOM   168  N  N   . PRO A 1 47  ? 6.393   1.140   -21.271 1.00 63.83 ? 44  PRO A N   1 
ATOM   169  C  CA  . PRO A 1 47  ? 6.773   0.893   -22.686 1.00 63.15 ? 44  PRO A CA  1 
ATOM   170  C  C   . PRO A 1 47  ? 7.498   -0.460  -23.017 1.00 64.27 ? 44  PRO A C   1 
ATOM   171  O  O   . PRO A 1 47  ? 8.702   -0.523  -23.442 1.00 65.87 ? 44  PRO A O   1 
ATOM   172  C  CB  . PRO A 1 47  ? 7.597   2.151   -23.035 1.00 63.55 ? 44  PRO A CB  1 
ATOM   173  C  CG  . PRO A 1 47  ? 8.336   2.452   -21.768 1.00 63.25 ? 44  PRO A CG  1 
ATOM   174  C  CD  . PRO A 1 47  ? 7.362   2.039   -20.590 1.00 62.52 ? 44  PRO A CD  1 
ATOM   175  N  N   . LEU A 1 48  ? 6.727   -1.553  -22.920 1.00 62.57 ? 45  LEU A N   1 
ATOM   176  C  CA  . LEU A 1 48  ? 7.226   -2.878  -23.180 1.00 60.34 ? 45  LEU A CA  1 
ATOM   177  C  C   . LEU A 1 48  ? 7.021   -3.263  -24.614 1.00 60.40 ? 45  LEU A C   1 
ATOM   178  O  O   . LEU A 1 48  ? 5.919   -3.094  -25.148 1.00 61.10 ? 45  LEU A O   1 
ATOM   179  C  CB  . LEU A 1 48  ? 6.493   -3.887  -22.300 1.00 59.63 ? 45  LEU A CB  1 
ATOM   180  C  CG  . LEU A 1 48  ? 6.209   -3.321  -20.902 1.00 58.92 ? 45  LEU A CG  1 
ATOM   181  C  CD1 . LEU A 1 48  ? 5.403   -4.325  -19.937 1.00 55.14 ? 45  LEU A CD1 1 
ATOM   182  C  CD2 . LEU A 1 48  ? 7.541   -2.813  -20.248 1.00 52.85 ? 45  LEU A CD2 1 
ATOM   183  N  N   . THR A 1 49  ? 8.069   -3.819  -25.226 1.00 58.68 ? 46  THR A N   1 
ATOM   184  C  CA  . THR A 1 49  ? 7.912   -4.583  -26.472 1.00 58.42 ? 46  THR A CA  1 
ATOM   185  C  C   . THR A 1 49  ? 6.753   -5.640  -26.390 1.00 57.50 ? 46  THR A C   1 
ATOM   186  O  O   . THR A 1 49  ? 6.428   -6.075  -25.309 1.00 59.18 ? 46  THR A O   1 
ATOM   187  C  CB  . THR A 1 49  ? 9.282   -5.231  -26.948 1.00 58.57 ? 46  THR A CB  1 
ATOM   188  O  OG1 . THR A 1 49  ? 9.810   -6.094  -25.938 1.00 57.61 ? 46  THR A OG1 1 
ATOM   189  C  CG2 . THR A 1 49  ? 10.338  -4.163  -27.291 1.00 57.36 ? 46  THR A CG2 1 
ATOM   190  N  N   . ASP A 1 50  ? 6.115   -5.972  -27.511 1.00 57.28 ? 47  ASP A N   1 
ATOM   191  C  CA  . ASP A 1 50  ? 5.173   -7.084  -27.676 1.00 56.84 ? 47  ASP A CA  1 
ATOM   192  C  C   . ASP A 1 50  ? 5.812   -8.381  -27.139 1.00 57.55 ? 47  ASP A C   1 
ATOM   193  O  O   . ASP A 1 50  ? 5.152   -9.223  -26.485 1.00 57.56 ? 47  ASP A O   1 
ATOM   194  C  CB  . ASP A 1 50  ? 4.787   -7.328  -29.197 1.00 57.56 ? 47  ASP A CB  1 
ATOM   195  C  CG  . ASP A 1 50  ? 3.850   -6.233  -29.807 1.00 57.72 ? 47  ASP A CG  1 
ATOM   196  O  OD1 . ASP A 1 50  ? 3.883   -6.016  -31.006 1.00 67.03 ? 47  ASP A OD1 1 
ATOM   197  O  OD2 . ASP A 1 50  ? 3.102   -5.523  -29.119 1.00 66.98 ? 47  ASP A OD2 1 
ATOM   198  N  N   . ALA A 1 51  ? 7.082   -8.604  -27.442 1.00 56.95 ? 48  ALA A N   1 
ATOM   199  C  CA  . ALA A 1 51  ? 7.668   -9.844  -26.947 1.00 56.47 ? 48  ALA A CA  1 
ATOM   200  C  C   . ALA A 1 51  ? 7.646   -9.890  -25.411 1.00 56.24 ? 48  ALA A C   1 
ATOM   201  O  O   . ALA A 1 51  ? 7.347   -10.945 -24.840 1.00 56.68 ? 48  ALA A O   1 
ATOM   202  C  CB  . ALA A 1 51  ? 9.085   -10.126 -27.570 1.00 55.90 ? 48  ALA A CB  1 
ATOM   203  N  N   . LEU A 1 52  ? 7.848   -8.764  -24.737 1.00 57.30 ? 49  LEU A N   1 
ATOM   204  C  CA  . LEU A 1 52  ? 7.740   -8.747  -23.288 1.00 55.11 ? 49  LEU A CA  1 
ATOM   205  C  C   . LEU A 1 52  ? 6.331   -8.924  -22.800 1.00 57.14 ? 49  LEU A C   1 
ATOM   206  O  O   . LEU A 1 52  ? 6.083   -9.730  -21.944 1.00 57.07 ? 49  LEU A O   1 
ATOM   207  C  CB  . LEU A 1 52  ? 8.366   -7.508  -22.668 1.00 56.98 ? 49  LEU A CB  1 
ATOM   208  C  CG  . LEU A 1 52  ? 8.722   -7.553  -21.180 1.00 49.67 ? 49  LEU A CG  1 
ATOM   209  C  CD1 . LEU A 1 52  ? 9.341   -8.828  -20.761 1.00 41.46 ? 49  LEU A CD1 1 
ATOM   210  C  CD2 . LEU A 1 52  ? 9.566   -6.404  -20.779 1.00 52.31 ? 49  LEU A CD2 1 
ATOM   211  N  N   . ARG A 1 53  ? 5.412   -8.161  -23.334 1.00 57.63 ? 50  ARG A N   1 
ATOM   212  C  CA  . ARG A 1 53  ? 4.022   -8.321  -22.946 1.00 58.51 ? 50  ARG A CA  1 
ATOM   213  C  C   . ARG A 1 53  ? 3.618   -9.836  -23.035 1.00 59.22 ? 50  ARG A C   1 
ATOM   214  O  O   . ARG A 1 53  ? 2.984   -10.370 -22.115 1.00 58.12 ? 50  ARG A O   1 
ATOM   215  C  CB  . ARG A 1 53  ? 3.182   -7.446  -23.894 1.00 60.63 ? 50  ARG A CB  1 
ATOM   216  C  CG  . ARG A 1 53  ? 3.535   -6.001  -23.841 1.00 58.99 ? 50  ARG A CG  1 
ATOM   217  C  CD  . ARG A 1 53  ? 2.258   -5.086  -24.064 1.00 62.73 ? 50  ARG A CD  1 
ATOM   218  N  NE  . ARG A 1 53  ? 2.574   -3.638  -24.004 1.00 63.14 ? 50  ARG A NE  1 
ATOM   219  C  CZ  . ARG A 1 53  ? 2.630   -2.899  -22.895 1.00 63.47 ? 50  ARG A CZ  1 
ATOM   220  N  NH1 . ARG A 1 53  ? 2.371   -3.441  -21.718 1.00 62.75 ? 50  ARG A NH1 1 
ATOM   221  N  NH2 . ARG A 1 53  ? 2.922   -1.594  -22.954 1.00 61.56 ? 50  ARG A NH2 1 
ATOM   222  N  N   . LYS A 1 54  ? 4.049   -10.510 -24.122 1.00 57.42 ? 51  LYS A N   1 
ATOM   223  C  CA  . LYS A 1 54  ? 3.727   -11.897 -24.327 1.00 59.67 ? 51  LYS A CA  1 
ATOM   224  C  C   . LYS A 1 54  ? 4.405   -12.763 -23.251 1.00 59.66 ? 51  LYS A C   1 
ATOM   225  O  O   . LYS A 1 54  ? 3.692   -13.481 -22.529 1.00 60.11 ? 51  LYS A O   1 
ATOM   226  C  CB  . LYS A 1 54  ? 4.060   -12.370 -25.768 1.00 58.43 ? 51  LYS A CB  1 
ATOM   227  C  CG  . LYS A 1 54  ? 3.620   -13.799 -26.043 1.00 60.68 ? 51  LYS A CG  1 
ATOM   228  C  CD  . LYS A 1 54  ? 3.465   -14.109 -27.540 1.00 62.75 ? 51  LYS A CD  1 
ATOM   229  C  CE  . LYS A 1 54  ? 4.530   -15.098 -28.011 1.00 65.34 ? 51  LYS A CE  1 
ATOM   230  N  NZ  . LYS A 1 54  ? 3.957   -16.414 -28.340 1.00 62.79 ? 51  LYS A NZ  1 
ATOM   231  N  N   . ALA A 1 55  ? 5.743   -12.648 -23.112 1.00 59.47 ? 52  ALA A N   1 
ATOM   232  C  CA  . ALA A 1 55  ? 6.498   -13.373 -22.086 1.00 58.66 ? 52  ALA A CA  1 
ATOM   233  C  C   . ALA A 1 55  ? 5.835   -13.210 -20.763 1.00 59.72 ? 52  ALA A C   1 
ATOM   234  O  O   . ALA A 1 55  ? 5.734   -14.175 -19.976 1.00 61.22 ? 52  ALA A O   1 
ATOM   235  C  CB  . ALA A 1 55  ? 7.932   -12.914 -22.013 1.00 57.74 ? 52  ALA A CB  1 
ATOM   236  N  N   . LEU A 1 56  ? 5.333   -12.008 -20.502 1.00 59.07 ? 53  LEU A N   1 
ATOM   237  C  CA  . LEU A 1 56  ? 4.748   -11.710 -19.213 1.00 60.33 ? 53  LEU A CA  1 
ATOM   238  C  C   . LEU A 1 56  ? 3.340   -12.316 -19.009 1.00 61.05 ? 53  LEU A C   1 
ATOM   239  O  O   . LEU A 1 56  ? 2.988   -12.620 -17.875 1.00 61.47 ? 53  LEU A O   1 
ATOM   240  C  CB  . LEU A 1 56  ? 4.684   -10.200 -19.005 1.00 61.00 ? 53  LEU A CB  1 
ATOM   241  C  CG  . LEU A 1 56  ? 5.597   -9.336  -18.117 1.00 63.84 ? 53  LEU A CG  1 
ATOM   242  C  CD1 . LEU A 1 56  ? 6.964   -9.856  -17.759 1.00 61.52 ? 53  LEU A CD1 1 
ATOM   243  C  CD2 . LEU A 1 56  ? 5.517   -7.752  -18.534 1.00 56.67 ? 53  LEU A CD2 1 
ATOM   244  N  N   . ALA A 1 57  ? 2.556   -12.510 -20.080 1.00 59.58 ? 54  ALA A N   1 
ATOM   245  C  CA  . ALA A 1 57  ? 1.225   -13.089 -19.917 1.00 60.60 ? 54  ALA A CA  1 
ATOM   246  C  C   . ALA A 1 57  ? 1.375   -14.614 -19.814 1.00 59.19 ? 54  ALA A C   1 
ATOM   247  O  O   . ALA A 1 57  ? 0.587   -15.380 -19.210 1.00 57.86 ? 54  ALA A O   1 
ATOM   248  C  CB  . ALA A 1 57  ? 0.288   -12.694 -21.114 1.00 59.65 ? 54  ALA A CB  1 
ATOM   249  N  N   . GLU A 1 58  ? 2.466   -15.043 -20.398 1.00 58.54 ? 55  GLU A N   1 
ATOM   250  C  CA  . GLU A 1 58  ? 2.722   -16.439 -20.470 1.00 58.51 ? 55  GLU A CA  1 
ATOM   251  C  C   . GLU A 1 58  ? 3.274   -16.881 -19.079 1.00 58.58 ? 55  GLU A C   1 
ATOM   252  O  O   . GLU A 1 58  ? 3.196   -18.055 -18.741 1.00 56.76 ? 55  GLU A O   1 
ATOM   253  C  CB  . GLU A 1 58  ? 3.705   -16.670 -21.640 1.00 57.42 ? 55  GLU A CB  1 
ATOM   254  C  CG  . GLU A 1 58  ? 4.405   -17.993 -21.609 1.00 59.95 ? 55  GLU A CG  1 
ATOM   255  C  CD  . GLU A 1 58  ? 5.458   -18.187 -22.742 1.00 60.76 ? 55  GLU A CD  1 
ATOM   256  O  OE1 . GLU A 1 58  ? 6.307   -19.127 -22.534 1.00 58.36 ? 55  GLU A OE1 1 
ATOM   257  O  OE2 . GLU A 1 58  ? 5.440   -17.400 -23.769 1.00 61.75 ? 55  GLU A OE2 1 
ATOM   258  N  N   . ALA A 1 59  ? 3.827   -15.941 -18.280 1.00 57.18 ? 56  ALA A N   1 
ATOM   259  C  CA  . ALA A 1 59  ? 4.643   -16.327 -17.100 1.00 56.16 ? 56  ALA A CA  1 
ATOM   260  C  C   . ALA A 1 59  ? 3.962   -17.310 -16.105 1.00 57.06 ? 56  ALA A C   1 
ATOM   261  O  O   . ALA A 1 59  ? 4.644   -18.219 -15.587 1.00 57.18 ? 56  ALA A O   1 
ATOM   262  C  CB  . ALA A 1 59  ? 5.189   -15.038 -16.313 1.00 53.83 ? 56  ALA A CB  1 
ATOM   263  N  N   . PRO A 1 60  ? 2.696   -17.061 -15.707 1.00 57.58 ? 57  PRO A N   1 
ATOM   264  C  CA  . PRO A 1 60  ? 2.111   -18.022 -14.755 1.00 57.92 ? 57  PRO A CA  1 
ATOM   265  C  C   . PRO A 1 60  ? 1.900   -19.446 -15.260 1.00 58.66 ? 57  PRO A C   1 
ATOM   266  O  O   . PRO A 1 60  ? 1.621   -20.320 -14.402 1.00 56.76 ? 57  PRO A O   1 
ATOM   267  C  CB  . PRO A 1 60  ? 0.702   -17.453 -14.470 1.00 59.25 ? 57  PRO A CB  1 
ATOM   268  C  CG  . PRO A 1 60  ? 0.504   -16.256 -15.531 1.00 59.43 ? 57  PRO A CG  1 
ATOM   269  C  CD  . PRO A 1 60  ? 1.883   -15.822 -15.837 1.00 58.27 ? 57  PRO A CD  1 
ATOM   270  N  N   . LYS A 1 61  ? 1.956   -19.686 -16.596 1.00 58.08 ? 58  LYS A N   1 
ATOM   271  C  CA  . LYS A 1 61  ? 1.949   -21.079 -17.103 1.00 58.78 ? 58  LYS A CA  1 
ATOM   272  C  C   . LYS A 1 61  ? 3.235   -21.825 -16.727 1.00 58.19 ? 58  LYS A C   1 
ATOM   273  O  O   . LYS A 1 61  ? 3.252   -23.034 -16.691 1.00 56.59 ? 58  LYS A O   1 
ATOM   274  C  CB  . LYS A 1 61  ? 1.620   -21.133 -18.581 1.00 59.97 ? 58  LYS A CB  1 
ATOM   275  C  CG  . LYS A 1 61  ? 0.278   -20.449 -18.825 1.00 63.21 ? 58  LYS A CG  1 
ATOM   276  C  CD  . LYS A 1 61  ? 0.233   -19.793 -20.190 1.00 68.95 ? 58  LYS A CD  1 
ATOM   277  C  CE  . LYS A 1 61  ? -1.110  -19.039 -20.416 1.00 65.61 ? 58  LYS A CE  1 
ATOM   278  N  NZ  . LYS A 1 61  ? -1.230  -17.871 -19.490 1.00 72.36 ? 58  LYS A NZ  1 
ATOM   279  N  N   . HIS A 1 62  ? 4.291   -21.109 -16.362 1.00 58.93 ? 59  HIS A N   1 
ATOM   280  C  CA  . HIS A 1 62  ? 5.473   -21.825 -15.856 1.00 60.05 ? 59  HIS A CA  1 
ATOM   281  C  C   . HIS A 1 62  ? 5.429   -21.992 -14.323 1.00 61.20 ? 59  HIS A C   1 
ATOM   282  O  O   . HIS A 1 62  ? 5.618   -21.050 -13.577 1.00 62.13 ? 59  HIS A O   1 
ATOM   283  C  CB  . HIS A 1 62  ? 6.762   -21.204 -16.409 1.00 59.98 ? 59  HIS A CB  1 
ATOM   284  C  CG  . HIS A 1 62  ? 6.777   -21.139 -17.914 1.00 60.46 ? 59  HIS A CG  1 
ATOM   285  N  ND1 . HIS A 1 62  ? 6.852   -22.264 -18.718 1.00 60.49 ? 59  HIS A ND1 1 
ATOM   286  C  CD2 . HIS A 1 62  ? 6.653   -20.088 -18.762 1.00 60.55 ? 59  HIS A CD2 1 
ATOM   287  C  CE1 . HIS A 1 62  ? 6.822   -21.908 -19.993 1.00 59.53 ? 59  HIS A CE1 1 
ATOM   288  N  NE2 . HIS A 1 62  ? 6.694   -20.591 -20.046 1.00 59.41 ? 59  HIS A NE2 1 
ATOM   289  N  N   . THR A 1 63  ? 5.060   -23.208 -13.933 1.00 61.62 ? 60  THR A N   1 
ATOM   290  C  CA  . THR A 1 63  ? 4.939   -23.801 -12.598 1.00 63.03 ? 60  THR A CA  1 
ATOM   291  C  C   . THR A 1 63  ? 6.282   -24.503 -12.137 1.00 62.89 ? 60  THR A C   1 
ATOM   292  O  O   . THR A 1 63  ? 6.795   -24.221 -11.036 1.00 63.30 ? 60  THR A O   1 
ATOM   293  C  CB  . THR A 1 63  ? 3.829   -24.950 -12.727 1.00 63.14 ? 60  THR A CB  1 
ATOM   294  O  OG1 . THR A 1 63  ? 2.493   -24.417 -12.680 1.00 65.09 ? 60  THR A OG1 1 
ATOM   295  C  CG2 . THR A 1 63  ? 4.008   -26.121 -11.727 1.00 65.54 ? 60  THR A CG2 1 
ATOM   296  N  N   . ALA A 1 64  ? 6.841   -25.397 -12.982 1.00 61.89 ? 61  ALA A N   1 
ATOM   297  C  CA  . ALA A 1 64  ? 8.057   -26.177 -12.635 1.00 61.98 ? 61  ALA A CA  1 
ATOM   298  C  C   . ALA A 1 64  ? 9.253   -25.270 -12.342 1.00 61.88 ? 61  ALA A C   1 
ATOM   299  O  O   . ALA A 1 64  ? 9.303   -24.120 -12.818 1.00 61.92 ? 61  ALA A O   1 
ATOM   300  C  CB  . ALA A 1 64  ? 8.410   -27.248 -13.726 1.00 61.36 ? 61  ALA A CB  1 
ATOM   301  N  N   . ASN A 1 65  ? 10.193  -25.767 -11.533 1.00 61.45 ? 62  ASN A N   1 
ATOM   302  C  CA  . ASN A 1 65  ? 11.374  -24.974 -11.146 1.00 61.33 ? 62  ASN A CA  1 
ATOM   303  C  C   . ASN A 1 65  ? 12.192  -24.596 -12.376 1.00 60.84 ? 62  ASN A C   1 
ATOM   304  O  O   . ASN A 1 65  ? 12.639  -23.469 -12.545 1.00 60.79 ? 62  ASN A O   1 
ATOM   305  C  CB  . ASN A 1 65  ? 12.270  -25.778 -10.181 1.00 61.17 ? 62  ASN A CB  1 
ATOM   306  C  CG  . ASN A 1 65  ? 11.841  -25.643 -8.742  1.00 61.47 ? 62  ASN A CG  1 
ATOM   307  O  OD1 . ASN A 1 65  ? 11.000  -24.801 -8.403  1.00 61.23 ? 62  ASN A OD1 1 
ATOM   308  N  ND2 . ASN A 1 65  ? 12.421  -26.461 -7.878  1.00 63.01 ? 62  ASN A ND2 1 
ATOM   309  N  N   . ILE A 1 66  ? 12.357  -25.574 -13.250 1.00 60.54 ? 63  ILE A N   1 
ATOM   310  C  CA  . ILE A 1 66  ? 13.160  -25.407 -14.432 1.00 60.25 ? 63  ILE A CA  1 
ATOM   311  C  C   . ILE A 1 66  ? 12.461  -24.483 -15.447 1.00 59.97 ? 63  ILE A C   1 
ATOM   312  O  O   . ILE A 1 66  ? 13.139  -23.665 -16.096 1.00 59.71 ? 63  ILE A O   1 
ATOM   313  C  CB  . ILE A 1 66  ? 13.547  -26.784 -15.018 1.00 59.66 ? 63  ILE A CB  1 
ATOM   314  C  CG1 . ILE A 1 66  ? 13.998  -27.725 -13.886 1.00 61.50 ? 63  ILE A CG1 1 
ATOM   315  C  CG2 . ILE A 1 66  ? 14.680  -26.618 -16.030 1.00 58.76 ? 63  ILE A CG2 1 
ATOM   316  C  CD1 . ILE A 1 66  ? 12.881  -28.407 -13.037 1.00 62.96 ? 63  ILE A CD1 1 
ATOM   317  N  N   . ALA A 1 67  ? 11.126  -24.610 -15.539 1.00 59.04 ? 64  ALA A N   1 
ATOM   318  C  CA  . ALA A 1 67  ? 10.307  -23.846 -16.475 1.00 59.93 ? 64  ALA A CA  1 
ATOM   319  C  C   . ALA A 1 67  ? 10.336  -22.404 -16.051 1.00 60.09 ? 64  ALA A C   1 
ATOM   320  O  O   . ALA A 1 67  ? 10.537  -21.517 -16.881 1.00 59.81 ? 64  ALA A O   1 
ATOM   321  C  CB  . ALA A 1 67  ? 8.833   -24.351 -16.497 1.00 59.50 ? 64  ALA A CB  1 
ATOM   322  N  N   . ARG A 1 68  ? 10.128  -22.188 -14.743 1.00 60.91 ? 65  ARG A N   1 
ATOM   323  C  CA  . ARG A 1 68  ? 10.089  -20.841 -14.189 1.00 62.04 ? 65  ARG A CA  1 
ATOM   324  C  C   . ARG A 1 68  ? 11.441  -20.117 -14.348 1.00 59.67 ? 65  ARG A C   1 
ATOM   325  O  O   . ARG A 1 68  ? 11.453  -19.061 -14.947 1.00 57.40 ? 65  ARG A O   1 
ATOM   326  C  CB  . ARG A 1 68  ? 9.499   -20.767 -12.770 1.00 62.94 ? 65  ARG A CB  1 
ATOM   327  C  CG  . ARG A 1 68  ? 9.261   -19.257 -12.378 1.00 66.82 ? 65  ARG A CG  1 
ATOM   328  C  CD  . ARG A 1 68  ? 8.192   -18.949 -11.273 1.00 67.70 ? 65  ARG A CD  1 
ATOM   329  N  NE  . ARG A 1 68  ? 7.931   -17.491 -11.168 1.00 76.45 ? 65  ARG A NE  1 
ATOM   330  C  CZ  . ARG A 1 68  ? 7.052   -16.832 -11.945 1.00 84.49 ? 65  ARG A CZ  1 
ATOM   331  N  NH1 . ARG A 1 68  ? 6.329   -17.504 -12.847 1.00 86.35 ? 65  ARG A NH1 1 
ATOM   332  N  NH2 . ARG A 1 68  ? 6.883   -15.513 -11.820 1.00 85.70 ? 65  ARG A NH2 1 
ATOM   333  N  N   . LYS A 1 69  ? 12.553  -20.735 -13.900 1.00 58.25 ? 66  LYS A N   1 
ATOM   334  C  CA  . LYS A 1 69  ? 13.881  -20.137 -14.027 1.00 58.19 ? 66  LYS A CA  1 
ATOM   335  C  C   . LYS A 1 69  ? 14.240  -19.777 -15.462 1.00 57.57 ? 66  LYS A C   1 
ATOM   336  O  O   . LYS A 1 69  ? 14.727  -18.675 -15.728 1.00 54.75 ? 66  LYS A O   1 
ATOM   337  C  CB  . LYS A 1 69  ? 14.948  -21.061 -13.448 1.00 58.87 ? 66  LYS A CB  1 
ATOM   338  C  CG  . LYS A 1 69  ? 15.491  -20.629 -12.099 1.00 61.39 ? 66  LYS A CG  1 
ATOM   339  C  CD  . LYS A 1 69  ? 16.974  -20.152 -12.197 1.00 64.07 ? 66  LYS A CD  1 
ATOM   340  C  CE  . LYS A 1 69  ? 17.064  -18.614 -12.328 1.00 63.83 ? 66  LYS A CE  1 
ATOM   341  N  NZ  . LYS A 1 69  ? 18.289  -18.149 -11.620 1.00 59.82 ? 66  LYS A NZ  1 
ATOM   342  N  N   . ARG A 1 70  ? 13.946  -20.698 -16.385 1.00 57.94 ? 67  ARG A N   1 
ATOM   343  C  CA  . ARG A 1 70  ? 14.155  -20.452 -17.813 1.00 59.85 ? 67  ARG A CA  1 
ATOM   344  C  C   . ARG A 1 70  ? 13.392  -19.199 -18.245 1.00 59.15 ? 67  ARG A C   1 
ATOM   345  O  O   . ARG A 1 70  ? 13.981  -18.163 -18.566 1.00 59.47 ? 67  ARG A O   1 
ATOM   346  C  CB  . ARG A 1 70  ? 13.754  -21.669 -18.667 1.00 60.22 ? 67  ARG A CB  1 
ATOM   347  C  CG  . ARG A 1 70  ? 14.662  -21.904 -19.889 1.00 65.45 ? 67  ARG A CG  1 
ATOM   348  C  CD  . ARG A 1 70  ? 14.849  -20.584 -20.755 1.00 71.83 ? 67  ARG A CD  1 
ATOM   349  N  NE  . ARG A 1 70  ? 16.101  -20.641 -21.531 1.00 73.78 ? 67  ARG A NE  1 
ATOM   350  C  CZ  . ARG A 1 70  ? 16.915  -19.602 -21.749 1.00 72.63 ? 67  ARG A CZ  1 
ATOM   351  N  NH1 . ARG A 1 70  ? 16.622  -18.392 -21.275 1.00 64.35 ? 67  ARG A NH1 1 
ATOM   352  N  NH2 . ARG A 1 70  ? 18.040  -19.799 -22.447 1.00 71.64 ? 67  ARG A NH2 1 
ATOM   353  N  N   . HIS A 1 71  ? 12.071  -19.272 -18.187 1.00 59.15 ? 68  HIS A N   1 
ATOM   354  C  CA  . HIS A 1 71  ? 11.255  -18.095 -18.444 1.00 58.11 ? 68  HIS A CA  1 
ATOM   355  C  C   . HIS A 1 71  ? 11.713  -16.788 -17.763 1.00 58.06 ? 68  HIS A C   1 
ATOM   356  O  O   . HIS A 1 71  ? 11.671  -15.753 -18.397 1.00 58.73 ? 68  HIS A O   1 
ATOM   357  C  CB  . HIS A 1 71  ? 9.842   -18.396 -18.061 1.00 57.85 ? 68  HIS A CB  1 
ATOM   358  C  CG  . HIS A 1 71  ? 8.852   -17.528 -18.752 1.00 59.09 ? 68  HIS A CG  1 
ATOM   359  N  ND1 . HIS A 1 71  ? 8.646   -17.563 -20.118 1.00 57.55 ? 68  HIS A ND1 1 
ATOM   360  C  CD2 . HIS A 1 71  ? 7.981   -16.626 -18.261 1.00 59.26 ? 68  HIS A CD2 1 
ATOM   361  C  CE1 . HIS A 1 71  ? 7.693   -16.711 -20.437 1.00 59.89 ? 68  HIS A CE1 1 
ATOM   362  N  NE2 . HIS A 1 71  ? 7.274   -16.129 -19.323 1.00 61.96 ? 68  HIS A NE2 1 
ATOM   363  N  N   . ILE A 1 72  ? 12.148  -16.773 -16.509 1.00 57.80 ? 69  ILE A N   1 
ATOM   364  C  CA  . ILE A 1 72  ? 12.614  -15.479 -15.996 1.00 58.56 ? 69  ILE A CA  1 
ATOM   365  C  C   . ILE A 1 72  ? 14.008  -15.038 -16.537 1.00 59.59 ? 69  ILE A C   1 
ATOM   366  O  O   . ILE A 1 72  ? 14.299  -13.829 -16.646 1.00 59.47 ? 69  ILE A O   1 
ATOM   367  C  CB  . ILE A 1 72  ? 12.554  -15.304 -14.457 1.00 59.99 ? 69  ILE A CB  1 
ATOM   368  C  CG1 . ILE A 1 72  ? 13.719  -16.021 -13.786 1.00 61.31 ? 69  ILE A CG1 1 
ATOM   369  C  CG2 . ILE A 1 72  ? 11.133  -15.589 -13.781 1.00 60.31 ? 69  ILE A CG2 1 
ATOM   370  C  CD1 . ILE A 1 72  ? 14.664  -15.040 -13.132 1.00 63.05 ? 69  ILE A CD1 1 
ATOM   371  N  N   . LEU A 1 73  ? 14.859  -15.975 -16.904 1.00 60.16 ? 70  LEU A N   1 
ATOM   372  C  CA  . LEU A 1 73  ? 16.076  -15.573 -17.584 1.00 61.06 ? 70  LEU A CA  1 
ATOM   373  C  C   . LEU A 1 73  ? 15.773  -15.066 -18.960 1.00 61.26 ? 70  LEU A C   1 
ATOM   374  O  O   . LEU A 1 73  ? 16.273  -14.054 -19.392 1.00 61.83 ? 70  LEU A O   1 
ATOM   375  C  CB  . LEU A 1 73  ? 17.043  -16.721 -17.677 1.00 60.83 ? 70  LEU A CB  1 
ATOM   376  C  CG  . LEU A 1 73  ? 17.664  -17.037 -16.343 1.00 60.57 ? 70  LEU A CG  1 
ATOM   377  C  CD1 . LEU A 1 73  ? 18.020  -18.469 -16.301 1.00 58.68 ? 70  LEU A CD1 1 
ATOM   378  C  CD2 . LEU A 1 73  ? 18.844  -16.188 -16.125 1.00 61.36 ? 70  LEU A CD2 1 
ATOM   379  N  N   . PHE A 1 74  ? 14.935  -15.792 -19.651 1.00 61.17 ? 71  PHE A N   1 
ATOM   380  C  CA  . PHE A 1 74  ? 14.449  -15.337 -20.924 1.00 60.61 ? 71  PHE A CA  1 
ATOM   381  C  C   . PHE A 1 74  ? 13.808  -13.915 -20.773 1.00 59.15 ? 71  PHE A C   1 
ATOM   382  O  O   . PHE A 1 74  ? 14.032  -13.021 -21.582 1.00 58.00 ? 71  PHE A O   1 
ATOM   383  C  CB  . PHE A 1 74  ? 13.523  -16.414 -21.535 1.00 61.02 ? 71  PHE A CB  1 
ATOM   384  C  CG  . PHE A 1 74  ? 12.683  -15.904 -22.651 1.00 64.13 ? 71  PHE A CG  1 
ATOM   385  C  CD1 . PHE A 1 74  ? 13.280  -15.538 -23.882 1.00 66.62 ? 71  PHE A CD1 1 
ATOM   386  C  CD2 . PHE A 1 74  ? 11.286  -15.752 -22.485 1.00 64.01 ? 71  PHE A CD2 1 
ATOM   387  C  CE1 . PHE A 1 74  ? 12.488  -15.003 -24.953 1.00 69.28 ? 71  PHE A CE1 1 
ATOM   388  C  CE2 . PHE A 1 74  ? 10.472  -15.215 -23.535 1.00 65.49 ? 71  PHE A CE2 1 
ATOM   389  C  CZ  . PHE A 1 74  ? 11.077  -14.827 -24.778 1.00 66.99 ? 71  PHE A CZ  1 
ATOM   390  N  N   . ILE A 1 75  ? 13.026  -13.707 -19.722 1.00 59.22 ? 72  ILE A N   1 
ATOM   391  C  CA  . ILE A 1 75  ? 12.515  -12.357 -19.440 1.00 57.37 ? 72  ILE A CA  1 
ATOM   392  C  C   . ILE A 1 75  ? 13.660  -11.344 -19.210 1.00 58.79 ? 72  ILE A C   1 
ATOM   393  O  O   . ILE A 1 75  ? 13.693  -10.265 -19.849 1.00 57.24 ? 72  ILE A O   1 
ATOM   394  C  CB  . ILE A 1 75  ? 11.465  -12.324 -18.325 1.00 58.23 ? 72  ILE A CB  1 
ATOM   395  C  CG1 . ILE A 1 75  ? 10.091  -12.833 -18.854 1.00 52.64 ? 72  ILE A CG1 1 
ATOM   396  C  CG2 . ILE A 1 75  ? 11.334  -10.823 -17.741 1.00 56.81 ? 72  ILE A CG2 1 
ATOM   397  C  CD1 . ILE A 1 75  ? 9.045   -13.284 -17.769 1.00 53.68 ? 72  ILE A CD1 1 
ATOM   398  N  N   . GLY A 1 76  ? 14.598  -11.736 -18.336 1.00 59.33 ? 73  GLY A N   1 
ATOM   399  C  CA  . GLY A 1 76  ? 15.924  -11.108 -18.226 1.00 59.32 ? 73  GLY A CA  1 
ATOM   400  C  C   . GLY A 1 76  ? 16.533  -10.694 -19.555 1.00 60.53 ? 73  GLY A C   1 
ATOM   401  O  O   . GLY A 1 76  ? 16.773  -9.494  -19.753 1.00 60.48 ? 73  GLY A O   1 
ATOM   402  N  N   . LYS A 1 77  ? 16.769  -11.648 -20.473 1.00 60.98 ? 74  LYS A N   1 
ATOM   403  C  CA  . LYS A 1 77  ? 17.381  -11.321 -21.795 1.00 62.23 ? 74  LYS A CA  1 
ATOM   404  C  C   . LYS A 1 77  ? 16.519  -10.297 -22.533 1.00 61.49 ? 74  LYS A C   1 
ATOM   405  O  O   . LYS A 1 77  ? 17.025  -9.389  -23.182 1.00 60.48 ? 74  LYS A O   1 
ATOM   406  C  CB  . LYS A 1 77  ? 17.634  -12.556 -22.743 1.00 62.58 ? 74  LYS A CB  1 
ATOM   407  C  CG  . LYS A 1 77  ? 18.167  -13.889 -22.122 1.00 65.28 ? 74  LYS A CG  1 
ATOM   408  C  CD  . LYS A 1 77  ? 19.563  -13.779 -21.436 1.00 69.65 ? 74  LYS A CD  1 
ATOM   409  C  CE  . LYS A 1 77  ? 19.525  -14.106 -19.909 1.00 70.53 ? 74  LYS A CE  1 
ATOM   410  N  NZ  . LYS A 1 77  ? 18.706  -13.204 -18.993 1.00 68.60 ? 74  LYS A NZ  1 
ATOM   411  N  N   . LEU A 1 78  ? 15.228  -10.388 -22.326 1.00 62.04 ? 75  LEU A N   1 
ATOM   412  C  CA  . LEU A 1 78  ? 14.278  -9.630  -23.091 1.00 61.55 ? 75  LEU A CA  1 
ATOM   413  C  C   . LEU A 1 78  ? 14.264  -8.176  -22.649 1.00 61.65 ? 75  LEU A C   1 
ATOM   414  O  O   . LEU A 1 78  ? 13.987  -7.290  -23.413 1.00 60.84 ? 75  LEU A O   1 
ATOM   415  C  CB  . LEU A 1 78  ? 12.928  -10.288 -22.891 1.00 62.19 ? 75  LEU A CB  1 
ATOM   416  C  CG  . LEU A 1 78  ? 11.638  -9.812  -23.515 1.00 63.56 ? 75  LEU A CG  1 
ATOM   417  C  CD1 . LEU A 1 78  ? 11.881  -8.663  -24.405 1.00 65.36 ? 75  LEU A CD1 1 
ATOM   418  C  CD2 . LEU A 1 78  ? 10.938  -10.938 -24.201 1.00 59.27 ? 75  LEU A CD2 1 
HETATM 419  N  N   . MSE A 1 79  ? 14.568  -7.953  -21.389 1.00 61.75 ? 76  MSE A N   1 
HETATM 420  C  CA  . MSE A 1 79  ? 14.687  -6.618  -20.810 1.00 62.03 ? 76  MSE A CA  1 
HETATM 421  C  C   . MSE A 1 79  ? 15.641  -5.688  -21.586 1.00 62.51 ? 76  MSE A C   1 
HETATM 422  O  O   . MSE A 1 79  ? 15.525  -4.440  -21.561 1.00 61.90 ? 76  MSE A O   1 
HETATM 423  C  CB  . MSE A 1 79  ? 15.194  -6.779  -19.398 1.00 61.89 ? 76  MSE A CB  1 
HETATM 424  C  CG  . MSE A 1 79  ? 14.173  -7.441  -18.496 1.00 64.27 ? 76  MSE A CG  1 
HETATM 425  SE SE  . MSE A 1 79  ? 12.481  -6.437  -18.369 0.70 65.72 ? 76  MSE A SE  1 
HETATM 426  C  CE  . MSE A 1 79  ? 13.221  -4.663  -18.101 1.00 60.32 ? 76  MSE A CE  1 
ATOM   427  N  N   . ARG A 1 80  ? 16.586  -6.318  -22.280 1.00 63.05 ? 77  ARG A N   1 
ATOM   428  C  CA  . ARG A 1 80  ? 17.642  -5.593  -22.986 1.00 63.14 ? 77  ARG A CA  1 
ATOM   429  C  C   . ARG A 1 80  ? 17.054  -4.902  -24.227 1.00 62.84 ? 77  ARG A C   1 
ATOM   430  O  O   . ARG A 1 80  ? 17.704  -4.079  -24.841 1.00 62.56 ? 77  ARG A O   1 
ATOM   431  C  CB  . ARG A 1 80  ? 18.818  -6.534  -23.299 1.00 62.61 ? 77  ARG A CB  1 
ATOM   432  C  CG  . ARG A 1 80  ? 19.636  -6.953  -22.050 1.00 62.34 ? 77  ARG A CG  1 
ATOM   433  C  CD  . ARG A 1 80  ? 20.955  -7.687  -22.371 1.00 64.94 ? 77  ARG A CD  1 
ATOM   434  N  NE  . ARG A 1 80  ? 20.711  -9.084  -22.759 1.00 69.17 ? 77  ARG A NE  1 
ATOM   435  C  CZ  . ARG A 1 80  ? 21.605  -9.923  -23.291 1.00 69.28 ? 77  ARG A CZ  1 
ATOM   436  N  NH1 . ARG A 1 80  ? 21.220  -11.162 -23.595 1.00 69.41 ? 77  ARG A NH1 1 
ATOM   437  N  NH2 . ARG A 1 80  ? 22.869  -9.542  -23.539 1.00 70.86 ? 77  ARG A NH2 1 
ATOM   438  N  N   . ASP A 1 81  ? 15.791  -5.200  -24.562 1.00 62.94 ? 78  ASP A N   1 
ATOM   439  C  CA  . ASP A 1 81  ? 15.161  -4.554  -25.732 1.00 62.17 ? 78  ASP A CA  1 
ATOM   440  C  C   . ASP A 1 81  ? 14.328  -3.365  -25.287 1.00 60.75 ? 78  ASP A C   1 
ATOM   441  O  O   . ASP A 1 81  ? 13.806  -2.605  -26.123 1.00 59.92 ? 78  ASP A O   1 
ATOM   442  C  CB  . ASP A 1 81  ? 14.312  -5.538  -26.558 1.00 61.83 ? 78  ASP A CB  1 
ATOM   443  C  CG  . ASP A 1 81  ? 15.154  -6.403  -27.501 1.00 65.33 ? 78  ASP A CG  1 
ATOM   444  O  OD1 . ASP A 1 81  ? 15.797  -5.844  -28.473 1.00 69.79 ? 78  ASP A OD1 1 
ATOM   445  O  OD2 . ASP A 1 81  ? 15.143  -7.655  -27.296 1.00 65.45 ? 78  ASP A OD2 1 
ATOM   446  N  N   . GLN A 1 82  ? 14.211  -3.227  -23.959 1.00 60.17 ? 79  GLN A N   1 
ATOM   447  C  CA  . GLN A 1 82  ? 13.409  -2.189  -23.347 1.00 58.47 ? 79  GLN A CA  1 
ATOM   448  C  C   . GLN A 1 82  ? 14.198  -0.938  -22.935 1.00 59.14 ? 79  GLN A C   1 
ATOM   449  O  O   . GLN A 1 82  ? 15.441  -0.903  -22.773 1.00 57.30 ? 79  GLN A O   1 
ATOM   450  C  CB  . GLN A 1 82  ? 12.609  -2.683  -22.111 1.00 58.90 ? 79  GLN A CB  1 
ATOM   451  C  CG  . GLN A 1 82  ? 12.161  -4.158  -22.128 1.00 52.53 ? 79  GLN A CG  1 
ATOM   452  C  CD  . GLN A 1 82  ? 11.201  -4.418  -23.193 1.00 48.00 ? 79  GLN A CD  1 
ATOM   453  O  OE1 . GLN A 1 82  ? 10.170  -3.793  -23.245 1.00 49.43 ? 79  GLN A OE1 1 
ATOM   454  N  NE2 . GLN A 1 82  ? 11.524  -5.348  -24.095 1.00 54.56 ? 79  GLN A NE2 1 
ATOM   455  N  N   . ASP A 1 83  ? 13.401  0.094   -22.755 1.00 59.36 ? 80  ASP A N   1 
ATOM   456  C  CA  . ASP A 1 83  ? 13.821  1.309   -22.171 1.00 59.53 ? 80  ASP A CA  1 
ATOM   457  C  C   . ASP A 1 83  ? 13.758  1.108   -20.625 1.00 59.32 ? 80  ASP A C   1 
ATOM   458  O  O   . ASP A 1 83  ? 12.738  1.332   -19.987 1.00 59.31 ? 80  ASP A O   1 
ATOM   459  C  CB  . ASP A 1 83  ? 12.825  2.328   -22.678 1.00 59.64 ? 80  ASP A CB  1 
ATOM   460  C  CG  . ASP A 1 83  ? 13.240  3.715   -22.413 1.00 59.56 ? 80  ASP A CG  1 
ATOM   461  O  OD1 . ASP A 1 83  ? 14.343  3.917   -21.827 1.00 57.16 ? 80  ASP A OD1 1 
ATOM   462  O  OD2 . ASP A 1 83  ? 12.431  4.584   -22.804 1.00 60.79 ? 80  ASP A OD2 1 
ATOM   463  N  N   . GLN A 1 84  ? 14.870  0.668   -20.059 1.00 58.61 ? 81  GLN A N   1 
ATOM   464  C  CA  . GLN A 1 84  ? 14.957  0.307   -18.683 1.00 59.73 ? 81  GLN A CA  1 
ATOM   465  C  C   . GLN A 1 84  ? 14.801  1.512   -17.773 1.00 59.42 ? 81  GLN A C   1 
ATOM   466  O  O   . GLN A 1 84  ? 14.187  1.423   -16.724 1.00 58.42 ? 81  GLN A O   1 
ATOM   467  C  CB  . GLN A 1 84  ? 16.326  -0.305  -18.401 1.00 60.83 ? 81  GLN A CB  1 
ATOM   468  C  CG  . GLN A 1 84  ? 16.526  -1.667  -19.022 1.00 64.16 ? 81  GLN A CG  1 
ATOM   469  C  CD  . GLN A 1 84  ? 17.909  -1.801  -19.626 1.00 66.01 ? 81  GLN A CD  1 
ATOM   470  O  OE1 . GLN A 1 84  ? 18.904  -1.618  -18.935 1.00 65.77 ? 81  GLN A OE1 1 
ATOM   471  N  NE2 . GLN A 1 84  ? 17.978  -2.104  -20.925 1.00 67.54 ? 81  GLN A NE2 1 
ATOM   472  N  N   . GLU A 1 85  ? 15.380  2.632   -18.177 1.00 58.80 ? 82  GLU A N   1 
ATOM   473  C  CA  . GLU A 1 85  ? 15.259  3.857   -17.415 1.00 58.35 ? 82  GLU A CA  1 
ATOM   474  C  C   . GLU A 1 85  ? 13.797  4.253   -17.281 1.00 58.16 ? 82  GLU A C   1 
ATOM   475  O  O   . GLU A 1 85  ? 13.371  4.548   -16.173 1.00 58.07 ? 82  GLU A O   1 
ATOM   476  C  CB  . GLU A 1 85  ? 16.138  4.980   -17.964 1.00 57.94 ? 82  GLU A CB  1 
ATOM   477  C  CG  . GLU A 1 85  ? 16.483  6.005   -16.881 1.00 58.02 ? 82  GLU A CG  1 
ATOM   478  C  CD  . GLU A 1 85  ? 17.432  7.100   -17.362 1.00 61.11 ? 82  GLU A CD  1 
ATOM   479  O  OE1 . GLU A 1 85  ? 16.994  7.980   -18.151 1.00 60.12 ? 82  GLU A OE1 1 
ATOM   480  O  OE2 . GLU A 1 85  ? 18.614  7.101   -16.930 1.00 64.40 ? 82  GLU A OE2 1 
ATOM   481  N  N   . ALA A 1 86  ? 13.030  4.211   -18.382 1.00 58.22 ? 83  ALA A N   1 
ATOM   482  C  CA  . ALA A 1 86  ? 11.581  4.532   -18.393 1.00 57.12 ? 83  ALA A CA  1 
ATOM   483  C  C   . ALA A 1 86  ? 10.837  3.576   -17.526 1.00 57.25 ? 83  ALA A C   1 
ATOM   484  O  O   . ALA A 1 86  ? 9.926   3.967   -16.832 1.00 58.45 ? 83  ALA A O   1 
ATOM   485  C  CB  . ALA A 1 86  ? 10.999  4.440   -19.754 1.00 55.82 ? 83  ALA A CB  1 
ATOM   486  N  N   . ILE A 1 87  ? 11.137  2.294   -17.651 1.00 56.62 ? 84  ILE A N   1 
ATOM   487  C  CA  . ILE A 1 87  ? 10.472  1.302   -16.799 1.00 55.12 ? 84  ILE A CA  1 
ATOM   488  C  C   . ILE A 1 87  ? 10.761  1.579   -15.299 1.00 54.34 ? 84  ILE A C   1 
ATOM   489  O  O   . ILE A 1 87  ? 9.821   1.681   -14.491 1.00 53.52 ? 84  ILE A O   1 
ATOM   490  C  CB  . ILE A 1 87  ? 10.939  -0.040  -17.204 1.00 55.38 ? 84  ILE A CB  1 
ATOM   491  C  CG1 . ILE A 1 87  ? 10.263  -0.425  -18.548 1.00 55.43 ? 84  ILE A CG1 1 
ATOM   492  C  CG2 . ILE A 1 87  ? 10.796  -1.119  -16.038 1.00 54.63 ? 84  ILE A CG2 1 
ATOM   493  C  CD1 . ILE A 1 87  ? 10.590  -1.818  -19.029 1.00 54.43 ? 84  ILE A CD1 1 
ATOM   494  N  N   . LEU A 1 88  ? 12.045  1.730   -14.956 1.00 53.59 ? 85  LEU A N   1 
ATOM   495  C  CA  . LEU A 1 88  ? 12.472  2.080   -13.595 1.00 54.36 ? 85  LEU A CA  1 
ATOM   496  C  C   . LEU A 1 88  ? 11.854  3.361   -13.020 1.00 54.45 ? 85  LEU A C   1 
ATOM   497  O  O   . LEU A 1 88  ? 11.533  3.418   -11.787 1.00 54.08 ? 85  LEU A O   1 
ATOM   498  C  CB  . LEU A 1 88  ? 13.973  2.184   -13.488 1.00 54.09 ? 85  LEU A CB  1 
ATOM   499  C  CG  . LEU A 1 88  ? 14.775  0.892   -13.562 1.00 56.85 ? 85  LEU A CG  1 
ATOM   500  C  CD1 . LEU A 1 88  ? 16.275  1.268   -13.301 1.00 55.97 ? 85  LEU A CD1 1 
ATOM   501  C  CD2 . LEU A 1 88  ? 14.298  -0.205  -12.602 1.00 57.65 ? 85  LEU A CD2 1 
ATOM   502  N  N   . VAL A 1 89  ? 11.656  4.351   -13.890 1.00 53.70 ? 86  VAL A N   1 
ATOM   503  C  CA  . VAL A 1 89  ? 11.113  5.614   -13.445 1.00 53.60 ? 86  VAL A CA  1 
ATOM   504  C  C   . VAL A 1 89  ? 9.647   5.422   -13.023 1.00 55.13 ? 86  VAL A C   1 
ATOM   505  O  O   . VAL A 1 89  ? 9.232   5.868   -11.898 1.00 52.97 ? 86  VAL A O   1 
ATOM   506  C  CB  . VAL A 1 89  ? 11.197  6.704   -14.456 1.00 53.46 ? 86  VAL A CB  1 
ATOM   507  C  CG1 . VAL A 1 89  ? 10.278  7.848   -13.998 1.00 53.87 ? 86  VAL A CG1 1 
ATOM   508  C  CG2 . VAL A 1 89  ? 12.638  7.207   -14.601 1.00 51.91 ? 86  VAL A CG2 1 
ATOM   509  N  N   . LEU A 1 90  ? 8.894   4.719   -13.886 1.00 54.59 ? 87  LEU A N   1 
ATOM   510  C  CA  . LEU A 1 90  ? 7.494   4.407   -13.603 1.00 57.50 ? 87  LEU A CA  1 
ATOM   511  C  C   . LEU A 1 90  ? 7.243   3.482   -12.396 1.00 57.18 ? 87  LEU A C   1 
ATOM   512  O  O   . LEU A 1 90  ? 6.352   3.757   -11.583 1.00 56.67 ? 87  LEU A O   1 
ATOM   513  C  CB  . LEU A 1 90  ? 6.748   3.904   -14.846 1.00 59.63 ? 87  LEU A CB  1 
ATOM   514  C  CG  . LEU A 1 90  ? 6.282   5.032   -15.820 1.00 62.06 ? 87  LEU A CG  1 
ATOM   515  C  CD1 . LEU A 1 90  ? 5.774   6.212   -15.088 1.00 65.64 ? 87  LEU A CD1 1 
ATOM   516  C  CD2 . LEU A 1 90  ? 7.286   5.525   -16.788 1.00 65.35 ? 87  LEU A CD2 1 
ATOM   517  N  N   . LEU A 1 91  ? 8.068   2.453   -12.235 1.00 57.68 ? 88  LEU A N   1 
ATOM   518  C  CA  . LEU A 1 91  ? 8.101   1.709   -10.950 1.00 59.41 ? 88  LEU A CA  1 
ATOM   519  C  C   . LEU A 1 91  ? 8.484   2.512   -9.690  1.00 59.24 ? 88  LEU A C   1 
ATOM   520  O  O   . LEU A 1 91  ? 7.939   2.254   -8.564  1.00 60.62 ? 88  LEU A O   1 
ATOM   521  C  CB  . LEU A 1 91  ? 9.041   0.539   -11.060 1.00 60.32 ? 88  LEU A CB  1 
ATOM   522  C  CG  . LEU A 1 91  ? 8.548   -0.700  -11.788 1.00 62.83 ? 88  LEU A CG  1 
ATOM   523  C  CD1 . LEU A 1 91  ? 9.753   -1.690  -11.800 1.00 68.47 ? 88  LEU A CD1 1 
ATOM   524  C  CD2 . LEU A 1 91  ? 7.347   -1.330  -11.068 1.00 60.53 ? 88  LEU A CD2 1 
ATOM   525  N  N   . ASP A 1 92  ? 9.428   3.445   -9.826  1.00 57.93 ? 89  ASP A N   1 
ATOM   526  C  CA  . ASP A 1 92  ? 9.712   4.357   -8.703  1.00 56.96 ? 89  ASP A CA  1 
ATOM   527  C  C   . ASP A 1 92  ? 8.451   5.144   -8.382  1.00 55.70 ? 89  ASP A C   1 
ATOM   528  O  O   . ASP A 1 92  ? 8.129   5.237   -7.263  1.00 58.65 ? 89  ASP A O   1 
ATOM   529  C  CB  . ASP A 1 92  ? 10.886  5.339   -8.946  1.00 57.21 ? 89  ASP A CB  1 
ATOM   530  C  CG  . ASP A 1 92  ? 11.093  6.309   -7.743  1.00 61.22 ? 89  ASP A CG  1 
ATOM   531  O  OD1 . ASP A 1 92  ? 12.175  6.267   -7.143  1.00 66.37 ? 89  ASP A OD1 1 
ATOM   532  O  OD2 . ASP A 1 92  ? 10.145  7.053   -7.306  1.00 69.08 ? 89  ASP A OD2 1 
ATOM   533  N  N   . GLN A 1 93  ? 7.727   5.674   -9.362  1.00 55.72 ? 90  GLN A N   1 
ATOM   534  C  CA  . GLN A 1 93  ? 6.446   6.362   -9.092  1.00 55.71 ? 90  GLN A CA  1 
ATOM   535  C  C   . GLN A 1 93  ? 5.424   5.539   -8.355  1.00 56.42 ? 90  GLN A C   1 
ATOM   536  O  O   . GLN A 1 93  ? 4.753   6.024   -7.421  1.00 56.91 ? 90  GLN A O   1 
ATOM   537  C  CB  . GLN A 1 93  ? 5.794   7.003   -10.343 1.00 53.49 ? 90  GLN A CB  1 
ATOM   538  C  CG  . GLN A 1 93  ? 6.657   8.119   -10.962 1.00 56.54 ? 90  GLN A CG  1 
ATOM   539  C  CD  . GLN A 1 93  ? 6.242   8.385   -12.444 1.00 58.54 ? 90  GLN A CD  1 
ATOM   540  O  OE1 . GLN A 1 93  ? 5.064   8.165   -12.827 1.00 62.73 ? 90  GLN A OE1 1 
ATOM   541  N  NE2 . GLN A 1 93  ? 7.168   8.873   -13.240 1.00 62.36 ? 90  GLN A NE2 1 
ATOM   542  N  N   . LEU A 1 94  ? 5.262   4.294   -8.789  1.00 58.78 ? 91  LEU A N   1 
ATOM   543  C  CA  . LEU A 1 94  ? 4.371   3.327   -8.078  1.00 58.98 ? 91  LEU A CA  1 
ATOM   544  C  C   . LEU A 1 94  ? 4.881   3.030   -6.670  1.00 57.07 ? 91  LEU A C   1 
ATOM   545  O  O   . LEU A 1 94  ? 4.108   3.045   -5.725  1.00 58.21 ? 91  LEU A O   1 
ATOM   546  C  CB  . LEU A 1 94  ? 4.156   2.076   -8.951  1.00 59.10 ? 91  LEU A CB  1 
ATOM   547  C  CG  . LEU A 1 94  ? 3.233   0.910   -8.552  1.00 61.61 ? 91  LEU A CG  1 
ATOM   548  C  CD1 . LEU A 1 94  ? 1.655   1.147   -8.479  1.00 64.58 ? 91  LEU A CD1 1 
ATOM   549  C  CD2 . LEU A 1 94  ? 3.534   -0.281  -9.542  1.00 61.96 ? 91  LEU A CD2 1 
ATOM   550  N  N   . ASP A 1 95  ? 6.158   2.823   -6.465  1.00 56.61 ? 92  ASP A N   1 
ATOM   551  C  CA  . ASP A 1 95  ? 6.593   2.511   -5.053  1.00 56.40 ? 92  ASP A CA  1 
ATOM   552  C  C   . ASP A 1 95  ? 6.504   3.704   -4.110  1.00 56.27 ? 92  ASP A C   1 
ATOM   553  O  O   . ASP A 1 95  ? 6.198   3.553   -2.923  1.00 56.19 ? 92  ASP A O   1 
ATOM   554  C  CB  . ASP A 1 95  ? 7.941   1.756   -5.037  1.00 56.55 ? 92  ASP A CB  1 
ATOM   555  C  CG  . ASP A 1 95  ? 7.829   0.427   -5.786  1.00 60.70 ? 92  ASP A CG  1 
ATOM   556  O  OD1 . ASP A 1 95  ? 6.705   -0.202  -5.765  1.00 58.98 ? 92  ASP A OD1 1 
ATOM   557  O  OD2 . ASP A 1 95  ? 8.817   -0.004  -6.386  1.00 55.65 ? 92  ASP A OD2 1 
ATOM   558  N  N   . ALA A 1 96  ? 6.669   4.901   -4.695  1.00 56.02 ? 93  ALA A N   1 
ATOM   559  C  CA  . ALA A 1 96  ? 6.644   6.177   -3.987  1.00 54.53 ? 93  ALA A CA  1 
ATOM   560  C  C   . ALA A 1 96  ? 5.196   6.447   -3.554  1.00 55.76 ? 93  ALA A C   1 
ATOM   561  O  O   . ALA A 1 96  ? 4.910   6.946   -2.429  1.00 55.46 ? 93  ALA A O   1 
ATOM   562  C  CB  . ALA A 1 96  ? 7.191   7.334   -4.955  1.00 49.98 ? 93  ALA A CB  1 
ATOM   563  N  N   . SER A 1 97  ? 4.246   6.058   -4.405  1.00 56.86 ? 94  SER A N   1 
ATOM   564  C  CA  . SER A 1 97  ? 2.887   6.381   -4.072  1.00 58.81 ? 94  SER A CA  1 
ATOM   565  C  C   . SER A 1 97  ? 2.459   5.291   -3.042  1.00 59.60 ? 94  SER A C   1 
ATOM   566  O  O   . SER A 1 97  ? 1.694   5.519   -2.149  1.00 58.38 ? 94  SER A O   1 
ATOM   567  C  CB  . SER A 1 97  ? 2.112   6.392   -5.354  1.00 58.84 ? 94  SER A CB  1 
ATOM   568  O  OG  . SER A 1 97  ? 1.357   5.241   -5.420  1.00 61.35 ? 94  SER A OG  1 
ATOM   569  N  N   . THR A 1 98  ? 3.055   4.113   -3.091  1.00 62.46 ? 95  THR A N   1 
ATOM   570  C  CA  . THR A 1 98  ? 2.727   3.220   -1.990  1.00 63.62 ? 95  THR A CA  1 
ATOM   571  C  C   . THR A 1 98  ? 3.494   3.602   -0.670  1.00 63.71 ? 95  THR A C   1 
ATOM   572  O  O   . THR A 1 98  ? 2.966   3.382   0.455   1.00 63.62 ? 95  THR A O   1 
ATOM   573  C  CB  . THR A 1 98  ? 2.746   1.699   -2.321  1.00 64.74 ? 95  THR A CB  1 
ATOM   574  O  OG1 . THR A 1 98  ? 3.732   1.023   -1.567  1.00 69.93 ? 95  THR A OG1 1 
ATOM   575  C  CG2 . THR A 1 98  ? 2.641   1.293   -3.754  1.00 60.10 ? 95  THR A CG2 1 
ATOM   576  N  N   . ARG A 1 99  ? 4.666   4.250   -0.794  1.00 62.00 ? 96  ARG A N   1 
ATOM   577  C  CA  . ARG A 1 99  ? 5.309   4.773   0.408   1.00 59.71 ? 96  ARG A CA  1 
ATOM   578  C  C   . ARG A 1 99  ? 4.453   5.828   1.047   1.00 59.61 ? 96  ARG A C   1 
ATOM   579  O  O   . ARG A 1 99  ? 4.319   5.837   2.228   1.00 59.39 ? 96  ARG A O   1 
ATOM   580  C  CB  . ARG A 1 99  ? 6.689   5.363   0.163   1.00 57.52 ? 96  ARG A CB  1 
ATOM   581  C  CG  . ARG A 1 99  ? 7.725   4.261   -0.050  1.00 63.64 ? 96  ARG A CG  1 
ATOM   582  C  CD  . ARG A 1 99  ? 9.028   4.801   -0.551  1.00 64.01 ? 96  ARG A CD  1 
ATOM   583  N  NE  . ARG A 1 99  ? 9.604   3.891   -1.516  1.00 75.17 ? 96  ARG A NE  1 
ATOM   584  C  CZ  . ARG A 1 99  ? 9.957   4.194   -2.770  1.00 74.43 ? 96  ARG A CZ  1 
ATOM   585  N  NH1 . ARG A 1 99  ? 10.480  3.242   -3.511  1.00 78.44 ? 96  ARG A NH1 1 
ATOM   586  N  NH2 . ARG A 1 99  ? 9.830   5.423   -3.280  1.00 74.49 ? 96  ARG A NH2 1 
ATOM   587  N  N   . GLN A 1 100 ? 3.898   6.719   0.246   1.00 59.56 ? 97  GLN A N   1 
ATOM   588  C  CA  . GLN A 1 100 ? 3.138   7.808   0.743   1.00 61.87 ? 97  GLN A CA  1 
ATOM   589  C  C   . GLN A 1 100 ? 1.853   7.261   1.374   1.00 60.11 ? 97  GLN A C   1 
ATOM   590  O  O   . GLN A 1 100 ? 1.412   7.728   2.369   1.00 60.07 ? 97  GLN A O   1 
ATOM   591  C  CB  . GLN A 1 100 ? 2.899   8.850   -0.360  1.00 61.52 ? 97  GLN A CB  1 
ATOM   592  C  CG  . GLN A 1 100 ? 4.177   9.635   -0.583  1.00 70.04 ? 97  GLN A CG  1 
ATOM   593  C  CD  . GLN A 1 100 ? 4.925   9.367   -1.916  1.00 77.55 ? 97  GLN A CD  1 
ATOM   594  O  OE1 . GLN A 1 100 ? 4.297   9.311   -3.005  1.00 80.18 ? 97  GLN A OE1 1 
ATOM   595  N  NE2 . GLN A 1 100 ? 6.286   9.301   -1.845  1.00 77.45 ? 97  GLN A NE2 1 
ATOM   596  N  N   . TYR A 1 101 ? 1.292   6.244   0.785   1.00 59.58 ? 98  TYR A N   1 
ATOM   597  C  CA  . TYR A 1 101 ? 0.169   5.576   1.408   1.00 59.84 ? 98  TYR A CA  1 
ATOM   598  C  C   . TYR A 1 101 ? 0.536   5.081   2.807   1.00 58.79 ? 98  TYR A C   1 
ATOM   599  O  O   . TYR A 1 101 ? -0.176  5.278   3.758   1.00 59.79 ? 98  TYR A O   1 
ATOM   600  C  CB  . TYR A 1 101 ? -0.310  4.381   0.531   1.00 58.32 ? 98  TYR A CB  1 
ATOM   601  C  CG  . TYR A 1 101 ? -1.460  3.662   1.130   1.00 58.17 ? 98  TYR A CG  1 
ATOM   602  C  CD1 . TYR A 1 101 ? -2.769  3.947   0.712   1.00 59.16 ? 98  TYR A CD1 1 
ATOM   603  C  CD2 . TYR A 1 101 ? -1.264  2.676   2.084   1.00 57.37 ? 98  TYR A CD2 1 
ATOM   604  C  CE1 . TYR A 1 101 ? -3.861  3.289   1.228   1.00 58.71 ? 98  TYR A CE1 1 
ATOM   605  C  CE2 . TYR A 1 101 ? -2.366  1.981   2.614   1.00 53.01 ? 98  TYR A CE2 1 
ATOM   606  C  CZ  . TYR A 1 101 ? -3.653  2.325   2.196   1.00 58.16 ? 98  TYR A CZ  1 
ATOM   607  O  OH  . TYR A 1 101 ? -4.746  1.645   2.659   1.00 60.79 ? 98  TYR A OH  1 
ATOM   608  N  N   . ASN A 1 102 ? 1.630   4.356   2.880   1.00 59.92 ? 99  ASN A N   1 
ATOM   609  C  CA  . ASN A 1 102 ? 2.079   3.742   4.147   1.00 58.21 ? 99  ASN A CA  1 
ATOM   610  C  C   . ASN A 1 102 ? 2.392   4.765   5.201   1.00 58.06 ? 99  ASN A C   1 
ATOM   611  O  O   . ASN A 1 102 ? 2.009   4.542   6.319   1.00 60.11 ? 99  ASN A O   1 
ATOM   612  C  CB  . ASN A 1 102 ? 3.293   2.838   3.927   1.00 56.48 ? 99  ASN A CB  1 
ATOM   613  C  CG  . ASN A 1 102 ? 2.944   1.639   3.057   1.00 56.03 ? 99  ASN A CG  1 
ATOM   614  O  OD1 . ASN A 1 102 ? 3.791   0.900   2.625   1.00 57.03 ? 99  ASN A OD1 1 
ATOM   615  N  ND2 . ASN A 1 102 ? 1.747   1.590   2.655   1.00 51.74 ? 99  ASN A ND2 1 
ATOM   616  N  N   . GLU A 1 103 ? 3.073   5.865   4.865   1.00 57.58 ? 100 GLU A N   1 
ATOM   617  C  CA  . GLU A 1 103 ? 3.290   6.952   5.821   1.00 58.53 ? 100 GLU A CA  1 
ATOM   618  C  C   . GLU A 1 103 ? 1.882   7.389   6.429   1.00 57.54 ? 100 GLU A C   1 
ATOM   619  O  O   . GLU A 1 103 ? 1.726   7.552   7.631   1.00 55.00 ? 100 GLU A O   1 
ATOM   620  C  CB  . GLU A 1 103 ? 4.111   8.116   5.234   1.00 58.54 ? 100 GLU A CB  1 
ATOM   621  C  CG  . GLU A 1 103 ? 5.490   7.712   4.445   1.00 64.38 ? 100 GLU A CG  1 
ATOM   622  C  CD  . GLU A 1 103 ? 6.355   8.898   3.729   1.00 65.76 ? 100 GLU A CD  1 
ATOM   623  O  OE1 . GLU A 1 103 ? 6.304   10.054  4.265   1.00 69.85 ? 100 GLU A OE1 1 
ATOM   624  O  OE2 . GLU A 1 103 ? 7.093   8.662   2.645   1.00 67.82 ? 100 GLU A OE2 1 
ATOM   625  N  N   . ARG A 1 104 ? 0.860   7.576   5.585   1.00 57.83 ? 101 ARG A N   1 
ATOM   626  C  CA  . ARG A 1 104 ? -0.390  8.179   6.073   1.00 56.66 ? 101 ARG A CA  1 
ATOM   627  C  C   . ARG A 1 104 ? -1.093  7.092   6.884   1.00 59.12 ? 101 ARG A C   1 
ATOM   628  O  O   . ARG A 1 104 ? -1.707  7.374   7.888   1.00 60.00 ? 101 ARG A O   1 
ATOM   629  C  CB  . ARG A 1 104 ? -1.268  8.546   4.930   1.00 54.38 ? 101 ARG A CB  1 
ATOM   630  C  CG  . ARG A 1 104 ? -0.940  9.920   4.357   1.00 53.08 ? 101 ARG A CG  1 
ATOM   631  C  CD  . ARG A 1 104 ? -1.557  9.930   2.972   1.00 57.00 ? 101 ARG A CD  1 
ATOM   632  N  NE  . ARG A 1 104 ? -2.993  10.219  2.977   1.00 58.53 ? 101 ARG A NE  1 
ATOM   633  C  CZ  . ARG A 1 104 ? -3.713  10.348  1.872   1.00 58.57 ? 101 ARG A CZ  1 
ATOM   634  N  NH1 . ARG A 1 104 ? -3.132  10.257  0.690   1.00 60.42 ? 101 ARG A NH1 1 
ATOM   635  N  NH2 . ARG A 1 104 ? -5.010  10.569  1.940   1.00 58.90 ? 101 ARG A NH2 1 
ATOM   636  N  N   . PHE A 1 105 ? -0.975  5.852   6.442   1.00 59.02 ? 102 PHE A N   1 
ATOM   637  C  CA  . PHE A 1 105 ? -1.564  4.697   7.193   1.00 60.08 ? 102 PHE A CA  1 
ATOM   638  C  C   . PHE A 1 105 ? -0.974  4.580   8.594   1.00 59.29 ? 102 PHE A C   1 
ATOM   639  O  O   . PHE A 1 105 ? -1.730  4.597   9.571   1.00 60.29 ? 102 PHE A O   1 
ATOM   640  C  CB  . PHE A 1 105 ? -1.378  3.381   6.430   1.00 57.02 ? 102 PHE A CB  1 
ATOM   641  C  CG  . PHE A 1 105 ? -2.152  2.165   7.002   1.00 57.11 ? 102 PHE A CG  1 
ATOM   642  C  CD1 . PHE A 1 105 ? -3.272  1.673   6.359   1.00 53.96 ? 102 PHE A CD1 1 
ATOM   643  C  CD2 . PHE A 1 105 ? -1.703  1.478   8.126   1.00 55.60 ? 102 PHE A CD2 1 
ATOM   644  C  CE1 . PHE A 1 105 ? -4.012  0.501   6.825   1.00 53.64 ? 102 PHE A CE1 1 
ATOM   645  C  CE2 . PHE A 1 105 ? -2.419  0.356   8.656   1.00 56.38 ? 102 PHE A CE2 1 
ATOM   646  C  CZ  . PHE A 1 105 ? -3.568  -0.157  7.939   1.00 59.06 ? 102 PHE A CZ  1 
ATOM   647  N  N   . HIS A 1 106 ? 0.350   4.542   8.705   1.00 58.36 ? 103 HIS A N   1 
ATOM   648  C  CA  . HIS A 1 106 ? 0.918   4.437   10.063  1.00 58.06 ? 103 HIS A CA  1 
ATOM   649  C  C   . HIS A 1 106 ? 0.637   5.710   10.900  1.00 58.94 ? 103 HIS A C   1 
ATOM   650  O  O   . HIS A 1 106 ? 0.471   5.620   12.127  1.00 59.96 ? 103 HIS A O   1 
ATOM   651  C  CB  . HIS A 1 106 ? 2.403   4.039   9.994   1.00 55.07 ? 103 HIS A CB  1 
ATOM   652  C  CG  . HIS A 1 106 ? 2.652   2.722   9.279   1.00 56.59 ? 103 HIS A CG  1 
ATOM   653  N  ND1 . HIS A 1 106 ? 2.059   1.515   9.649   1.00 56.06 ? 103 HIS A ND1 1 
ATOM   654  C  CD2 . HIS A 1 106 ? 3.514   2.414   8.282   1.00 55.15 ? 103 HIS A CD2 1 
ATOM   655  C  CE1 . HIS A 1 106 ? 2.522   0.547   8.894   1.00 57.17 ? 103 HIS A CE1 1 
ATOM   656  N  NE2 . HIS A 1 106 ? 3.400   1.067   8.040   1.00 54.90 ? 103 HIS A NE2 1 
ATOM   657  N  N   . ASN A 1 107 ? 0.579   6.915   10.267  1.00 59.31 ? 104 ASN A N   1 
ATOM   658  C  CA  . ASN A 1 107 ? 0.284   8.134   11.008  1.00 58.49 ? 104 ASN A CA  1 
ATOM   659  C  C   . ASN A 1 107 ? -1.098  8.011   11.712  1.00 58.55 ? 104 ASN A C   1 
ATOM   660  O  O   . ASN A 1 107 ? -1.315  8.368   12.892  1.00 57.97 ? 104 ASN A O   1 
ATOM   661  C  CB  . ASN A 1 107 ? 0.317   9.376   10.082  1.00 57.30 ? 104 ASN A CB  1 
ATOM   662  C  CG  . ASN A 1 107 ? -0.212  10.687  10.789  1.00 62.13 ? 104 ASN A CG  1 
ATOM   663  O  OD1 . ASN A 1 107 ? -1.247  11.268  10.389  1.00 65.25 ? 104 ASN A OD1 1 
ATOM   664  N  ND2 . ASN A 1 107 ? 0.525   11.172  11.821  1.00 59.07 ? 104 ASN A ND2 1 
ATOM   665  N  N   . LEU A 1 108 ? -2.062  7.617   10.907  1.00 59.63 ? 105 LEU A N   1 
ATOM   666  C  CA  . LEU A 1 108 ? -3.417  7.246   11.383  1.00 62.62 ? 105 LEU A CA  1 
ATOM   667  C  C   . LEU A 1 108 ? -3.451  6.084   12.463  1.00 62.13 ? 105 LEU A C   1 
ATOM   668  O  O   . LEU A 1 108 ? -4.223  6.168   13.431  1.00 59.69 ? 105 LEU A O   1 
ATOM   669  C  CB  . LEU A 1 108 ? -4.281  6.789   10.198  1.00 63.35 ? 105 LEU A CB  1 
ATOM   670  C  CG  . LEU A 1 108 ? -5.088  7.882   9.521   1.00 60.46 ? 105 LEU A CG  1 
ATOM   671  C  CD1 . LEU A 1 108 ? -4.781  9.299   9.834   1.00 61.47 ? 105 LEU A CD1 1 
ATOM   672  C  CD2 . LEU A 1 108 ? -5.300  7.582   8.108   1.00 55.19 ? 105 LEU A CD2 1 
ATOM   673  N  N   . GLU A 1 109 ? -2.606  5.053   12.318  1.00 61.69 ? 106 GLU A N   1 
ATOM   674  C  CA  . GLU A 1 109 ? -2.599  4.090   13.390  1.00 60.80 ? 106 GLU A CA  1 
ATOM   675  C  C   . GLU A 1 109 ? -2.074  4.671   14.756  1.00 60.89 ? 106 GLU A C   1 
ATOM   676  O  O   . GLU A 1 109 ? -2.686  4.429   15.837  1.00 58.96 ? 106 GLU A O   1 
ATOM   677  C  CB  . GLU A 1 109 ? -2.195  2.711   12.894  1.00 61.51 ? 106 GLU A CB  1 
ATOM   678  C  CG  . GLU A 1 109 ? -0.878  2.494   12.743  1.00 64.05 ? 106 GLU A CG  1 
ATOM   679  C  CD  . GLU A 1 109 ? -0.536  1.169   12.002  1.00 58.29 ? 106 GLU A CD  1 
ATOM   680  O  OE1 . GLU A 1 109 ? -1.259  0.155   11.981  1.00 57.58 ? 106 GLU A OE1 1 
ATOM   681  O  OE2 . GLU A 1 109 ? 0.547   1.182   11.485  1.00 59.68 ? 106 GLU A OE2 1 
ATOM   682  N  N   . ARG A 1 110 ? -1.070  5.555   14.673  1.00 58.14 ? 107 ARG A N   1 
ATOM   683  C  CA  . ARG A 1 110 ? -0.608  6.372   15.824  1.00 56.81 ? 107 ARG A CA  1 
ATOM   684  C  C   . ARG A 1 110 ? -1.647  7.321   16.369  1.00 58.29 ? 107 ARG A C   1 
ATOM   685  O  O   . ARG A 1 110 ? -1.838  7.345   17.559  1.00 59.23 ? 107 ARG A O   1 
ATOM   686  C  CB  . ARG A 1 110 ? 0.750   7.080   15.571  1.00 54.79 ? 107 ARG A CB  1 
ATOM   687  C  CG  . ARG A 1 110 ? 1.926   6.014   15.508  1.00 55.82 ? 107 ARG A CG  1 
ATOM   688  C  CD  . ARG A 1 110 ? 3.229   6.604   15.295  1.00 58.97 ? 107 ARG A CD  1 
ATOM   689  N  NE  . ARG A 1 110 ? 3.224   7.454   14.110  1.00 61.07 ? 107 ARG A NE  1 
ATOM   690  C  CZ  . ARG A 1 110 ? 3.675   7.049   12.914  1.00 64.55 ? 107 ARG A CZ  1 
ATOM   691  N  NH1 . ARG A 1 110 ? 4.141   5.793   12.737  1.00 58.39 ? 107 ARG A NH1 1 
ATOM   692  N  NH2 . ARG A 1 110 ? 3.632   7.895   11.898  1.00 62.48 ? 107 ARG A NH2 1 
ATOM   693  N  N   . TRP A 1 111 ? -2.312  8.120   15.524  1.00 57.92 ? 108 TRP A N   1 
ATOM   694  C  CA  . TRP A 1 111 ? -3.455  8.852   16.014  1.00 56.55 ? 108 TRP A CA  1 
ATOM   695  C  C   . TRP A 1 111 ? -4.555  8.051   16.778  1.00 57.18 ? 108 TRP A C   1 
ATOM   696  O  O   . TRP A 1 111 ? -5.025  8.496   17.902  1.00 57.24 ? 108 TRP A O   1 
ATOM   697  C  CB  . TRP A 1 111 ? -4.049  9.723   14.929  1.00 55.20 ? 108 TRP A CB  1 
ATOM   698  C  CG  . TRP A 1 111 ? -3.451  11.136  14.799  1.00 52.46 ? 108 TRP A CG  1 
ATOM   699  C  CD1 . TRP A 1 111 ? -2.904  11.658  13.714  1.00 53.95 ? 108 TRP A CD1 1 
ATOM   700  C  CD2 . TRP A 1 111 ? -3.313  12.158  15.858  1.00 56.17 ? 108 TRP A CD2 1 
ATOM   701  N  NE1 . TRP A 1 111 ? -2.446  12.954  13.961  1.00 58.10 ? 108 TRP A NE1 1 
ATOM   702  C  CE2 . TRP A 1 111 ? -2.686  13.286  15.264  1.00 57.84 ? 108 TRP A CE2 1 
ATOM   703  C  CE3 . TRP A 1 111 ? -3.664  12.202  17.254  1.00 57.54 ? 108 TRP A CE3 1 
ATOM   704  C  CZ2 . TRP A 1 111 ? -2.398  14.464  15.986  1.00 57.52 ? 108 TRP A CZ2 1 
ATOM   705  C  CZ3 . TRP A 1 111 ? -3.438  13.355  17.967  1.00 55.30 ? 108 TRP A CZ3 1 
ATOM   706  C  CH2 . TRP A 1 111 ? -2.815  14.491  17.340  1.00 49.85 ? 108 TRP A CH2 1 
ATOM   707  N  N   . ARG A 1 112 ? -4.971  6.916   16.228  1.00 55.97 ? 109 ARG A N   1 
ATOM   708  C  CA  . ARG A 1 112 ? -5.922  6.005   16.863  1.00 56.21 ? 109 ARG A CA  1 
ATOM   709  C  C   . ARG A 1 112 ? -5.438  5.570   18.210  1.00 57.37 ? 109 ARG A C   1 
ATOM   710  O  O   . ARG A 1 112 ? -6.100  5.796   19.182  1.00 59.70 ? 109 ARG A O   1 
ATOM   711  C  CB  . ARG A 1 112 ? -6.264  4.806   15.969  1.00 57.55 ? 109 ARG A CB  1 
ATOM   712  C  CG  . ARG A 1 112 ? -6.927  3.599   16.619  1.00 51.13 ? 109 ARG A CG  1 
ATOM   713  C  CD  . ARG A 1 112 ? -6.660  2.272   15.880  1.00 55.11 ? 109 ARG A CD  1 
ATOM   714  N  NE  . ARG A 1 112 ? -5.303  1.790   16.084  1.00 57.09 ? 109 ARG A NE  1 
ATOM   715  C  CZ  . ARG A 1 112 ? -4.633  0.991   15.264  1.00 58.65 ? 109 ARG A CZ  1 
ATOM   716  N  NH1 . ARG A 1 112 ? -3.389  0.644   15.540  1.00 58.83 ? 109 ARG A NH1 1 
ATOM   717  N  NH2 . ARG A 1 112 ? -5.203  0.541   14.181  1.00 59.40 ? 109 ARG A NH2 1 
ATOM   718  N  N   . ASP A 1 113 ? -4.254  4.995   18.281  1.00 57.11 ? 110 ASP A N   1 
ATOM   719  C  CA  . ASP A 1 113 ? -3.733  4.612   19.589  1.00 59.12 ? 110 ASP A CA  1 
ATOM   720  C  C   . ASP A 1 113 ? -3.574  5.802   20.601  1.00 60.74 ? 110 ASP A C   1 
ATOM   721  O  O   . ASP A 1 113 ? -3.887  5.721   21.760  1.00 60.79 ? 110 ASP A O   1 
ATOM   722  C  CB  . ASP A 1 113 ? -2.446  3.863   19.334  1.00 59.69 ? 110 ASP A CB  1 
ATOM   723  C  CG  . ASP A 1 113 ? -2.715  2.592   18.489  1.00 61.23 ? 110 ASP A CG  1 
ATOM   724  O  OD1 . ASP A 1 113 ? -3.920  2.176   18.492  1.00 59.21 ? 110 ASP A OD1 1 
ATOM   725  O  OD2 . ASP A 1 113 ? -1.767  2.043   17.878  1.00 60.47 ? 110 ASP A OD2 1 
ATOM   726  N  N   . ARG A 1 114 ? -3.013  6.898   20.157  1.00 60.84 ? 111 ARG A N   1 
ATOM   727  C  CA  . ARG A 1 114 ? -2.994  8.081   20.992  1.00 61.46 ? 111 ARG A CA  1 
ATOM   728  C  C   . ARG A 1 114 ? -4.342  8.604   21.515  1.00 60.99 ? 111 ARG A C   1 
ATOM   729  O  O   . ARG A 1 114 ? -4.456  9.013   22.674  1.00 60.99 ? 111 ARG A O   1 
ATOM   730  C  CB  . ARG A 1 114 ? -2.277  9.200   20.195  1.00 62.03 ? 111 ARG A CB  1 
ATOM   731  C  CG  . ARG A 1 114 ? -2.016  10.342  20.991  1.00 61.76 ? 111 ARG A CG  1 
ATOM   732  C  CD  . ARG A 1 114 ? -1.439  11.419  20.121  1.00 66.29 ? 111 ARG A CD  1 
ATOM   733  N  NE  . ARG A 1 114 ? -1.378  12.641  20.936  1.00 64.75 ? 111 ARG A NE  1 
ATOM   734  C  CZ  . ARG A 1 114 ? -0.757  13.748  20.558  1.00 68.12 ? 111 ARG A CZ  1 
ATOM   735  N  NH1 . ARG A 1 114 ? -0.159  13.800  19.359  1.00 64.33 ? 111 ARG A NH1 1 
ATOM   736  N  NH2 . ARG A 1 114 ? -0.732  14.799  21.381  1.00 63.36 ? 111 ARG A NH2 1 
ATOM   737  N  N   . LEU A 1 115 ? -5.355  8.683   20.657  1.00 58.86 ? 112 LEU A N   1 
ATOM   738  C  CA  . LEU A 1 115 ? -6.602  9.077   21.149  1.00 58.21 ? 112 LEU A CA  1 
ATOM   739  C  C   . LEU A 1 115 ? -7.205  8.050   22.202  1.00 59.77 ? 112 LEU A C   1 
ATOM   740  O  O   . LEU A 1 115 ? -7.713  8.533   23.189  1.00 59.96 ? 112 LEU A O   1 
ATOM   741  C  CB  . LEU A 1 115 ? -7.565  9.246   20.020  1.00 56.87 ? 112 LEU A CB  1 
ATOM   742  C  CG  . LEU A 1 115 ? -7.181  10.328  18.993  1.00 59.81 ? 112 LEU A CG  1 
ATOM   743  C  CD1 . LEU A 1 115 ? -8.085  10.182  17.690  1.00 65.06 ? 112 LEU A CD1 1 
ATOM   744  C  CD2 . LEU A 1 115 ? -7.453  11.680  19.508  1.00 59.53 ? 112 LEU A CD2 1 
ATOM   745  N  N   . ILE A 1 116 ? -7.147  6.724   21.974  1.00 57.69 ? 113 ILE A N   1 
ATOM   746  C  CA  . ILE A 1 116 ? -7.691  5.769   22.841  1.00 59.95 ? 113 ILE A CA  1 
ATOM   747  C  C   . ILE A 1 116 ? -6.929  5.834   24.185  1.00 62.01 ? 113 ILE A C   1 
ATOM   748  O  O   . ILE A 1 116 ? -7.574  6.122   25.193  1.00 61.76 ? 113 ILE A O   1 
ATOM   749  C  CB  . ILE A 1 116 ? -7.662  4.354   22.317  1.00 62.39 ? 113 ILE A CB  1 
ATOM   750  C  CG1 . ILE A 1 116 ? -8.527  4.234   21.025  1.00 62.62 ? 113 ILE A CG1 1 
ATOM   751  C  CG2 . ILE A 1 116 ? -8.200  3.378   23.513  1.00 60.49 ? 113 ILE A CG2 1 
ATOM   752  C  CD1 . ILE A 1 116 ? -8.397  2.877   20.277  1.00 55.97 ? 113 ILE A CD1 1 
ATOM   753  N  N   . ALA A 1 117 ? -5.594  5.742   24.167  1.00 59.81 ? 114 ALA A N   1 
ATOM   754  C  CA  . ALA A 1 117 ? -4.795  5.962   25.372  1.00 60.47 ? 114 ALA A CA  1 
ATOM   755  C  C   . ALA A 1 117 ? -4.790  7.348   26.091  1.00 60.58 ? 114 ALA A C   1 
ATOM   756  O  O   . ALA A 1 117 ? -4.182  7.436   27.125  1.00 60.41 ? 114 ALA A O   1 
ATOM   757  C  CB  . ALA A 1 117 ? -3.298  5.506   25.156  1.00 58.57 ? 114 ALA A CB  1 
ATOM   758  N  N   . GLY A 1 118 ? -5.383  8.404   25.567  1.00 60.58 ? 115 GLY A N   1 
ATOM   759  C  CA  . GLY A 1 118 ? -5.074  9.706   26.104  1.00 59.65 ? 115 GLY A CA  1 
ATOM   760  C  C   . GLY A 1 118 ? -6.342  10.337  26.548  1.00 59.98 ? 115 GLY A C   1 
ATOM   761  O  O   . GLY A 1 118 ? -7.221  9.685   26.977  1.00 60.51 ? 115 GLY A O   1 
ATOM   762  N  N   . ASP A 1 119 ? -6.495  11.612  26.314  1.00 61.70 ? 116 ASP A N   1 
ATOM   763  C  CA  . ASP A 1 119 ? -7.633  12.322  26.890  1.00 61.90 ? 116 ASP A CA  1 
ATOM   764  C  C   . ASP A 1 119 ? -8.039  13.492  25.964  1.00 61.59 ? 116 ASP A C   1 
ATOM   765  O  O   . ASP A 1 119 ? -7.787  13.472  24.777  1.00 61.98 ? 116 ASP A O   1 
ATOM   766  C  CB  . ASP A 1 119 ? -7.271  12.772  28.320  1.00 61.36 ? 116 ASP A CB  1 
ATOM   767  C  CG  . ASP A 1 119 ? -6.090  13.707  28.345  1.00 65.20 ? 116 ASP A CG  1 
ATOM   768  O  OD1 . ASP A 1 119 ? -5.439  13.747  29.404  1.00 70.20 ? 116 ASP A OD1 1 
ATOM   769  O  OD2 . ASP A 1 119 ? -5.813  14.409  27.312  1.00 65.89 ? 116 ASP A OD2 1 
ATOM   770  N  N   . ASP A 1 120 ? -8.760  14.449  26.488  1.00 60.58 ? 117 ASP A N   1 
ATOM   771  C  CA  . ASP A 1 120 ? -9.190  15.552  25.694  1.00 61.51 ? 117 ASP A CA  1 
ATOM   772  C  C   . ASP A 1 120 ? -8.088  16.440  25.037  1.00 58.75 ? 117 ASP A C   1 
ATOM   773  O  O   . ASP A 1 120 ? -8.390  17.112  24.075  1.00 58.37 ? 117 ASP A O   1 
ATOM   774  C  CB  . ASP A 1 120 ? -10.186 16.424  26.496  1.00 62.71 ? 117 ASP A CB  1 
ATOM   775  C  CG  . ASP A 1 120 ? -11.369 16.815  25.628  1.00 71.25 ? 117 ASP A CG  1 
ATOM   776  O  OD1 . ASP A 1 120 ? -11.551 18.069  25.328  1.00 75.93 ? 117 ASP A OD1 1 
ATOM   777  O  OD2 . ASP A 1 120 ? -12.062 15.815  25.190  1.00 76.89 ? 117 ASP A OD2 1 
ATOM   778  N  N   . ALA A 1 121 ? -6.885  16.505  25.628  1.00 55.63 ? 118 ALA A N   1 
ATOM   779  C  CA  . ALA A 1 121 ? -5.804  17.249  25.069  1.00 54.17 ? 118 ALA A CA  1 
ATOM   780  C  C   . ALA A 1 121 ? -5.413  16.632  23.743  1.00 54.01 ? 118 ALA A C   1 
ATOM   781  O  O   . ALA A 1 121 ? -5.161  17.312  22.814  1.00 52.19 ? 118 ALA A O   1 
ATOM   782  C  CB  . ALA A 1 121 ? -4.610  17.285  26.035  1.00 54.29 ? 118 ALA A CB  1 
ATOM   783  N  N   . ASP A 1 122 ? -5.456  15.305  23.635  1.00 54.69 ? 119 ASP A N   1 
ATOM   784  C  CA  . ASP A 1 122 ? -5.150  14.661  22.370  1.00 56.88 ? 119 ASP A CA  1 
ATOM   785  C  C   . ASP A 1 122 ? -6.240  14.768  21.328  1.00 58.53 ? 119 ASP A C   1 
ATOM   786  O  O   . ASP A 1 122 ? -5.943  14.910  20.167  1.00 58.04 ? 119 ASP A O   1 
ATOM   787  C  CB  . ASP A 1 122 ? -4.892  13.221  22.634  1.00 58.19 ? 119 ASP A CB  1 
ATOM   788  C  CG  . ASP A 1 122 ? -3.786  13.041  23.622  1.00 57.01 ? 119 ASP A CG  1 
ATOM   789  O  OD1 . ASP A 1 122 ? -4.109  12.817  24.802  1.00 55.86 ? 119 ASP A OD1 1 
ATOM   790  O  OD2 . ASP A 1 122 ? -2.626  13.181  23.176  1.00 59.92 ? 119 ASP A OD2 1 
ATOM   791  N  N   . LEU A 1 123 ? -7.500  14.622  21.735  1.00 57.02 ? 120 LEU A N   1 
ATOM   792  C  CA  . LEU A 1 123 ? -8.616  14.992  20.872  1.00 57.85 ? 120 LEU A CA  1 
ATOM   793  C  C   . LEU A 1 123 ? -8.426  16.371  20.221  1.00 56.94 ? 120 LEU A C   1 
ATOM   794  O  O   . LEU A 1 123 ? -8.638  16.492  19.017  1.00 57.54 ? 120 LEU A O   1 
ATOM   795  C  CB  . LEU A 1 123 ? -9.948  15.012  21.643  1.00 57.17 ? 120 LEU A CB  1 
ATOM   796  C  CG  . LEU A 1 123 ? -11.200 14.680  20.837  1.00 59.65 ? 120 LEU A CG  1 
ATOM   797  C  CD1 . LEU A 1 123 ? -12.423 15.444  21.301  1.00 59.59 ? 120 LEU A CD1 1 
ATOM   798  C  CD2 . LEU A 1 123 ? -11.016 14.518  19.298  1.00 58.46 ? 120 LEU A CD2 1 
ATOM   799  N  N   . GLU A 1 124 ? -8.053  17.397  21.014  1.00 56.93 ? 121 GLU A N   1 
ATOM   800  C  CA  . GLU A 1 124 ? -7.839  18.745  20.516  1.00 57.38 ? 121 GLU A CA  1 
ATOM   801  C  C   . GLU A 1 124 ? -6.753  18.887  19.504  1.00 56.22 ? 121 GLU A C   1 
ATOM   802  O  O   . GLU A 1 124 ? -6.881  19.734  18.627  1.00 55.00 ? 121 GLU A O   1 
ATOM   803  C  CB  . GLU A 1 124 ? -7.562  19.812  21.610  1.00 55.32 ? 121 GLU A CB  1 
ATOM   804  C  CG  . GLU A 1 124 ? -8.758  20.047  22.530  1.00 69.30 ? 121 GLU A CG  1 
ATOM   805  C  CD  . GLU A 1 124 ? -10.153 20.156  21.770  1.00 78.51 ? 121 GLU A CD  1 
ATOM   806  O  OE1 . GLU A 1 124 ? -10.337 21.143  20.978  1.00 80.11 ? 121 GLU A OE1 1 
ATOM   807  O  OE2 . GLU A 1 124 ? -11.040 19.258  21.962  1.00 77.49 ? 121 GLU A OE2 1 
ATOM   808  N  N   . LYS A 1 125 ? -5.622  18.216  19.754  1.00 56.99 ? 122 LYS A N   1 
ATOM   809  C  CA  . LYS A 1 125 ? -4.516  18.161  18.815  1.00 55.79 ? 122 LYS A CA  1 
ATOM   810  C  C   . LYS A 1 125 ? -5.007  17.499  17.553  1.00 55.87 ? 122 LYS A C   1 
ATOM   811  O  O   . LYS A 1 125 ? -4.719  18.003  16.504  1.00 55.28 ? 122 LYS A O   1 
ATOM   812  C  CB  . LYS A 1 125 ? -3.294  17.430  19.370  1.00 56.49 ? 122 LYS A CB  1 
ATOM   813  C  CG  . LYS A 1 125 ? -2.691  18.116  20.631  1.00 55.04 ? 122 LYS A CG  1 
ATOM   814  C  CD  . LYS A 1 125 ? -1.850  19.318  20.208  1.00 64.48 ? 122 LYS A CD  1 
ATOM   815  C  CE  . LYS A 1 125 ? -1.129  19.993  21.396  1.00 58.63 ? 122 LYS A CE  1 
ATOM   816  N  NZ  . LYS A 1 125 ? -0.441  21.190  20.937  1.00 65.22 ? 122 LYS A NZ  1 
ATOM   817  N  N   . PHE A 1 126 ? -5.776  16.415  17.659  1.00 55.66 ? 123 PHE A N   1 
ATOM   818  C  CA  . PHE A 1 126 ? -6.263  15.716  16.467  1.00 57.43 ? 123 PHE A CA  1 
ATOM   819  C  C   . PHE A 1 126 ? -7.147  16.560  15.538  1.00 57.74 ? 123 PHE A C   1 
ATOM   820  O  O   . PHE A 1 126 ? -7.025  16.537  14.278  1.00 59.73 ? 123 PHE A O   1 
ATOM   821  C  CB  . PHE A 1 126 ? -6.980  14.368  16.789  1.00 55.46 ? 123 PHE A CB  1 
ATOM   822  C  CG  . PHE A 1 126 ? -7.521  13.728  15.566  1.00 58.54 ? 123 PHE A CG  1 
ATOM   823  C  CD1 . PHE A 1 126 ? -8.808  14.020  15.108  1.00 57.08 ? 123 PHE A CD1 1 
ATOM   824  C  CD2 . PHE A 1 126 ? -6.731  12.892  14.806  1.00 59.60 ? 123 PHE A CD2 1 
ATOM   825  C  CE1 . PHE A 1 126 ? -9.271  13.461  13.951  1.00 52.06 ? 123 PHE A CE1 1 
ATOM   826  C  CE2 . PHE A 1 126 ? -7.233  12.272  13.624  1.00 59.80 ? 123 PHE A CE2 1 
ATOM   827  C  CZ  . PHE A 1 126 ? -8.536  12.565  13.237  1.00 57.88 ? 123 PHE A CZ  1 
ATOM   828  N  N   . VAL A 1 127 ? -8.016  17.332  16.168  1.00 57.55 ? 124 VAL A N   1 
ATOM   829  C  CA  . VAL A 1 127 ? -8.983  18.160  15.478  1.00 58.11 ? 124 VAL A CA  1 
ATOM   830  C  C   . VAL A 1 127 ? -8.275  19.424  14.943  1.00 59.07 ? 124 VAL A C   1 
ATOM   831  O  O   . VAL A 1 127 ? -8.750  20.022  13.946  1.00 58.56 ? 124 VAL A O   1 
ATOM   832  C  CB  . VAL A 1 127 ? -10.115 18.607  16.441  1.00 59.01 ? 124 VAL A CB  1 
ATOM   833  C  CG1 . VAL A 1 127 ? -11.075 19.431  15.717  1.00 60.88 ? 124 VAL A CG1 1 
ATOM   834  C  CG2 . VAL A 1 127 ? -10.818 17.398  17.086  1.00 57.30 ? 124 VAL A CG2 1 
ATOM   835  N  N   . ILE A 1 128 ? -7.144  19.843  15.550  1.00 59.48 ? 125 ILE A N   1 
ATOM   836  C  CA  . ILE A 1 128 ? -6.423  20.891  14.901  1.00 60.22 ? 125 ILE A CA  1 
ATOM   837  C  C   . ILE A 1 128 ? -5.792  20.423  13.528  1.00 59.12 ? 125 ILE A C   1 
ATOM   838  O  O   . ILE A 1 128 ? -5.697  21.212  12.604  1.00 56.87 ? 125 ILE A O   1 
ATOM   839  C  CB  . ILE A 1 128 ? -5.373  21.779  15.740  1.00 62.62 ? 125 ILE A CB  1 
ATOM   840  C  CG1 . ILE A 1 128 ? -3.914  21.525  15.293  1.00 61.62 ? 125 ILE A CG1 1 
ATOM   841  C  CG2 . ILE A 1 128 ? -5.660  22.008  17.307  1.00 63.74 ? 125 ILE A CG2 1 
ATOM   842  C  CD1 . ILE A 1 128 ? -3.423  22.649  14.763  1.00 62.95 ? 125 ILE A CD1 1 
ATOM   843  N  N   . GLU A 1 129 ? -5.359  19.191  13.468  1.00 58.51 ? 126 GLU A N   1 
ATOM   844  C  CA  . GLU A 1 129 ? -4.815  18.598  12.256  1.00 58.74 ? 126 GLU A CA  1 
ATOM   845  C  C   . GLU A 1 129 ? -5.991  18.252  11.269  1.00 58.98 ? 126 GLU A C   1 
ATOM   846  O  O   . GLU A 1 129 ? -5.805  18.349  10.055  1.00 57.53 ? 126 GLU A O   1 
ATOM   847  C  CB  . GLU A 1 129 ? -4.032  17.331  12.604  1.00 60.16 ? 126 GLU A CB  1 
ATOM   848  C  CG  . GLU A 1 129 ? -2.684  17.517  13.315  1.00 66.49 ? 126 GLU A CG  1 
ATOM   849  C  CD  . GLU A 1 129 ? -1.854  18.712  12.776  1.00 79.44 ? 126 GLU A CD  1 
ATOM   850  O  OE1 . GLU A 1 129 ? -1.410  18.683  11.571  1.00 81.94 ? 126 GLU A OE1 1 
ATOM   851  O  OE2 . GLU A 1 129 ? -1.641  19.710  13.553  1.00 82.32 ? 126 GLU A OE2 1 
ATOM   852  N  N   . TYR A 1 130 ? -7.180  17.908  11.806  1.00 56.53 ? 127 TYR A N   1 
ATOM   853  C  CA  . TYR A 1 130 ? -8.410  17.581  11.023  1.00 56.15 ? 127 TYR A CA  1 
ATOM   854  C  C   . TYR A 1 130 ? -9.661  18.447  11.475  1.00 53.53 ? 127 TYR A C   1 
ATOM   855  O  O   . TYR A 1 130 ? -10.602 17.893  12.104  1.00 55.90 ? 127 TYR A O   1 
ATOM   856  C  CB  . TYR A 1 130 ? -8.726  16.029  11.091  1.00 54.96 ? 127 TYR A CB  1 
ATOM   857  C  CG  . TYR A 1 130 ? -7.628  15.146  10.443  1.00 58.95 ? 127 TYR A CG  1 
ATOM   858  C  CD1 . TYR A 1 130 ? -6.571  14.689  11.192  1.00 56.65 ? 127 TYR A CD1 1 
ATOM   859  C  CD2 . TYR A 1 130 ? -7.643  14.776  9.054   1.00 57.43 ? 127 TYR A CD2 1 
ATOM   860  C  CE1 . TYR A 1 130 ? -5.527  13.917  10.610  1.00 54.65 ? 127 TYR A CE1 1 
ATOM   861  C  CE2 . TYR A 1 130 ? -6.581  13.982  8.489   1.00 57.98 ? 127 TYR A CE2 1 
ATOM   862  C  CZ  . TYR A 1 130 ? -5.586  13.521  9.337   1.00 52.60 ? 127 TYR A CZ  1 
ATOM   863  O  OH  . TYR A 1 130 ? -4.558  12.702  8.936   1.00 58.08 ? 127 TYR A OH  1 
ATOM   864  N  N   . PRO A 1 131 ? -9.681  19.756  11.175  1.00 52.78 ? 128 PRO A N   1 
ATOM   865  C  CA  . PRO A 1 131 ? -10.667 20.720  11.772  1.00 53.47 ? 128 PRO A CA  1 
ATOM   866  C  C   . PRO A 1 131 ? -12.099 20.500  11.303  1.00 53.94 ? 128 PRO A C   1 
ATOM   867  O  O   . PRO A 1 131 ? -13.068 21.053  11.903  1.00 53.71 ? 128 PRO A O   1 
ATOM   868  C  CB  . PRO A 1 131 ? -10.156 22.059  11.340  1.00 52.93 ? 128 PRO A CB  1 
ATOM   869  C  CG  . PRO A 1 131 ? -9.303  21.744  10.086  1.00 47.67 ? 128 PRO A CG  1 
ATOM   870  C  CD  . PRO A 1 131 ? -8.778  20.431  10.213  1.00 51.91 ? 128 PRO A CD  1 
ATOM   871  N  N   . ASP A 1 132 ? -12.229 19.604  10.320  1.00 54.36 ? 129 ASP A N   1 
ATOM   872  C  CA  . ASP A 1 132 ? -13.579 19.088  9.916   1.00 57.45 ? 129 ASP A CA  1 
ATOM   873  C  C   . ASP A 1 132 ? -14.074 17.792  10.655  1.00 56.51 ? 129 ASP A C   1 
ATOM   874  O  O   . ASP A 1 132 ? -15.196 17.323  10.431  1.00 57.12 ? 129 ASP A O   1 
ATOM   875  C  CB  . ASP A 1 132 ? -13.648 18.877  8.382   1.00 58.17 ? 129 ASP A CB  1 
ATOM   876  C  CG  . ASP A 1 132 ? -13.583 20.229  7.562   1.00 58.71 ? 129 ASP A CG  1 
ATOM   877  O  OD1 . ASP A 1 132 ? -14.190 21.263  7.880   1.00 59.56 ? 129 ASP A OD1 1 
ATOM   878  O  OD2 . ASP A 1 132 ? -12.930 20.244  6.544   1.00 61.47 ? 129 ASP A OD2 1 
ATOM   879  N  N   . ALA A 1 133 ? -13.261 17.221  11.533  1.00 55.51 ? 130 ALA A N   1 
ATOM   880  C  CA  . ALA A 1 133 ? -13.721 16.160  12.393  1.00 53.78 ? 130 ALA A CA  1 
ATOM   881  C  C   . ALA A 1 133 ? -15.003 16.574  13.147  1.00 56.20 ? 130 ALA A C   1 
ATOM   882  O  O   . ALA A 1 133 ? -15.079 17.705  13.647  1.00 54.21 ? 130 ALA A O   1 
ATOM   883  C  CB  . ALA A 1 133 ? -12.676 15.851  13.435  1.00 54.30 ? 130 ALA A CB  1 
ATOM   884  N  N   . ASP A 1 134 ? -15.974 15.630  13.220  1.00 56.77 ? 131 ASP A N   1 
ATOM   885  C  CA  . ASP A 1 134 ? -17.122 15.706  14.100  1.00 60.47 ? 131 ASP A CA  1 
ATOM   886  C  C   . ASP A 1 134 ? -16.623 15.319  15.481  1.00 60.25 ? 131 ASP A C   1 
ATOM   887  O  O   . ASP A 1 134 ? -16.290 14.171  15.713  1.00 59.42 ? 131 ASP A O   1 
ATOM   888  C  CB  . ASP A 1 134 ? -18.171 14.701  13.658  1.00 61.98 ? 131 ASP A CB  1 
ATOM   889  C  CG  . ASP A 1 134 ? -19.468 14.770  14.487  1.00 65.46 ? 131 ASP A CG  1 
ATOM   890  O  OD1 . ASP A 1 134 ? -20.429 14.145  14.025  1.00 71.22 ? 131 ASP A OD1 1 
ATOM   891  O  OD2 . ASP A 1 134 ? -19.542 15.401  15.569  1.00 67.53 ? 131 ASP A OD2 1 
ATOM   892  N  N   . ARG A 1 135 ? -16.583 16.295  16.365  1.00 61.49 ? 132 ARG A N   1 
ATOM   893  C  CA  . ARG A 1 135 ? -15.887 16.227  17.655  1.00 62.59 ? 132 ARG A CA  1 
ATOM   894  C  C   . ARG A 1 135 ? -16.700 15.373  18.624  1.00 61.08 ? 132 ARG A C   1 
ATOM   895  O  O   . ARG A 1 135 ? -16.194 14.630  19.486  1.00 61.77 ? 132 ARG A O   1 
ATOM   896  C  CB  . ARG A 1 135 ? -15.787 17.664  18.214  1.00 62.86 ? 132 ARG A CB  1 
ATOM   897  C  CG  . ARG A 1 135 ? -14.771 17.773  19.352  1.00 66.69 ? 132 ARG A CG  1 
ATOM   898  C  CD  . ARG A 1 135 ? -14.389 19.225  19.709  1.00 64.80 ? 132 ARG A CD  1 
ATOM   899  N  NE  . ARG A 1 135 ? -14.259 20.038  18.526  1.00 65.26 ? 132 ARG A NE  1 
ATOM   900  C  CZ  . ARG A 1 135 ? -13.209 20.798  18.211  1.00 69.42 ? 132 ARG A CZ  1 
ATOM   901  N  NH1 . ARG A 1 135 ? -12.114 20.865  18.989  1.00 63.78 ? 132 ARG A NH1 1 
ATOM   902  N  NH2 . ARG A 1 135 ? -13.269 21.507  17.090  1.00 66.02 ? 132 ARG A NH2 1 
ATOM   903  N  N   . GLN A 1 136 ? -17.997 15.448  18.450  1.00 61.11 ? 133 GLN A N   1 
ATOM   904  C  CA  . GLN A 1 136 ? -18.915 14.780  19.334  1.00 60.39 ? 133 GLN A CA  1 
ATOM   905  C  C   . GLN A 1 136 ? -18.937 13.287  18.947  1.00 59.82 ? 133 GLN A C   1 
ATOM   906  O  O   . GLN A 1 136 ? -18.985 12.451  19.791  1.00 58.21 ? 133 GLN A O   1 
ATOM   907  C  CB  . GLN A 1 136 ? -20.280 15.486  19.295  1.00 60.42 ? 133 GLN A CB  1 
ATOM   908  C  CG  . GLN A 1 136 ? -20.407 16.681  20.351  1.00 61.63 ? 133 GLN A CG  1 
ATOM   909  C  CD  . GLN A 1 136 ? -20.689 16.180  21.822  1.00 65.20 ? 133 GLN A CD  1 
ATOM   910  O  OE1 . GLN A 1 136 ? -21.862 16.135  22.297  1.00 58.51 ? 133 GLN A OE1 1 
ATOM   911  N  NE2 . GLN A 1 136 ? -19.604 15.708  22.506  1.00 67.97 ? 133 GLN A NE2 1 
ATOM   912  N  N   . GLN A 1 137 ? -18.852 12.963  17.669  1.00 60.26 ? 134 GLN A N   1 
ATOM   913  C  CA  . GLN A 1 137 ? -18.870 11.567  17.288  1.00 61.14 ? 134 GLN A CA  1 
ATOM   914  C  C   . GLN A 1 137 ? -17.548 10.928  17.606  1.00 60.71 ? 134 GLN A C   1 
ATOM   915  O  O   . GLN A 1 137 ? -17.517 9.791   18.049  1.00 60.38 ? 134 GLN A O   1 
ATOM   916  C  CB  . GLN A 1 137 ? -19.212 11.431  15.794  1.00 62.73 ? 134 GLN A CB  1 
ATOM   917  C  CG  . GLN A 1 137 ? -18.578 10.208  15.054  1.00 62.45 ? 134 GLN A CG  1 
ATOM   918  C  CD  . GLN A 1 137 ? -19.019 10.124  13.554  1.00 65.55 ? 134 GLN A CD  1 
ATOM   919  O  OE1 . GLN A 1 137 ? -20.086 10.628  13.165  1.00 67.49 ? 134 GLN A OE1 1 
ATOM   920  N  NE2 . GLN A 1 137 ? -18.171 9.499   12.712  1.00 68.07 ? 134 GLN A NE2 1 
ATOM   921  N  N   . LEU A 1 138 ? -16.440 11.618  17.384  1.00 59.76 ? 135 LEU A N   1 
ATOM   922  C  CA  . LEU A 1 138 ? -15.115 11.102  17.815  1.00 60.74 ? 135 LEU A CA  1 
ATOM   923  C  C   . LEU A 1 138 ? -14.997 10.869  19.321  1.00 61.00 ? 135 LEU A C   1 
ATOM   924  O  O   . LEU A 1 138 ? -14.581 9.788   19.714  1.00 62.45 ? 135 LEU A O   1 
ATOM   925  C  CB  . LEU A 1 138 ? -13.986 11.998  17.317  1.00 62.19 ? 135 LEU A CB  1 
ATOM   926  C  CG  . LEU A 1 138 ? -12.608 11.396  16.972  1.00 66.97 ? 135 LEU A CG  1 
ATOM   927  C  CD1 . LEU A 1 138 ? -12.700 10.025  16.238  1.00 66.29 ? 135 LEU A CD1 1 
ATOM   928  C  CD2 . LEU A 1 138 ? -11.858 12.381  16.119  1.00 64.94 ? 135 LEU A CD2 1 
ATOM   929  N  N   . ARG A 1 139 ? -15.449 11.840  20.134  1.00 60.85 ? 136 ARG A N   1 
ATOM   930  C  CA  . ARG A 1 139 ? -15.509 11.785  21.581  1.00 61.09 ? 136 ARG A CA  1 
ATOM   931  C  C   . ARG A 1 139 ? -16.297 10.559  22.117  1.00 60.44 ? 136 ARG A C   1 
ATOM   932  O  O   . ARG A 1 139 ? -15.831 9.786   22.937  1.00 61.97 ? 136 ARG A O   1 
ATOM   933  C  CB  . ARG A 1 139 ? -16.189 13.029  22.074  1.00 60.76 ? 136 ARG A CB  1 
ATOM   934  C  CG  . ARG A 1 139 ? -15.283 14.032  22.712  1.00 61.95 ? 136 ARG A CG  1 
ATOM   935  C  CD  . ARG A 1 139 ? -15.976 15.087  23.566  1.00 59.29 ? 136 ARG A CD  1 
ATOM   936  N  NE  . ARG A 1 139 ? -15.315 14.885  24.858  1.00 69.65 ? 136 ARG A NE  1 
ATOM   937  C  CZ  . ARG A 1 139 ? -15.949 14.601  25.999  1.00 76.75 ? 136 ARG A CZ  1 
ATOM   938  N  NH1 . ARG A 1 139 ? -17.296 14.532  26.048  1.00 74.23 ? 136 ARG A NH1 1 
ATOM   939  N  NH2 . ARG A 1 139 ? -15.235 14.413  27.108  1.00 79.28 ? 136 ARG A NH2 1 
ATOM   940  N  N   . SER A 1 140 ? -17.463 10.374  21.566  1.00 59.50 ? 137 SER A N   1 
ATOM   941  C  CA  . SER A 1 140 ? -18.310 9.225   21.748  1.00 59.22 ? 137 SER A CA  1 
ATOM   942  C  C   . SER A 1 140 ? -17.631 7.907   21.382  1.00 56.77 ? 137 SER A C   1 
ATOM   943  O  O   . SER A 1 140 ? -17.692 6.973   22.128  1.00 56.29 ? 137 SER A O   1 
ATOM   944  C  CB  . SER A 1 140 ? -19.506 9.420   20.842  1.00 59.97 ? 137 SER A CB  1 
ATOM   945  O  OG  . SER A 1 140 ? -20.317 8.300   21.015  1.00 66.08 ? 137 SER A OG  1 
ATOM   946  N  N   . LEU A 1 141 ? -16.979 7.857   20.223  1.00 55.54 ? 138 LEU A N   1 
ATOM   947  C  CA  . LEU A 1 141 ? -16.154 6.727   19.784  1.00 55.10 ? 138 LEU A CA  1 
ATOM   948  C  C   . LEU A 1 141 ? -15.014 6.425   20.783  1.00 54.87 ? 138 LEU A C   1 
ATOM   949  O  O   . LEU A 1 141 ? -14.776 5.304   21.088  1.00 54.19 ? 138 LEU A O   1 
ATOM   950  C  CB  . LEU A 1 141 ? -15.510 6.979   18.346  1.00 52.13 ? 138 LEU A CB  1 
ATOM   951  C  CG  . LEU A 1 141 ? -16.467 6.703   17.162  1.00 57.32 ? 138 LEU A CG  1 
ATOM   952  C  CD1 . LEU A 1 141 ? -15.795 6.819   15.748  1.00 57.92 ? 138 LEU A CD1 1 
ATOM   953  C  CD2 . LEU A 1 141 ? -17.309 5.428   17.164  1.00 56.34 ? 138 LEU A CD2 1 
ATOM   954  N  N   . ILE A 1 142 ? -14.249 7.445   21.173  1.00 55.85 ? 139 ILE A N   1 
ATOM   955  C  CA  . ILE A 1 142 ? -13.146 7.309   22.131  1.00 55.97 ? 139 ILE A CA  1 
ATOM   956  C  C   . ILE A 1 142 ? -13.581 6.735   23.473  1.00 55.40 ? 139 ILE A C   1 
ATOM   957  O  O   . ILE A 1 142 ? -12.993 5.732   23.872  1.00 58.51 ? 139 ILE A O   1 
ATOM   958  C  CB  . ILE A 1 142 ? -12.347 8.639   22.285  1.00 56.42 ? 139 ILE A CB  1 
ATOM   959  C  CG1 . ILE A 1 142 ? -11.616 8.922   20.957  1.00 55.57 ? 139 ILE A CG1 1 
ATOM   960  C  CG2 . ILE A 1 142 ? -11.452 8.620   23.409  1.00 58.40 ? 139 ILE A CG2 1 
ATOM   961  C  CD1 . ILE A 1 142 ? -11.173 10.355  20.800  1.00 58.31 ? 139 ILE A CD1 1 
ATOM   962  N  N   . ARG A 1 143 ? -14.585 7.309   24.094  1.00 54.05 ? 140 ARG A N   1 
ATOM   963  C  CA  . ARG A 1 143 ? -15.211 6.796   25.290  1.00 55.26 ? 140 ARG A CA  1 
ATOM   964  C  C   . ARG A 1 143 ? -15.540 5.306   25.205  1.00 56.13 ? 140 ARG A C   1 
ATOM   965  O  O   . ARG A 1 143 ? -15.187 4.553   26.060  1.00 55.83 ? 140 ARG A O   1 
ATOM   966  C  CB  . ARG A 1 143 ? -16.454 7.635   25.542  1.00 55.96 ? 140 ARG A CB  1 
ATOM   967  C  CG  . ARG A 1 143 ? -17.161 7.465   26.830  1.00 56.08 ? 140 ARG A CG  1 
ATOM   968  C  CD  . ARG A 1 143 ? -18.467 8.224   26.795  1.00 53.75 ? 140 ARG A CD  1 
ATOM   969  N  NE  . ARG A 1 143 ? -18.226 9.612   26.531  1.00 56.22 ? 140 ARG A NE  1 
ATOM   970  C  CZ  . ARG A 1 143 ? -18.883 10.342  25.655  1.00 59.70 ? 140 ARG A CZ  1 
ATOM   971  N  NH1 . ARG A 1 143 ? -18.543 11.590  25.490  1.00 61.67 ? 140 ARG A NH1 1 
ATOM   972  N  NH2 . ARG A 1 143 ? -19.863 9.846   24.953  1.00 52.32 ? 140 ARG A NH2 1 
ATOM   973  N  N   . GLN A 1 144 ? -16.196 4.893   24.140  1.00 56.63 ? 141 GLN A N   1 
ATOM   974  C  CA  . GLN A 1 144 ? -16.654 3.504   23.978  1.00 55.90 ? 141 GLN A CA  1 
ATOM   975  C  C   . GLN A 1 144 ? -15.404 2.591   23.833  1.00 55.32 ? 141 GLN A C   1 
ATOM   976  O  O   . GLN A 1 144 ? -15.385 1.624   24.433  1.00 54.03 ? 141 GLN A O   1 
ATOM   977  C  CB  . GLN A 1 144 ? -17.622 3.358   22.772  1.00 55.13 ? 141 GLN A CB  1 
ATOM   978  C  CG  . GLN A 1 144 ? -19.006 4.091   22.931  1.00 57.85 ? 141 GLN A CG  1 
ATOM   979  C  CD  . GLN A 1 144 ? -19.785 4.356   21.597  1.00 57.75 ? 141 GLN A CD  1 
ATOM   980  O  OE1 . GLN A 1 144 ? -19.229 4.367   20.451  1.00 62.30 ? 141 GLN A OE1 1 
ATOM   981  N  NE2 . GLN A 1 144 ? -21.051 4.606   21.745  1.00 50.66 ? 141 GLN A NE2 1 
ATOM   982  N  N   . ALA A 1 145 ? -14.358 2.993   23.091  1.00 54.98 ? 142 ALA A N   1 
ATOM   983  C  CA  . ALA A 1 145 ? -13.139 2.226   22.943  1.00 56.47 ? 142 ALA A CA  1 
ATOM   984  C  C   . ALA A 1 145 ? -12.277 2.158   24.203  1.00 58.26 ? 142 ALA A C   1 
ATOM   985  O  O   . ALA A 1 145 ? -11.757 1.068   24.515  1.00 58.89 ? 142 ALA A O   1 
ATOM   986  C  CB  . ALA A 1 145 ? -12.297 2.744   21.781  1.00 57.63 ? 142 ALA A CB  1 
ATOM   987  N  N   . GLN A 1 146 ? -12.203 3.271   24.962  1.00 57.64 ? 143 GLN A N   1 
ATOM   988  C  CA  . GLN A 1 146 ? -11.581 3.283   26.315  1.00 57.43 ? 143 GLN A CA  1 
ATOM   989  C  C   . GLN A 1 146 ? -12.319 2.301   27.219  1.00 56.29 ? 143 GLN A C   1 
ATOM   990  O  O   . GLN A 1 146 ? -11.729 1.438   27.794  1.00 57.92 ? 143 GLN A O   1 
ATOM   991  C  CB  . GLN A 1 146 ? -11.567 4.711   26.887  1.00 57.55 ? 143 GLN A CB  1 
ATOM   992  C  CG  . GLN A 1 146 ? -10.732 5.696   25.946  1.00 56.11 ? 143 GLN A CG  1 
ATOM   993  C  CD  . GLN A 1 146 ? -10.591 7.144   26.537  1.00 60.12 ? 143 GLN A CD  1 
ATOM   994  O  OE1 . GLN A 1 146 ? -11.507 7.657   27.197  1.00 56.30 ? 143 GLN A OE1 1 
ATOM   995  N  NE2 . GLN A 1 146 ? -9.455  7.805   26.242  1.00 57.73 ? 143 GLN A NE2 1 
ATOM   996  N  N   . HIS A 1 147 ? -13.628 2.344   27.258  1.00 54.91 ? 144 HIS A N   1 
ATOM   997  C  CA  . HIS A 1 147 ? -14.406 1.374   28.027  1.00 53.18 ? 144 HIS A CA  1 
ATOM   998  C  C   . HIS A 1 147 ? -14.070 -0.085  27.599  1.00 54.28 ? 144 HIS A C   1 
ATOM   999  O  O   . HIS A 1 147 ? -13.925 -0.939  28.430  1.00 54.38 ? 144 HIS A O   1 
ATOM   1000 C  CB  . HIS A 1 147 ? -15.888 1.606   27.739  1.00 51.98 ? 144 HIS A CB  1 
ATOM   1001 C  CG  . HIS A 1 147 ? -16.795 0.623   28.392  1.00 49.06 ? 144 HIS A CG  1 
ATOM   1002 N  ND1 . HIS A 1 147 ? -17.275 -0.496  27.745  1.00 55.46 ? 144 HIS A ND1 1 
ATOM   1003 C  CD2 . HIS A 1 147 ? -17.310 0.578   29.642  1.00 46.17 ? 144 HIS A CD2 1 
ATOM   1004 C  CE1 . HIS A 1 147 ? -18.054 -1.177  28.562  1.00 48.54 ? 144 HIS A CE1 1 
ATOM   1005 N  NE2 . HIS A 1 147 ? -18.102 -0.533  29.716  1.00 49.28 ? 144 HIS A NE2 1 
ATOM   1006 N  N   . GLU A 1 148 ? -14.002 -0.373  26.306  1.00 54.06 ? 145 GLU A N   1 
ATOM   1007 C  CA  . GLU A 1 148 ? -13.759 -1.750  25.874  1.00 55.59 ? 145 GLU A CA  1 
ATOM   1008 C  C   . GLU A 1 148 ? -12.366 -2.164  26.254  1.00 56.18 ? 145 GLU A C   1 
ATOM   1009 O  O   . GLU A 1 148 ? -12.168 -3.287  26.674  1.00 56.65 ? 145 GLU A O   1 
ATOM   1010 C  CB  . GLU A 1 148 ? -13.940 -1.932  24.350  1.00 57.26 ? 145 GLU A CB  1 
ATOM   1011 C  CG  . GLU A 1 148 ? -15.279 -1.570  23.775  1.00 55.07 ? 145 GLU A CG  1 
ATOM   1012 C  CD  . GLU A 1 148 ? -15.174 -1.429  22.280  1.00 61.57 ? 145 GLU A CD  1 
ATOM   1013 O  OE1 . GLU A 1 148 ? -14.078 -1.522  21.767  1.00 61.46 ? 145 GLU A OE1 1 
ATOM   1014 O  OE2 . GLU A 1 148 ? -16.159 -1.234  21.591  1.00 65.64 ? 145 GLU A OE2 1 
ATOM   1015 N  N   . VAL A 1 149 ? -11.404 -1.255  26.134  1.00 57.92 ? 146 VAL A N   1 
ATOM   1016 C  CA  . VAL A 1 149 ? -10.088 -1.421  26.770  1.00 59.98 ? 146 VAL A CA  1 
ATOM   1017 C  C   . VAL A 1 149 ? -10.117 -1.760  28.223  1.00 60.72 ? 146 VAL A C   1 
ATOM   1018 O  O   . VAL A 1 149 ? -9.398  -2.642  28.642  1.00 61.33 ? 146 VAL A O   1 
ATOM   1019 C  CB  . VAL A 1 149 ? -9.107  -0.159  26.692  1.00 60.53 ? 146 VAL A CB  1 
ATOM   1020 C  CG1 . VAL A 1 149 ? -7.933  -0.320  27.756  1.00 60.09 ? 146 VAL A CG1 1 
ATOM   1021 C  CG2 . VAL A 1 149 ? -8.470  -0.064  25.342  1.00 62.59 ? 146 VAL A CG2 1 
ATOM   1022 N  N   . ALA A 1 150 ? -10.893 -0.999  29.014  1.00 62.83 ? 147 ALA A N   1 
ATOM   1023 C  CA  . ALA A 1 150 ? -10.777 -1.028  30.478  1.00 62.57 ? 147 ALA A CA  1 
ATOM   1024 C  C   . ALA A 1 150 ? -11.453 -2.260  30.948  1.00 62.97 ? 147 ALA A C   1 
ATOM   1025 O  O   . ALA A 1 150 ? -11.061 -2.862  32.002  1.00 65.17 ? 147 ALA A O   1 
ATOM   1026 C  CB  . ALA A 1 150 ? -11.437 0.220   31.123  1.00 61.93 ? 147 ALA A CB  1 
ATOM   1027 N  N   . ARG A 1 151 ? -12.521 -2.622  30.220  1.00 62.35 ? 148 ARG A N   1 
ATOM   1028 C  CA  . ARG A 1 151 ? -13.398 -3.725  30.680  1.00 60.78 ? 148 ARG A CA  1 
ATOM   1029 C  C   . ARG A 1 151 ? -12.969 -4.943  29.905  1.00 60.78 ? 148 ARG A C   1 
ATOM   1030 O  O   . ARG A 1 151 ? -13.589 -5.977  30.083  1.00 59.86 ? 148 ARG A O   1 
ATOM   1031 C  CB  . ARG A 1 151 ? -14.898 -3.450  30.481  1.00 60.48 ? 148 ARG A CB  1 
ATOM   1032 C  CG  . ARG A 1 151 ? -15.480 -2.384  31.400  1.00 59.99 ? 148 ARG A CG  1 
ATOM   1033 C  CD  . ARG A 1 151 ? -16.280 -3.052  32.473  1.00 71.32 ? 148 ARG A CD  1 
ATOM   1034 N  NE  . ARG A 1 151 ? -17.299 -2.182  33.105  1.00 77.73 ? 148 ARG A NE  1 
ATOM   1035 C  CZ  . ARG A 1 151 ? -18.616 -2.216  32.846  1.00 79.21 ? 148 ARG A CZ  1 
ATOM   1036 N  NH1 . ARG A 1 151 ? -19.106 -3.080  31.942  1.00 83.69 ? 148 ARG A NH1 1 
ATOM   1037 N  NH2 . ARG A 1 151 ? -19.449 -1.383  33.472  1.00 74.92 ? 148 ARG A NH2 1 
ATOM   1038 N  N   . ASN A 1 152 ? -11.907 -4.817  29.075  1.00 61.09 ? 149 ASN A N   1 
ATOM   1039 C  CA  . ASN A 1 152 ? -11.289 -5.993  28.361  1.00 62.10 ? 149 ASN A CA  1 
ATOM   1040 C  C   . ASN A 1 152 ? -12.364 -6.700  27.507  1.00 62.72 ? 149 ASN A C   1 
ATOM   1041 O  O   . ASN A 1 152 ? -12.622 -7.908  27.650  1.00 62.08 ? 149 ASN A O   1 
ATOM   1042 C  CB  . ASN A 1 152 ? -10.585 -6.953  29.392  1.00 61.62 ? 149 ASN A CB  1 
ATOM   1043 C  CG  . ASN A 1 152 ? -9.742  -8.100  28.750  1.00 61.80 ? 149 ASN A CG  1 
ATOM   1044 O  OD1 . ASN A 1 152 ? -9.528  -9.180  29.403  1.00 61.12 ? 149 ASN A OD1 1 
ATOM   1045 N  ND2 . ASN A 1 152 ? -9.304  -7.918  27.504  1.00 55.37 ? 149 ASN A ND2 1 
ATOM   1046 N  N   . LYS A 1 153 ? -13.003 -5.920  26.637  1.00 63.65 ? 150 LYS A N   1 
ATOM   1047 C  CA  . LYS A 1 153 ? -13.875 -6.391  25.564  1.00 64.61 ? 150 LYS A CA  1 
ATOM   1048 C  C   . LYS A 1 153 ? -13.093 -6.534  24.254  1.00 66.08 ? 150 LYS A C   1 
ATOM   1049 O  O   . LYS A 1 153 ? -12.008 -5.912  24.131  1.00 67.36 ? 150 LYS A O   1 
ATOM   1050 C  CB  . LYS A 1 153 ? -14.985 -5.368  25.380  1.00 63.92 ? 150 LYS A CB  1 
ATOM   1051 C  CG  . LYS A 1 153 ? -16.052 -5.501  26.498  1.00 64.64 ? 150 LYS A CG  1 
ATOM   1052 C  CD  . LYS A 1 153 ? -17.148 -4.446  26.428  1.00 64.06 ? 150 LYS A CD  1 
ATOM   1053 C  CE  . LYS A 1 153 ? -17.969 -4.571  27.695  1.00 68.06 ? 150 LYS A CE  1 
ATOM   1054 N  NZ  . LYS A 1 153 ? -19.104 -3.716  27.457  1.00 71.85 ? 150 LYS A NZ  1 
ATOM   1055 N  N   . PRO A 1 154 ? -13.618 -7.338  23.254  1.00 66.11 ? 151 PRO A N   1 
ATOM   1056 C  CA  . PRO A 1 154 ? -13.141 -7.199  21.862  1.00 66.01 ? 151 PRO A CA  1 
ATOM   1057 C  C   . PRO A 1 154 ? -12.997 -5.741  21.541  1.00 65.57 ? 151 PRO A C   1 
ATOM   1058 O  O   . PRO A 1 154 ? -13.949 -4.973  21.700  1.00 66.67 ? 151 PRO A O   1 
ATOM   1059 C  CB  . PRO A 1 154 ? -14.274 -7.801  20.990  1.00 65.27 ? 151 PRO A CB  1 
ATOM   1060 C  CG  . PRO A 1 154 ? -15.213 -8.559  21.966  1.00 66.53 ? 151 PRO A CG  1 
ATOM   1061 C  CD  . PRO A 1 154 ? -14.585 -8.449  23.372  1.00 67.10 ? 151 PRO A CD  1 
ATOM   1062 N  N   . PRO A 1 155 ? -11.822 -5.336  21.129  1.00 64.92 ? 152 PRO A N   1 
ATOM   1063 C  CA  . PRO A 1 155 ? -11.703 -3.912  20.795  1.00 64.05 ? 152 PRO A CA  1 
ATOM   1064 C  C   . PRO A 1 155 ? -12.338 -3.418  19.460  1.00 63.54 ? 152 PRO A C   1 
ATOM   1065 O  O   . PRO A 1 155 ? -11.622 -2.832  18.596  1.00 65.59 ? 152 PRO A O   1 
ATOM   1066 C  CB  . PRO A 1 155 ? -10.192 -3.681  20.846  1.00 64.83 ? 152 PRO A CB  1 
ATOM   1067 C  CG  . PRO A 1 155 ? -9.601  -5.036  20.357  1.00 64.81 ? 152 PRO A CG  1 
ATOM   1068 C  CD  . PRO A 1 155 ? -10.540 -6.067  21.034  1.00 65.99 ? 152 PRO A CD  1 
ATOM   1069 N  N   . ALA A 1 156 ? -13.658 -3.564  19.324  1.00 61.52 ? 153 ALA A N   1 
ATOM   1070 C  CA  . ALA A 1 156 ? -14.383 -3.196  18.066  1.00 59.65 ? 153 ALA A CA  1 
ATOM   1071 C  C   . ALA A 1 156 ? -14.407 -1.733  17.732  1.00 58.12 ? 153 ALA A C   1 
ATOM   1072 O  O   . ALA A 1 156 ? -14.315 -1.349  16.531  1.00 58.07 ? 153 ALA A O   1 
ATOM   1073 C  CB  . ALA A 1 156 ? -15.830 -3.793  18.041  1.00 57.78 ? 153 ALA A CB  1 
ATOM   1074 N  N   . THR A 1 157 ? -14.555 -0.897  18.755  1.00 55.95 ? 154 THR A N   1 
ATOM   1075 C  CA  . THR A 1 157 ? -14.699 0.515   18.519  1.00 57.34 ? 154 THR A CA  1 
ATOM   1076 C  C   . THR A 1 157 ? -13.393 1.156   18.061  1.00 57.63 ? 154 THR A C   1 
ATOM   1077 O  O   . THR A 1 157 ? -13.403 2.207   17.369  1.00 60.12 ? 154 THR A O   1 
ATOM   1078 C  CB  . THR A 1 157 ? -15.354 1.318   19.705  1.00 56.30 ? 154 THR A CB  1 
ATOM   1079 O  OG1 . THR A 1 157 ? -16.633 0.743   20.040  1.00 59.44 ? 154 THR A OG1 1 
ATOM   1080 C  CG2 . THR A 1 157 ? -15.497 2.792   19.321  1.00 54.75 ? 154 THR A CG2 1 
ATOM   1081 N  N   . SER A 1 158 ? -12.264 0.548   18.397  1.00 59.79 ? 155 SER A N   1 
ATOM   1082 C  CA  . SER A 1 158 ? -10.981 1.057   17.916  1.00 61.23 ? 155 SER A CA  1 
ATOM   1083 C  C   . SER A 1 158 ? -10.843 0.905   16.426  1.00 60.14 ? 155 SER A C   1 
ATOM   1084 O  O   . SER A 1 158 ? -10.447 1.867   15.755  1.00 61.95 ? 155 SER A O   1 
ATOM   1085 C  CB  . SER A 1 158 ? -9.790  0.437   18.614  1.00 63.41 ? 155 SER A CB  1 
ATOM   1086 O  OG  . SER A 1 158 ? -9.698  -0.912  18.282  1.00 70.60 ? 155 SER A OG  1 
ATOM   1087 N  N   . ARG A 1 159 ? -11.154 -0.275  15.895  1.00 59.56 ? 156 ARG A N   1 
ATOM   1088 C  CA  . ARG A 1 159 ? -11.424 -0.434  14.434  1.00 58.58 ? 156 ARG A CA  1 
ATOM   1089 C  C   . ARG A 1 159 ? -12.350 0.647   13.796  1.00 58.55 ? 156 ARG A C   1 
ATOM   1090 O  O   . ARG A 1 159 ? -12.049 1.150   12.701  1.00 56.00 ? 156 ARG A O   1 
ATOM   1091 C  CB  . ARG A 1 159 ? -12.016 -1.792  14.142  1.00 58.37 ? 156 ARG A CB  1 
ATOM   1092 C  CG  . ARG A 1 159 ? -11.061 -2.994  14.216  1.00 63.33 ? 156 ARG A CG  1 
ATOM   1093 C  CD  . ARG A 1 159 ? -11.636 -4.356  13.548  1.00 60.84 ? 156 ARG A CD  1 
ATOM   1094 N  NE  . ARG A 1 159 ? -11.119 -5.540  14.264  1.00 68.44 ? 156 ARG A NE  1 
ATOM   1095 C  CZ  . ARG A 1 159 ? -10.856 -6.769  13.735  1.00 78.34 ? 156 ARG A CZ  1 
ATOM   1096 N  NH1 . ARG A 1 159 ? -10.978 -7.051  12.414  1.00 80.24 ? 156 ARG A NH1 1 
ATOM   1097 N  NH2 . ARG A 1 159 ? -10.433 -7.766  14.541  1.00 79.52 ? 156 ARG A NH2 1 
ATOM   1098 N  N   . LYS A 1 160 ? -13.452 1.038   14.486  1.00 57.98 ? 157 LYS A N   1 
ATOM   1099 C  CA  . LYS A 1 160 ? -14.358 2.136   14.013  1.00 57.56 ? 157 LYS A CA  1 
ATOM   1100 C  C   . LYS A 1 160 ? -13.635 3.473   13.999  1.00 57.01 ? 157 LYS A C   1 
ATOM   1101 O  O   . LYS A 1 160 ? -13.822 4.255   13.114  1.00 57.93 ? 157 LYS A O   1 
ATOM   1102 C  CB  . LYS A 1 160 ? -15.722 2.285   14.855  1.00 56.62 ? 157 LYS A CB  1 
ATOM   1103 C  CG  . LYS A 1 160 ? -16.648 1.039   14.890  1.00 59.61 ? 157 LYS A CG  1 
ATOM   1104 C  CD  . LYS A 1 160 ? -17.959 1.314   15.668  1.00 57.94 ? 157 LYS A CD  1 
ATOM   1105 C  CE  . LYS A 1 160 ? -18.618 -0.001  16.166  1.00 63.50 ? 157 LYS A CE  1 
ATOM   1106 N  NZ  . LYS A 1 160 ? -19.209 0.201   17.617  1.00 62.48 ? 157 LYS A NZ  1 
ATOM   1107 N  N   . ILE A 1 161 ? -12.864 3.756   15.031  1.00 56.56 ? 158 ILE A N   1 
ATOM   1108 C  CA  . ILE A 1 161 ? -12.078 4.978   15.061  1.00 57.10 ? 158 ILE A CA  1 
ATOM   1109 C  C   . ILE A 1 161 ? -11.071 4.997   13.858  1.00 57.33 ? 158 ILE A C   1 
ATOM   1110 O  O   . ILE A 1 161 ? -11.025 5.988   13.146  1.00 58.48 ? 158 ILE A O   1 
ATOM   1111 C  CB  . ILE A 1 161 ? -11.348 5.175   16.413  1.00 56.39 ? 158 ILE A CB  1 
ATOM   1112 C  CG1 . ILE A 1 161 ? -12.400 5.465   17.516  1.00 54.25 ? 158 ILE A CG1 1 
ATOM   1113 C  CG2 . ILE A 1 161 ? -10.344 6.338   16.291  1.00 56.96 ? 158 ILE A CG2 1 
ATOM   1114 C  CD1 . ILE A 1 161 ? -11.888 5.308   18.928  1.00 52.47 ? 158 ILE A CD1 1 
ATOM   1115 N  N   . PHE A 1 162 ? -10.283 3.924   13.675  1.00 55.96 ? 159 PHE A N   1 
ATOM   1116 C  CA  . PHE A 1 162 ? -9.362  3.843   12.562  1.00 57.04 ? 159 PHE A CA  1 
ATOM   1117 C  C   . PHE A 1 162 ? -10.113 4.100   11.268  1.00 57.00 ? 159 PHE A C   1 
ATOM   1118 O  O   . PHE A 1 162 ? -9.660  4.878   10.411  1.00 57.07 ? 159 PHE A O   1 
ATOM   1119 C  CB  . PHE A 1 162 ? -8.676  2.485   12.481  1.00 54.32 ? 159 PHE A CB  1 
ATOM   1120 C  CG  . PHE A 1 162 ? -7.556  2.474   11.548  1.00 56.15 ? 159 PHE A CG  1 
ATOM   1121 C  CD1 . PHE A 1 162 ? -6.520  3.416   11.703  1.00 52.80 ? 159 PHE A CD1 1 
ATOM   1122 C  CD2 . PHE A 1 162 ? -7.533  1.574   10.448  1.00 53.47 ? 159 PHE A CD2 1 
ATOM   1123 C  CE1 . PHE A 1 162 ? -5.461  3.417   10.846  1.00 50.44 ? 159 PHE A CE1 1 
ATOM   1124 C  CE2 . PHE A 1 162 ? -6.471  1.597   9.530   1.00 55.34 ? 159 PHE A CE2 1 
ATOM   1125 C  CZ  . PHE A 1 162 ? -5.431  2.563   9.745   1.00 54.70 ? 159 PHE A CZ  1 
ATOM   1126 N  N   . LYS A 1 163 ? -11.271 3.485   11.135  1.00 58.84 ? 160 LYS A N   1 
ATOM   1127 C  CA  . LYS A 1 163 ? -12.115 3.709   9.936   1.00 62.26 ? 160 LYS A CA  1 
ATOM   1128 C  C   . LYS A 1 163 ? -12.512 5.192   9.704   1.00 62.27 ? 160 LYS A C   1 
ATOM   1129 O  O   . LYS A 1 163 ? -12.413 5.688   8.547   1.00 59.68 ? 160 LYS A O   1 
ATOM   1130 C  CB  . LYS A 1 163 ? -13.357 2.824   9.936   1.00 63.87 ? 160 LYS A CB  1 
ATOM   1131 C  CG  . LYS A 1 163 ? -13.918 2.475   8.582   1.00 66.97 ? 160 LYS A CG  1 
ATOM   1132 C  CD  . LYS A 1 163 ? -14.781 1.218   8.729   1.00 74.22 ? 160 LYS A CD  1 
ATOM   1133 C  CE  . LYS A 1 163 ? -16.281 1.536   8.698   1.00 78.28 ? 160 LYS A CE  1 
ATOM   1134 N  NZ  . LYS A 1 163 ? -16.725 1.883   7.296   1.00 78.63 ? 160 LYS A NZ  1 
ATOM   1135 N  N   . TYR A 1 164 ? -12.986 5.837   10.789  1.00 62.13 ? 161 TYR A N   1 
ATOM   1136 C  CA  . TYR A 1 164 ? -13.518 7.204   10.722  1.00 62.03 ? 161 TYR A CA  1 
ATOM   1137 C  C   . TYR A 1 164 ? -12.350 8.146   10.443  1.00 61.59 ? 161 TYR A C   1 
ATOM   1138 O  O   . TYR A 1 164 ? -12.434 9.038   9.566   1.00 62.70 ? 161 TYR A O   1 
ATOM   1139 C  CB  . TYR A 1 164 ? -14.258 7.590   12.027  1.00 63.30 ? 161 TYR A CB  1 
ATOM   1140 C  CG  . TYR A 1 164 ? -14.707 9.067   12.044  1.00 63.77 ? 161 TYR A CG  1 
ATOM   1141 C  CD1 . TYR A 1 164 ? -15.571 9.557   11.052  1.00 64.12 ? 161 TYR A CD1 1 
ATOM   1142 C  CD2 . TYR A 1 164 ? -14.228 9.975   12.990  1.00 60.68 ? 161 TYR A CD2 1 
ATOM   1143 C  CE1 . TYR A 1 164 ? -15.957 10.879  10.992  1.00 58.05 ? 161 TYR A CE1 1 
ATOM   1144 C  CE2 . TYR A 1 164 ? -14.677 11.311  12.969  1.00 63.88 ? 161 TYR A CE2 1 
ATOM   1145 C  CZ  . TYR A 1 164 ? -15.526 11.736  11.942  1.00 60.35 ? 161 TYR A CZ  1 
ATOM   1146 O  OH  . TYR A 1 164 ? -15.948 13.020  11.885  1.00 61.94 ? 161 TYR A OH  1 
ATOM   1147 N  N   . ILE A 1 165 ? -11.217 7.939   11.119  1.00 59.60 ? 162 ILE A N   1 
ATOM   1148 C  CA  . ILE A 1 165 ? -10.094 8.827   10.792  1.00 56.19 ? 162 ILE A CA  1 
ATOM   1149 C  C   . ILE A 1 165 ? -9.510  8.686   9.334   1.00 57.12 ? 162 ILE A C   1 
ATOM   1150 O  O   . ILE A 1 165 ? -9.070  9.721   8.743   1.00 56.40 ? 162 ILE A O   1 
ATOM   1151 C  CB  . ILE A 1 165 ? -9.095  8.931   11.892  1.00 56.99 ? 162 ILE A CB  1 
ATOM   1152 C  CG1 . ILE A 1 165 ? -8.279  7.656   11.998  1.00 58.38 ? 162 ILE A CG1 1 
ATOM   1153 C  CG2 . ILE A 1 165 ? -9.811  9.220   13.183  1.00 51.24 ? 162 ILE A CG2 1 
ATOM   1154 C  CD1 . ILE A 1 165 ? -7.227  7.717   13.197  1.00 53.92 ? 162 ILE A CD1 1 
ATOM   1155 N  N   . ARG A 1 166 ? -9.557  7.453   8.793   1.00 53.80 ? 163 ARG A N   1 
ATOM   1156 C  CA  . ARG A 1 166 ? -9.135  7.160   7.492   1.00 56.36 ? 163 ARG A CA  1 
ATOM   1157 C  C   . ARG A 1 166 ? -10.009 7.942   6.538   1.00 56.46 ? 163 ARG A C   1 
ATOM   1158 O  O   . ARG A 1 166 ? -9.483  8.460   5.525   1.00 55.90 ? 163 ARG A O   1 
ATOM   1159 C  CB  . ARG A 1 166 ? -9.267  5.690   7.121   1.00 55.71 ? 163 ARG A CB  1 
ATOM   1160 C  CG  . ARG A 1 166 ? -8.038  4.795   7.327   1.00 58.55 ? 163 ARG A CG  1 
ATOM   1161 C  CD  . ARG A 1 166 ? -8.391  3.398   6.734   1.00 57.02 ? 163 ARG A CD  1 
ATOM   1162 N  NE  . ARG A 1 166 ? -8.284  3.400   5.295   1.00 59.92 ? 163 ARG A NE  1 
ATOM   1163 C  CZ  . ARG A 1 166 ? -7.659  2.422   4.622   1.00 71.38 ? 163 ARG A CZ  1 
ATOM   1164 N  NH1 . ARG A 1 166 ? -7.212  1.330   5.285   1.00 69.03 ? 163 ARG A NH1 1 
ATOM   1165 N  NH2 . ARG A 1 166 ? -7.505  2.499   3.276   1.00 73.89 ? 163 ARG A NH2 1 
ATOM   1166 N  N   . GLU A 1 167 ? -11.312 7.998   6.850   1.00 55.35 ? 164 GLU A N   1 
ATOM   1167 C  CA  . GLU A 1 167 ? -12.299 8.805   6.089   1.00 55.56 ? 164 GLU A CA  1 
ATOM   1168 C  C   . GLU A 1 167 ? -11.956 10.269  6.109   1.00 53.90 ? 164 GLU A C   1 
ATOM   1169 O  O   . GLU A 1 167 ? -11.903 10.861  5.077   1.00 52.52 ? 164 GLU A O   1 
ATOM   1170 C  CB  . GLU A 1 167 ? -13.723 8.629   6.610   1.00 56.45 ? 164 GLU A CB  1 
ATOM   1171 C  CG  . GLU A 1 167 ? -14.444 7.546   5.947   1.00 61.98 ? 164 GLU A CG  1 
ATOM   1172 C  CD  . GLU A 1 167 ? -15.644 7.123   6.741   1.00 72.33 ? 164 GLU A CD  1 
ATOM   1173 O  OE1 . GLU A 1 167 ? -16.058 7.903   7.665   1.00 74.05 ? 164 GLU A OE1 1 
ATOM   1174 O  OE2 . GLU A 1 167 ? -16.188 6.016   6.421   1.00 75.30 ? 164 GLU A OE2 1 
ATOM   1175 N  N   . LEU A 1 168 ? -11.673 10.832  7.276   1.00 54.33 ? 165 LEU A N   1 
ATOM   1176 C  CA  . LEU A 1 168 ? -11.125 12.231  7.371   1.00 54.81 ? 165 LEU A CA  1 
ATOM   1177 C  C   . LEU A 1 168 ? -9.824  12.517  6.553   1.00 54.80 ? 165 LEU A C   1 
ATOM   1178 O  O   . LEU A 1 168 ? -9.668  13.584  6.103   1.00 53.44 ? 165 LEU A O   1 
ATOM   1179 C  CB  . LEU A 1 168 ? -10.950 12.743  8.822   1.00 52.90 ? 165 LEU A CB  1 
ATOM   1180 C  CG  . LEU A 1 168 ? -12.181 12.653  9.738   1.00 55.79 ? 165 LEU A CG  1 
ATOM   1181 C  CD1 . LEU A 1 168 ? -11.918 12.747  11.269  1.00 56.13 ? 165 LEU A CD1 1 
ATOM   1182 C  CD2 . LEU A 1 168 ? -13.215 13.643  9.252   1.00 53.50 ? 165 LEU A CD2 1 
ATOM   1183 N  N   . ASP A 1 169 ? -8.854  11.600  6.561   1.00 57.04 ? 166 ASP A N   1 
ATOM   1184 C  CA  . ASP A 1 169 ? -7.583  11.684  5.782   1.00 57.39 ? 166 ASP A CA  1 
ATOM   1185 C  C   . ASP A 1 169 ? -7.769  11.393  4.337   1.00 58.26 ? 166 ASP A C   1 
ATOM   1186 O  O   . ASP A 1 169 ? -6.881  11.625  3.514   1.00 61.96 ? 166 ASP A O   1 
ATOM   1187 C  CB  . ASP A 1 169 ? -6.661  10.612  6.312   1.00 57.44 ? 166 ASP A CB  1 
ATOM   1188 C  CG  . ASP A 1 169 ? -5.251  10.867  5.914   1.00 58.00 ? 166 ASP A CG  1 
ATOM   1189 O  OD1 . ASP A 1 169 ? -4.821  11.944  6.328   1.00 56.28 ? 166 ASP A OD1 1 
ATOM   1190 O  OD2 . ASP A 1 169 ? -4.593  10.057  5.182   1.00 55.30 ? 166 ASP A OD2 1 
ATOM   1191 N  N   . GLU A 1 170 ? -8.932  10.838  4.017   1.00 60.23 ? 167 GLU A N   1 
ATOM   1192 C  CA  . GLU A 1 170 ? -9.298  10.312  2.721   1.00 61.44 ? 167 GLU A CA  1 
ATOM   1193 C  C   . GLU A 1 170 ? -8.343  9.198   2.342   1.00 61.75 ? 167 GLU A C   1 
ATOM   1194 O  O   . GLU A 1 170 ? -8.004  9.059   1.172   1.00 60.12 ? 167 GLU A O   1 
ATOM   1195 C  CB  . GLU A 1 170 ? -9.259  11.391  1.617   1.00 62.13 ? 167 GLU A CB  1 
ATOM   1196 C  CG  . GLU A 1 170 ? -9.413  12.790  2.095   1.00 66.84 ? 167 GLU A CG  1 
ATOM   1197 C  CD  . GLU A 1 170 ? -10.733 13.368  1.774   1.00 72.23 ? 167 GLU A CD  1 
ATOM   1198 O  OE1 . GLU A 1 170 ? -10.756 14.362  0.982   1.00 72.28 ? 167 GLU A OE1 1 
ATOM   1199 O  OE2 . GLU A 1 170 ? -11.726 12.814  2.294   1.00 72.80 ? 167 GLU A OE2 1 
ATOM   1200 N  N   . LEU A 1 171 ? -7.890  8.412   3.317   1.00 62.21 ? 168 LEU A N   1 
ATOM   1201 C  CA  . LEU A 1 171 ? -7.062  7.276   2.967   1.00 64.14 ? 168 LEU A CA  1 
ATOM   1202 C  C   . LEU A 1 171 ? -7.944  6.164   2.365   1.00 67.50 ? 168 LEU A C   1 
ATOM   1203 O  O   . LEU A 1 171 ? -8.646  5.417   3.094   1.00 67.50 ? 168 LEU A O   1 
ATOM   1204 C  CB  . LEU A 1 171 ? -6.238  6.792   4.136   1.00 61.05 ? 168 LEU A CB  1 
ATOM   1205 C  CG  . LEU A 1 171 ? -5.078  5.915   3.672   1.00 56.11 ? 168 LEU A CG  1 
ATOM   1206 C  CD1 . LEU A 1 171 ? -4.045  6.715   2.800   1.00 49.99 ? 168 LEU A CD1 1 
ATOM   1207 C  CD2 . LEU A 1 171 ? -4.420  5.399   4.886   1.00 53.50 ? 168 LEU A CD2 1 
ATOM   1208 N  N   . GLN A 1 172 ? -7.870  6.091   1.043   1.00 71.49 ? 169 GLN A N   1 
ATOM   1209 C  CA  . GLN A 1 172 ? -8.830  5.438   0.177   1.00 76.62 ? 169 GLN A CA  1 
ATOM   1210 C  C   . GLN A 1 172 ? -9.156  3.953   0.425   1.00 79.69 ? 169 GLN A C   1 
ATOM   1211 O  O   . GLN A 1 172 ? -8.319  3.046   0.185   1.00 80.39 ? 169 GLN A O   1 
ATOM   1212 C  CB  . GLN A 1 172 ? -8.423  5.651   -1.282  1.00 76.94 ? 169 GLN A CB  1 
ATOM   1213 C  CG  . GLN A 1 172 ? -7.253  4.758   -1.768  1.00 79.16 ? 169 GLN A CG  1 
ATOM   1214 C  CD  . GLN A 1 172 ? -5.889  5.459   -1.815  1.00 79.77 ? 169 GLN A CD  1 
ATOM   1215 O  OE1 . GLN A 1 172 ? -5.501  6.211   -0.907  1.00 76.29 ? 169 GLN A OE1 1 
ATOM   1216 N  NE2 . GLN A 1 172 ? -5.141  5.183   -2.883  1.00 81.04 ? 169 GLN A NE2 1 
HETATM 1217 C  C   . FMT B 2 .   ? -5.303  -1.253  11.344  1.00 65.19 ? 174 FMT A C   1 
HETATM 1218 O  O1  . FMT B 2 .   ? -5.634  -2.219  10.550  1.00 64.54 ? 174 FMT A O1  1 
HETATM 1219 O  O2  . FMT B 2 .   ? -4.275  -1.100  12.126  1.00 61.81 ? 174 FMT A O2  1 
HETATM 1220 C  C   . FMT C 2 .   ? -12.711 7.048   2.139   1.00 85.51 ? 175 FMT A C   1 
HETATM 1221 O  O1  . FMT C 2 .   ? -13.780 6.485   1.738   1.00 85.25 ? 175 FMT A O1  1 
HETATM 1222 O  O2  . FMT C 2 .   ? -11.815 6.603   2.927   1.00 83.40 ? 175 FMT A O2  1 
HETATM 1223 C  C   . FMT D 2 .   ? -7.570  15.988  3.168   1.00 91.93 ? 176 FMT A C   1 
HETATM 1224 O  O1  . FMT D 2 .   ? -8.533  16.701  2.788   1.00 90.93 ? 176 FMT A O1  1 
HETATM 1225 O  O2  . FMT D 2 .   ? -7.398  15.438  4.290   1.00 91.11 ? 176 FMT A O2  1 
HETATM 1226 C  C1  . PEG E 3 .   ? 0.716   11.589  16.619  1.00 70.06 ? 177 PEG A C1  1 
HETATM 1227 O  O1  . PEG E 3 .   ? 0.901   11.025  17.915  1.00 68.71 ? 177 PEG A O1  1 
HETATM 1228 C  C2  . PEG E 3 .   ? 0.735   10.425  15.595  1.00 71.62 ? 177 PEG A C2  1 
HETATM 1229 O  O2  . PEG E 3 .   ? 1.244   10.779  14.308  1.00 71.87 ? 177 PEG A O2  1 
HETATM 1230 C  C3  . PEG E 3 .   ? 1.460   12.243  14.326  1.00 74.21 ? 177 PEG A C3  1 
HETATM 1231 C  C4  . PEG E 3 .   ? 1.104   13.096  13.083  1.00 70.90 ? 177 PEG A C4  1 
HETATM 1232 O  O4  . PEG E 3 .   ? 0.747   14.492  13.424  1.00 70.79 ? 177 PEG A O4  1 
HETATM 1233 O  O   . HOH F 4 .   ? -11.442 -0.851  21.494  1.00 58.50 ? 178 HOH A O   1 
HETATM 1234 O  O   . HOH F 4 .   ? -11.403 12.160  24.612  1.00 52.01 ? 179 HOH A O   1 
HETATM 1235 O  O   . HOH F 4 .   ? -8.730  11.119  23.517  1.00 47.41 ? 180 HOH A O   1 
HETATM 1236 O  O   . HOH F 4 .   ? 4.606   -1.264  -25.181 1.00 56.72 ? 181 HOH A O   1 
HETATM 1237 O  O   . HOH F 4 .   ? -1.758  14.983  11.780  1.00 71.90 ? 182 HOH A O   1 
HETATM 1238 O  O   . HOH F 4 .   ? 2.418   -9.108  -14.353 1.00 56.07 ? 183 HOH A O   1 
HETATM 1239 O  O   . HOH F 4 .   ? -17.228 19.017  15.620  1.00 56.46 ? 184 HOH A O   1 
HETATM 1240 O  O   . HOH F 4 .   ? -2.377  19.148  16.005  1.00 57.83 ? 185 HOH A O   1 
HETATM 1241 O  O   . HOH F 4 .   ? -18.473 0.333   24.375  1.00 59.43 ? 186 HOH A O   1 
HETATM 1242 O  O   . HOH F 4 .   ? -12.438 22.704  14.002  1.00 60.98 ? 187 HOH A O   1 
HETATM 1243 O  O   . HOH F 4 .   ? 0.413   6.727   19.354  1.00 46.55 ? 188 HOH A O   1 
HETATM 1244 O  O   . HOH F 4 .   ? 1.240   -5.873  -20.789 1.00 52.36 ? 189 HOH A O   1 
HETATM 1245 O  O   . HOH F 4 .   ? -1.210  -4.781  -19.896 1.00 52.21 ? 190 HOH A O   1 
HETATM 1246 O  O   . HOH F 4 .   ? 12.261  -8.994  -8.240  1.00 62.16 ? 191 HOH A O   1 
HETATM 1247 O  O   . HOH F 4 .   ? 4.810   -0.528  -4.532  1.00 49.21 ? 192 HOH A O   1 
HETATM 1248 O  O   . HOH F 4 .   ? -4.104  2.932   22.814  1.00 55.25 ? 193 HOH A O   1 
HETATM 1249 O  O   . HOH F 4 .   ? -6.650  23.829  12.313  1.00 54.17 ? 194 HOH A O   1 
HETATM 1250 O  O   . HOH F 4 .   ? -10.386 18.171  8.503   1.00 50.05 ? 195 HOH A O   1 
# 
